data_1FEA
#
_entry.id   1FEA
#
_cell.length_a   123.000
_cell.length_b   160.800
_cell.length_c   58.500
_cell.angle_alpha   90.00
_cell.angle_beta   93.80
_cell.angle_gamma   90.00
#
_symmetry.space_group_name_H-M   'P 1 21 1'
#
loop_
_entity.id
_entity.type
_entity.pdbx_description
1 polymer 'TRYPANOTHIONE REDUCTASE'
2 non-polymer 'FLAVIN-ADENINE DINUCLEOTIDE'
3 water water
#
_entity_poly.entity_id   1
_entity_poly.type   'polypeptide(L)'
_entity_poly.pdbx_seq_one_letter_code
;SRAYDLVVIGAGSGGLEAGWNAASLHKKRVAVIDLQKHHGPPHYAALGGTCVNVGCVPKKLMVTGANYMDTIRESAGFGW
ELDRESVRPNWKALIAAKNKAVSGINDSYEGMFADTEGLTFHQGFGALQDNHTVLVRESADPNSAVLETLDTEYILLATG
SWPQHLGIEGDDLCITSNEAFYLDEAPKRALCVGGGYISIEFAGIFNAYKARGGQVDLAYRGDMILRGFDSELRKQLTEQ
LRANGINVRTHENPAKVTKNADGTRHVVFESGAEADYDVVMLAIGRVPRSQTLQLEKAGVEVAKNGAIKVDAYSKTNVDN
IYAIGDVTDRVMLTPVAINEGAAFVDTVFANKPRATDHTKVACAVFSIPPMGVCGYVEEDAAKKYDQVAVYESSFTPLMH
NISGSTYKKFMVRIVTNHADGEVLGVHMLGDSSPEIIQSVAICLKMGAKISDFYNTIGVHPTSAEELCSMRTPAYFYEKG
KRVEKIDSNL
;
_entity_poly.pdbx_strand_id   A,B,C,D
#
loop_
_chem_comp.id
_chem_comp.type
_chem_comp.name
_chem_comp.formula
FAD non-polymer 'FLAVIN-ADENINE DINUCLEOTIDE' 'C27 H33 N9 O15 P2'
#
# COMPACT_ATOMS: atom_id res chain seq x y z
N SER A 1 -12.56 -9.69 3.14
CA SER A 1 -11.58 -10.81 3.25
C SER A 1 -10.24 -10.35 3.87
N ARG A 2 -10.36 -9.70 5.03
CA ARG A 2 -9.29 -9.11 5.86
C ARG A 2 -9.97 -9.20 7.27
N ALA A 3 -9.21 -9.12 8.36
CA ALA A 3 -9.81 -9.22 9.72
C ALA A 3 -11.08 -8.41 9.89
N TYR A 4 -11.00 -7.08 9.77
CA TYR A 4 -12.18 -6.22 9.89
C TYR A 4 -12.20 -5.24 8.72
N ASP A 5 -13.36 -4.67 8.46
CA ASP A 5 -13.52 -3.69 7.40
C ASP A 5 -13.21 -2.33 7.96
N LEU A 6 -13.58 -2.12 9.22
CA LEU A 6 -13.33 -0.85 9.88
C LEU A 6 -13.02 -1.00 11.36
N VAL A 7 -12.02 -0.24 11.80
CA VAL A 7 -11.63 -0.19 13.19
C VAL A 7 -11.71 1.30 13.49
N VAL A 8 -12.56 1.59 14.47
CA VAL A 8 -12.80 2.94 14.87
C VAL A 8 -12.22 3.13 16.26
N ILE A 9 -11.23 4.00 16.37
CA ILE A 9 -10.64 4.30 17.65
C ILE A 9 -11.37 5.46 18.29
N GLY A 10 -12.28 5.15 19.19
CA GLY A 10 -13.02 6.18 19.87
C GLY A 10 -14.47 5.81 19.66
N ALA A 11 -15.18 5.60 20.74
CA ALA A 11 -16.56 5.19 20.65
C ALA A 11 -17.43 6.37 20.91
N GLY A 12 -17.11 7.50 20.25
CA GLY A 12 -17.85 8.71 20.49
C GLY A 12 -19.02 9.09 19.60
N SER A 13 -19.21 10.39 19.45
CA SER A 13 -20.29 10.91 18.62
C SER A 13 -20.05 10.52 17.16
N GLY A 14 -18.90 10.88 16.62
CA GLY A 14 -18.66 10.50 15.25
C GLY A 14 -18.41 9.01 15.26
N GLY A 15 -17.46 8.60 16.09
CA GLY A 15 -17.08 7.22 16.19
C GLY A 15 -18.21 6.23 16.10
N LEU A 16 -19.13 6.29 17.06
CA LEU A 16 -20.27 5.39 17.13
C LEU A 16 -21.21 5.61 15.97
N GLU A 17 -21.25 6.79 15.41
CA GLU A 17 -22.16 7.03 14.30
C GLU A 17 -21.63 6.23 13.13
N ALA A 18 -20.37 6.43 12.78
CA ALA A 18 -19.79 5.68 11.69
C ALA A 18 -19.90 4.15 11.96
N GLY A 19 -19.49 3.73 13.14
CA GLY A 19 -19.55 2.31 13.51
C GLY A 19 -20.87 1.63 13.20
N TRP A 20 -21.96 2.20 13.67
CA TRP A 20 -23.24 1.61 13.46
C TRP A 20 -23.72 1.69 12.02
N ASN A 21 -23.53 2.82 11.34
CA ASN A 21 -23.99 2.95 9.95
C ASN A 21 -23.22 1.97 9.05
N ALA A 22 -21.91 1.86 9.27
CA ALA A 22 -21.06 0.98 8.49
C ALA A 22 -21.48 -0.45 8.72
N ALA A 23 -21.73 -0.81 9.96
CA ALA A 23 -22.18 -2.17 10.25
C ALA A 23 -23.65 -2.33 9.88
N SER A 24 -24.53 -1.81 10.74
CA SER A 24 -25.98 -1.92 10.56
C SER A 24 -26.57 -1.52 9.22
N LEU A 25 -25.79 -0.82 8.39
CA LEU A 25 -26.33 -0.42 7.10
C LEU A 25 -25.54 -0.82 5.87
N HIS A 26 -24.41 -1.49 6.05
CA HIS A 26 -23.57 -1.89 4.92
C HIS A 26 -22.94 -3.23 5.19
N LYS A 27 -23.38 -3.86 6.27
CA LYS A 27 -22.88 -5.15 6.71
C LYS A 27 -21.38 -5.27 6.62
N LYS A 28 -20.70 -4.37 7.32
CA LYS A 28 -19.25 -4.34 7.36
C LYS A 28 -18.82 -4.96 8.67
N ARG A 29 -17.56 -5.38 8.74
CA ARG A 29 -17.02 -5.97 9.95
C ARG A 29 -16.37 -4.78 10.66
N VAL A 30 -17.07 -4.24 11.64
CA VAL A 30 -16.62 -3.09 12.38
C VAL A 30 -16.21 -3.35 13.84
N ALA A 31 -15.04 -2.86 14.24
CA ALA A 31 -14.58 -2.98 15.62
C ALA A 31 -14.48 -1.57 16.18
N VAL A 32 -15.13 -1.31 17.32
CA VAL A 32 -15.09 0.02 17.97
C VAL A 32 -14.22 -0.10 19.23
N ILE A 33 -13.31 0.86 19.41
CA ILE A 33 -12.40 0.80 20.55
C ILE A 33 -12.49 2.02 21.46
N ASP A 34 -12.82 1.76 22.73
CA ASP A 34 -12.83 2.80 23.73
C ASP A 34 -12.23 2.34 25.05
N LEU A 35 -11.63 3.26 25.78
CA LEU A 35 -10.97 3.03 27.07
C LEU A 35 -11.83 2.44 28.17
N GLN A 36 -13.12 2.75 28.15
CA GLN A 36 -14.04 2.21 29.14
C GLN A 36 -15.52 2.21 28.75
N LYS A 37 -16.29 1.33 29.35
CA LYS A 37 -17.68 1.29 29.01
C LYS A 37 -18.60 2.03 30.00
N HIS A 38 -18.02 2.86 30.86
CA HIS A 38 -18.83 3.57 31.83
C HIS A 38 -18.24 4.92 32.12
N HIS A 39 -19.12 5.88 32.33
CA HIS A 39 -18.66 7.24 32.56
C HIS A 39 -17.93 7.34 33.88
N GLY A 40 -16.93 8.23 33.98
CA GLY A 40 -16.30 8.37 35.26
C GLY A 40 -14.80 8.32 35.27
N PRO A 41 -14.21 8.57 36.44
CA PRO A 41 -12.81 8.25 36.68
C PRO A 41 -12.69 6.75 36.48
N PRO A 42 -11.55 6.26 35.93
CA PRO A 42 -10.42 7.16 35.71
C PRO A 42 -10.34 7.85 34.36
N HIS A 43 -11.06 7.43 33.32
CA HIS A 43 -10.93 8.16 32.04
C HIS A 43 -11.88 9.32 31.70
N TYR A 44 -13.03 9.32 32.34
CA TYR A 44 -14.05 10.33 32.17
C TYR A 44 -14.93 10.10 31.00
N ALA A 45 -14.40 10.22 29.80
CA ALA A 45 -15.19 9.89 28.61
C ALA A 45 -15.11 8.38 28.54
N ALA A 46 -16.09 7.76 27.89
CA ALA A 46 -16.10 6.32 27.75
C ALA A 46 -17.01 6.02 26.57
N LEU A 47 -17.54 4.81 26.51
CA LEU A 47 -18.46 4.45 25.47
C LEU A 47 -19.50 5.57 25.39
N GLY A 48 -19.82 6.04 24.19
CA GLY A 48 -20.79 7.10 24.06
C GLY A 48 -20.04 8.36 23.71
N GLY A 49 -18.81 8.47 24.17
CA GLY A 49 -18.04 9.65 23.85
C GLY A 49 -18.06 10.72 24.93
N THR A 50 -17.51 11.87 24.59
CA THR A 50 -17.43 12.97 25.51
C THR A 50 -18.77 13.66 25.73
N CYS A 51 -19.61 13.71 24.72
CA CYS A 51 -20.88 14.43 24.86
C CYS A 51 -21.86 13.77 25.80
N VAL A 52 -21.90 12.47 25.73
CA VAL A 52 -22.76 11.68 26.54
C VAL A 52 -22.24 11.53 27.95
N ASN A 53 -20.93 11.35 28.11
CA ASN A 53 -20.32 11.11 29.43
C ASN A 53 -19.91 12.31 30.26
N VAL A 54 -19.22 13.28 29.67
CA VAL A 54 -18.77 14.46 30.40
C VAL A 54 -18.86 15.73 29.53
N GLY A 55 -20.04 15.91 28.91
CA GLY A 55 -20.26 17.04 28.01
C GLY A 55 -21.70 17.49 27.89
N CYS A 56 -22.20 17.65 26.68
CA CYS A 56 -23.58 18.10 26.45
C CYS A 56 -24.68 17.65 27.41
N VAL A 57 -24.82 16.34 27.55
CA VAL A 57 -25.83 15.73 28.37
C VAL A 57 -25.78 16.10 29.83
N PRO A 58 -24.72 15.68 30.55
CA PRO A 58 -24.58 16.05 31.96
C PRO A 58 -24.57 17.55 32.15
N LYS A 59 -23.89 18.23 31.26
CA LYS A 59 -23.86 19.68 31.35
C LYS A 59 -25.28 20.26 31.28
N LYS A 60 -26.11 19.76 30.36
CA LYS A 60 -27.46 20.33 30.21
C LYS A 60 -28.34 20.04 31.41
N LEU A 61 -28.14 18.89 32.03
CA LEU A 61 -28.89 18.55 33.21
C LEU A 61 -28.43 19.43 34.40
N MET A 62 -27.14 19.72 34.46
CA MET A 62 -26.60 20.57 35.53
C MET A 62 -27.00 22.05 35.35
N VAL A 63 -27.22 22.51 34.11
CA VAL A 63 -27.67 23.89 33.90
C VAL A 63 -29.20 23.99 34.11
N THR A 64 -29.93 22.93 33.84
CA THR A 64 -31.36 22.88 34.08
C THR A 64 -31.47 22.99 35.60
N GLY A 65 -30.71 22.16 36.30
CA GLY A 65 -30.72 22.20 37.75
C GLY A 65 -30.43 23.62 38.20
N ALA A 66 -29.40 24.24 37.63
CA ALA A 66 -29.03 25.59 38.03
C ALA A 66 -30.02 26.69 37.67
N ASN A 67 -30.89 26.45 36.69
CA ASN A 67 -31.82 27.49 36.35
C ASN A 67 -32.82 27.62 37.43
N TYR A 68 -33.02 26.57 38.21
CA TYR A 68 -34.03 26.66 39.27
C TYR A 68 -33.77 27.78 40.26
N MET A 69 -32.52 28.13 40.43
CA MET A 69 -32.25 29.18 41.35
C MET A 69 -33.05 30.41 40.96
N ASP A 70 -32.98 30.79 39.70
CA ASP A 70 -33.69 31.97 39.22
C ASP A 70 -35.21 31.80 39.23
N THR A 71 -35.63 30.64 38.71
CA THR A 71 -37.00 30.26 38.58
C THR A 71 -37.71 30.31 39.90
N ILE A 72 -37.11 29.69 40.91
CA ILE A 72 -37.74 29.63 42.20
C ILE A 72 -37.86 31.06 42.65
N ARG A 73 -36.83 31.85 42.42
CA ARG A 73 -36.86 33.24 42.84
C ARG A 73 -37.85 34.11 42.12
N GLU A 74 -38.01 33.91 40.82
CA GLU A 74 -38.90 34.81 40.12
C GLU A 74 -40.34 34.46 40.37
N SER A 75 -40.61 33.25 40.87
CA SER A 75 -42.02 32.88 41.13
C SER A 75 -42.68 33.78 42.15
N ALA A 76 -41.89 34.63 42.81
CA ALA A 76 -42.43 35.50 43.83
C ALA A 76 -43.37 36.48 43.18
N GLY A 77 -42.90 37.15 42.11
CA GLY A 77 -43.70 38.13 41.39
C GLY A 77 -45.06 37.63 40.93
N PHE A 78 -45.13 36.41 40.42
CA PHE A 78 -46.40 35.87 40.00
C PHE A 78 -47.28 35.36 41.15
N GLY A 79 -46.97 35.74 42.39
CA GLY A 79 -47.78 35.33 43.55
C GLY A 79 -47.51 33.98 44.21
N TRP A 80 -46.28 33.50 44.15
CA TRP A 80 -45.95 32.25 44.79
C TRP A 80 -45.24 32.53 46.07
N GLU A 81 -45.90 32.21 47.17
CA GLU A 81 -45.36 32.45 48.47
C GLU A 81 -44.82 31.12 48.99
N LEU A 82 -43.66 31.13 49.65
CA LEU A 82 -43.08 29.90 50.24
C LEU A 82 -41.95 30.30 51.22
N ASP A 83 -41.47 29.38 52.04
CA ASP A 83 -40.39 29.69 53.02
C ASP A 83 -39.14 29.91 52.22
N ARG A 84 -38.92 31.13 51.74
CA ARG A 84 -37.76 31.48 50.91
C ARG A 84 -36.45 31.19 51.59
N GLU A 85 -36.49 31.35 52.89
CA GLU A 85 -35.35 31.13 53.73
C GLU A 85 -35.05 29.65 53.77
N SER A 86 -35.98 28.84 53.32
CA SER A 86 -35.82 27.40 53.35
C SER A 86 -35.16 26.85 52.13
N VAL A 87 -35.01 27.67 51.10
CA VAL A 87 -34.42 27.18 49.85
C VAL A 87 -32.92 26.92 49.92
N ARG A 88 -32.49 25.68 49.65
CA ARG A 88 -31.07 25.31 49.69
C ARG A 88 -30.85 24.39 48.48
N PRO A 89 -29.83 24.64 47.68
CA PRO A 89 -29.35 23.72 46.65
C PRO A 89 -28.65 22.54 47.26
N ASN A 90 -28.71 21.39 46.62
CA ASN A 90 -28.09 20.20 47.15
C ASN A 90 -27.28 19.49 46.08
N TRP A 91 -26.07 19.97 45.86
CA TRP A 91 -25.17 19.45 44.84
C TRP A 91 -25.14 17.93 44.79
N LYS A 92 -24.84 17.28 45.89
CA LYS A 92 -24.83 15.84 45.91
C LYS A 92 -26.07 15.15 45.19
N ALA A 93 -27.24 15.76 45.26
CA ALA A 93 -28.44 15.22 44.63
C ALA A 93 -28.37 15.40 43.13
N LEU A 94 -27.99 16.60 42.70
CA LEU A 94 -27.83 16.88 41.29
C LEU A 94 -26.91 15.81 40.73
N ILE A 95 -25.80 15.62 41.42
CA ILE A 95 -24.81 14.66 41.01
C ILE A 95 -25.29 13.22 41.00
N ALA A 96 -26.04 12.79 42.01
CA ALA A 96 -26.53 11.40 41.97
C ALA A 96 -27.42 11.37 40.76
N ALA A 97 -28.49 12.15 40.78
CA ALA A 97 -29.41 12.24 39.65
C ALA A 97 -28.66 12.25 38.29
N LYS A 98 -27.67 13.13 38.11
CA LYS A 98 -26.97 13.16 36.84
C LYS A 98 -26.34 11.83 36.53
N ASN A 99 -25.52 11.33 37.46
CA ASN A 99 -24.89 10.03 37.27
C ASN A 99 -25.89 9.03 36.82
N LYS A 100 -27.02 8.90 37.54
CA LYS A 100 -28.04 7.92 37.17
C LYS A 100 -28.43 8.04 35.70
N ALA A 101 -28.50 9.28 35.20
CA ALA A 101 -28.86 9.53 33.80
C ALA A 101 -27.81 8.96 32.89
N VAL A 102 -26.61 9.51 32.95
CA VAL A 102 -25.54 9.02 32.10
C VAL A 102 -25.42 7.50 32.09
N SER A 103 -25.49 6.87 33.26
CA SER A 103 -25.36 5.43 33.32
C SER A 103 -26.39 4.76 32.48
N GLY A 104 -27.64 5.16 32.63
CA GLY A 104 -28.68 4.57 31.80
C GLY A 104 -28.26 4.59 30.33
N ILE A 105 -27.69 5.72 29.91
CA ILE A 105 -27.22 5.88 28.55
C ILE A 105 -26.07 4.95 28.26
N ASN A 106 -25.16 4.77 29.22
CA ASN A 106 -24.04 3.89 29.02
C ASN A 106 -24.54 2.48 28.92
N ASP A 107 -25.54 2.16 29.73
CA ASP A 107 -26.13 0.81 29.76
C ASP A 107 -26.72 0.43 28.43
N SER A 108 -27.43 1.37 27.81
CA SER A 108 -28.05 1.13 26.52
C SER A 108 -27.00 0.88 25.44
N TYR A 109 -25.82 1.48 25.61
CA TYR A 109 -24.76 1.32 24.63
C TYR A 109 -24.27 -0.06 24.43
N GLU A 110 -24.21 -0.83 25.52
CA GLU A 110 -23.74 -2.20 25.41
C GLU A 110 -24.74 -3.07 24.59
N GLY A 111 -26.01 -2.82 24.80
CA GLY A 111 -27.03 -3.54 24.07
C GLY A 111 -26.97 -3.17 22.60
N MET A 112 -26.42 -2.01 22.29
CA MET A 112 -26.32 -1.64 20.88
C MET A 112 -25.44 -2.69 20.17
N PHE A 113 -24.33 -3.05 20.79
CA PHE A 113 -23.44 -4.02 20.18
C PHE A 113 -24.04 -5.41 20.16
N ALA A 114 -24.68 -5.81 21.26
CA ALA A 114 -25.30 -7.13 21.35
C ALA A 114 -26.33 -7.43 20.25
N ASP A 115 -26.99 -6.40 19.74
CA ASP A 115 -28.02 -6.58 18.71
C ASP A 115 -27.62 -6.03 17.34
N THR A 116 -26.34 -6.12 16.98
CA THR A 116 -25.86 -5.63 15.68
C THR A 116 -24.77 -6.53 15.14
N GLU A 117 -25.14 -7.39 14.18
CA GLU A 117 -24.22 -8.32 13.55
C GLU A 117 -23.14 -7.53 12.79
N GLY A 118 -21.87 -7.74 13.15
CA GLY A 118 -20.80 -7.04 12.48
C GLY A 118 -20.22 -5.92 13.31
N LEU A 119 -20.99 -5.41 14.27
CA LEU A 119 -20.52 -4.35 15.18
C LEU A 119 -19.92 -5.00 16.44
N THR A 120 -18.69 -4.68 16.76
CA THR A 120 -18.11 -5.25 17.96
C THR A 120 -17.32 -4.20 18.74
N PHE A 121 -17.43 -4.23 20.07
CA PHE A 121 -16.71 -3.31 20.94
C PHE A 121 -15.38 -3.91 21.39
N HIS A 122 -14.35 -3.08 21.59
CA HIS A 122 -13.03 -3.55 22.02
C HIS A 122 -12.48 -2.53 23.01
N GLN A 123 -12.20 -2.98 24.23
CA GLN A 123 -11.72 -2.07 25.27
C GLN A 123 -10.21 -1.82 25.57
N GLY A 124 -9.74 -0.58 25.38
CA GLY A 124 -8.34 -0.27 25.64
C GLY A 124 -7.85 0.95 24.87
N PHE A 125 -6.54 1.13 24.75
CA PHE A 125 -6.02 2.28 24.03
C PHE A 125 -5.56 1.92 22.65
N GLY A 126 -6.42 2.13 21.66
CA GLY A 126 -6.07 1.80 20.28
C GLY A 126 -4.85 2.56 19.78
N ALA A 127 -3.92 1.83 19.17
CA ALA A 127 -2.68 2.42 18.65
C ALA A 127 -2.41 1.88 17.26
N LEU A 128 -1.70 2.65 16.44
CA LEU A 128 -1.41 2.22 15.09
C LEU A 128 -0.04 1.58 14.99
N GLN A 129 -0.01 0.38 14.42
CA GLN A 129 1.25 -0.33 14.17
C GLN A 129 1.61 0.06 12.73
N ASP A 130 0.63 -0.08 11.85
CA ASP A 130 0.80 0.26 10.46
C ASP A 130 -0.60 0.46 9.90
N ASN A 131 -0.70 1.11 8.75
CA ASN A 131 -1.98 1.44 8.11
C ASN A 131 -3.07 0.37 7.97
N HIS A 132 -2.81 -0.84 8.45
CA HIS A 132 -3.83 -1.89 8.41
C HIS A 132 -3.87 -2.71 9.71
N THR A 133 -3.08 -2.32 10.70
CA THR A 133 -3.05 -3.02 12.00
C THR A 133 -3.18 -2.12 13.22
N VAL A 134 -4.26 -2.36 13.96
CA VAL A 134 -4.59 -1.60 15.12
C VAL A 134 -4.39 -2.38 16.40
N LEU A 135 -3.42 -1.91 17.18
CA LEU A 135 -3.06 -2.52 18.47
C LEU A 135 -3.95 -1.99 19.57
N VAL A 136 -4.74 -2.86 20.18
CA VAL A 136 -5.61 -2.48 21.29
C VAL A 136 -4.82 -2.87 22.56
N ARG A 137 -4.09 -1.91 23.12
CA ARG A 137 -3.25 -2.12 24.30
C ARG A 137 -3.93 -2.01 25.66
N GLU A 138 -3.12 -2.14 26.68
CA GLU A 138 -3.55 -2.06 28.05
C GLU A 138 -3.54 -0.63 28.60
N SER A 139 -2.61 0.19 28.13
CA SER A 139 -2.54 1.57 28.60
C SER A 139 -2.04 2.58 27.58
N ALA A 140 -1.81 3.79 28.05
CA ALA A 140 -1.33 4.82 27.18
C ALA A 140 0.13 4.57 26.92
N ASP A 141 0.74 3.82 27.83
CA ASP A 141 2.16 3.44 27.79
C ASP A 141 2.45 2.58 26.55
N PRO A 142 3.40 3.03 25.70
CA PRO A 142 3.76 2.21 24.54
C PRO A 142 4.22 0.79 24.93
N ASN A 143 4.74 0.68 26.14
CA ASN A 143 5.21 -0.61 26.65
C ASN A 143 4.05 -1.19 27.46
N SER A 144 2.88 -1.22 26.86
CA SER A 144 1.68 -1.74 27.51
C SER A 144 1.39 -3.14 27.03
N ALA A 145 0.76 -3.95 27.87
CA ALA A 145 0.46 -5.30 27.42
C ALA A 145 -0.50 -5.20 26.23
N VAL A 146 -0.01 -5.53 25.01
CA VAL A 146 -0.86 -5.47 23.83
C VAL A 146 -1.97 -6.48 24.02
N LEU A 147 -3.16 -5.99 24.35
CA LEU A 147 -4.32 -6.86 24.62
C LEU A 147 -4.89 -7.56 23.39
N GLU A 148 -4.70 -6.94 22.22
CA GLU A 148 -5.13 -7.55 20.95
C GLU A 148 -4.72 -6.74 19.75
N THR A 149 -4.50 -7.47 18.66
CA THR A 149 -4.08 -6.89 17.42
C THR A 149 -5.17 -7.06 16.38
N LEU A 150 -5.73 -5.94 15.93
CA LEU A 150 -6.79 -5.94 14.93
C LEU A 150 -6.21 -5.71 13.55
N ASP A 151 -6.60 -6.56 12.61
CA ASP A 151 -6.14 -6.43 11.23
C ASP A 151 -7.27 -5.73 10.50
N THR A 152 -6.93 -4.70 9.76
CA THR A 152 -7.96 -3.94 9.11
C THR A 152 -7.66 -3.24 7.80
N GLU A 153 -8.77 -3.09 7.09
CA GLU A 153 -8.89 -2.48 5.79
C GLU A 153 -8.82 -0.95 6.01
N TYR A 154 -9.90 -0.39 6.56
CA TYR A 154 -9.98 1.04 6.82
C TYR A 154 -9.84 1.40 8.30
N ILE A 155 -9.21 2.51 8.60
CA ILE A 155 -9.11 2.94 10.00
C ILE A 155 -9.74 4.35 10.14
N LEU A 156 -10.54 4.54 11.19
CA LEU A 156 -11.19 5.83 11.45
C LEU A 156 -10.74 6.26 12.85
N LEU A 157 -9.96 7.34 12.90
CA LEU A 157 -9.49 7.85 14.18
C LEU A 157 -10.54 8.89 14.54
N ALA A 158 -11.15 8.71 15.70
CA ALA A 158 -12.18 9.62 16.16
C ALA A 158 -12.10 9.68 17.69
N THR A 159 -10.89 10.01 18.14
CA THR A 159 -10.55 10.09 19.57
C THR A 159 -10.90 11.37 20.31
N GLY A 160 -11.51 12.32 19.63
CA GLY A 160 -11.91 13.54 20.32
C GLY A 160 -10.78 14.49 20.75
N SER A 161 -11.11 15.32 21.74
CA SER A 161 -10.22 16.30 22.28
C SER A 161 -10.07 16.09 23.78
N TRP A 162 -9.31 16.96 24.44
CA TRP A 162 -9.08 16.79 25.84
C TRP A 162 -8.88 18.17 26.40
N PRO A 163 -9.05 18.35 27.72
CA PRO A 163 -8.85 19.69 28.24
C PRO A 163 -7.40 20.13 28.17
N GLN A 164 -7.18 21.36 27.75
CA GLN A 164 -5.86 21.96 27.60
C GLN A 164 -5.50 22.51 28.96
N HIS A 165 -4.26 22.32 29.40
CA HIS A 165 -3.86 22.85 30.69
C HIS A 165 -2.92 24.06 30.55
N LEU A 166 -2.66 24.77 31.64
CA LEU A 166 -1.67 25.86 31.60
C LEU A 166 -0.43 25.17 32.18
N GLY A 167 0.71 25.82 32.07
CA GLY A 167 1.90 25.21 32.65
C GLY A 167 2.32 25.96 33.91
N ILE A 168 1.42 26.68 34.53
CA ILE A 168 1.81 27.44 35.71
C ILE A 168 2.07 26.53 36.91
N GLU A 169 2.70 27.11 37.92
CA GLU A 169 2.96 26.38 39.15
C GLU A 169 1.60 26.08 39.78
N GLY A 170 1.35 24.81 40.05
CA GLY A 170 0.12 24.47 40.70
C GLY A 170 -1.00 24.23 39.73
N ASP A 171 -0.63 24.07 38.47
CA ASP A 171 -1.60 23.79 37.44
C ASP A 171 -2.27 22.52 37.96
N ASP A 172 -1.46 21.63 38.50
CA ASP A 172 -1.89 20.34 39.05
C ASP A 172 -2.85 20.43 40.22
N LEU A 173 -3.07 21.64 40.72
CA LEU A 173 -3.99 21.84 41.84
C LEU A 173 -5.37 22.16 41.34
N CYS A 174 -5.47 22.49 40.05
CA CYS A 174 -6.75 22.81 39.40
C CYS A 174 -7.45 21.62 38.74
N ILE A 175 -8.72 21.82 38.50
CA ILE A 175 -9.50 20.78 37.90
C ILE A 175 -9.93 21.32 36.55
N THR A 176 -10.54 20.44 35.77
CA THR A 176 -11.06 20.74 34.44
C THR A 176 -12.51 20.25 34.50
N SER A 177 -13.26 20.42 33.41
CA SER A 177 -14.67 19.98 33.34
C SER A 177 -14.86 18.47 33.59
N ASN A 178 -13.86 17.67 33.26
CA ASN A 178 -13.90 16.25 33.46
C ASN A 178 -14.14 15.99 34.96
N GLU A 179 -13.36 16.65 35.84
CA GLU A 179 -13.48 16.50 37.31
C GLU A 179 -14.67 17.17 37.97
N ALA A 180 -15.01 18.38 37.53
CA ALA A 180 -16.13 19.10 38.11
C ALA A 180 -17.44 18.34 38.02
N PHE A 181 -17.55 17.41 37.09
CA PHE A 181 -18.76 16.64 36.93
C PHE A 181 -18.86 15.67 38.06
N TYR A 182 -17.77 15.57 38.83
CA TYR A 182 -17.72 14.64 39.93
C TYR A 182 -17.39 15.28 41.25
N LEU A 183 -17.40 16.61 41.31
CA LEU A 183 -17.16 17.28 42.58
C LEU A 183 -18.08 16.67 43.65
N ASP A 184 -17.54 16.56 44.86
CA ASP A 184 -18.22 15.97 46.01
C ASP A 184 -19.19 16.94 46.71
N GLU A 185 -18.77 18.19 46.78
CA GLU A 185 -19.63 19.19 47.37
C GLU A 185 -19.40 20.43 46.54
N ALA A 186 -20.47 21.17 46.28
CA ALA A 186 -20.45 22.39 45.47
C ALA A 186 -19.48 23.44 45.98
N PRO A 187 -18.62 23.98 45.11
CA PRO A 187 -17.57 24.81 45.70
C PRO A 187 -18.25 26.05 46.24
N LYS A 188 -17.72 26.64 47.32
CA LYS A 188 -18.35 27.84 47.88
C LYS A 188 -17.77 29.06 47.23
N ARG A 189 -16.50 28.99 46.87
CA ARG A 189 -15.81 30.07 46.15
C ARG A 189 -15.18 29.23 45.05
N ALA A 190 -15.25 29.71 43.81
CA ALA A 190 -14.77 28.93 42.67
C ALA A 190 -14.17 29.81 41.58
N LEU A 191 -13.09 29.37 40.96
CA LEU A 191 -12.52 30.22 39.94
C LEU A 191 -12.75 29.53 38.63
N CYS A 192 -13.35 30.22 37.66
CA CYS A 192 -13.57 29.57 36.39
C CYS A 192 -12.60 30.26 35.48
N VAL A 193 -11.55 29.55 35.08
CA VAL A 193 -10.57 30.17 34.20
C VAL A 193 -10.83 29.94 32.74
N GLY A 194 -11.37 30.93 32.04
CA GLY A 194 -11.58 30.73 30.60
C GLY A 194 -12.64 31.60 30.00
N GLY A 195 -12.55 31.89 28.72
CA GLY A 195 -13.56 32.76 28.16
C GLY A 195 -14.60 32.04 27.35
N GLY A 196 -14.34 30.78 27.09
CA GLY A 196 -15.24 30.00 26.28
C GLY A 196 -16.57 29.62 26.87
N TYR A 197 -17.37 28.89 26.09
CA TYR A 197 -18.66 28.50 26.61
C TYR A 197 -18.56 27.49 27.75
N ILE A 198 -17.56 26.62 27.75
CA ILE A 198 -17.50 25.61 28.80
C ILE A 198 -17.26 26.26 30.10
N SER A 199 -16.49 27.35 30.09
CA SER A 199 -16.19 28.05 31.30
C SER A 199 -17.39 28.85 31.76
N ILE A 200 -18.05 29.55 30.84
CA ILE A 200 -19.23 30.39 31.13
C ILE A 200 -20.43 29.53 31.67
N GLU A 201 -20.51 28.32 31.15
CA GLU A 201 -21.57 27.41 31.50
C GLU A 201 -21.36 26.93 32.90
N PHE A 202 -20.10 26.62 33.27
CA PHE A 202 -19.80 26.19 34.61
C PHE A 202 -19.94 27.26 35.70
N ALA A 203 -19.56 28.49 35.38
CA ALA A 203 -19.69 29.60 36.31
C ALA A 203 -21.17 29.69 36.64
N GLY A 204 -22.02 29.43 35.67
CA GLY A 204 -23.45 29.50 35.92
C GLY A 204 -23.96 28.38 36.83
N ILE A 205 -23.41 27.18 36.65
CA ILE A 205 -23.75 26.05 37.49
C ILE A 205 -23.23 26.30 38.90
N PHE A 206 -21.94 26.63 39.07
CA PHE A 206 -21.35 26.88 40.38
C PHE A 206 -22.04 27.98 41.13
N ASN A 207 -22.36 29.05 40.43
CA ASN A 207 -22.98 30.19 41.01
C ASN A 207 -24.31 29.89 41.57
N ALA A 208 -25.00 28.91 41.03
CA ALA A 208 -26.35 28.56 41.43
C ALA A 208 -26.44 27.65 42.64
N TYR A 209 -25.49 26.73 42.74
CA TYR A 209 -25.49 25.76 43.83
C TYR A 209 -24.55 26.08 44.96
N LYS A 210 -23.81 27.17 44.80
CA LYS A 210 -22.85 27.61 45.80
C LYS A 210 -23.55 27.85 47.10
N ALA A 211 -22.82 27.56 48.17
CA ALA A 211 -23.31 27.80 49.51
C ALA A 211 -23.47 29.32 49.57
N ARG A 212 -24.39 29.81 50.40
CA ARG A 212 -24.57 31.25 50.47
C ARG A 212 -23.47 32.02 51.13
N GLY A 213 -23.25 33.21 50.62
CA GLY A 213 -22.14 34.03 51.07
C GLY A 213 -20.97 33.58 50.20
N GLY A 214 -21.20 32.58 49.35
CA GLY A 214 -20.19 32.05 48.44
C GLY A 214 -19.94 32.96 47.24
N GLN A 215 -18.99 32.59 46.38
CA GLN A 215 -18.70 33.39 45.22
C GLN A 215 -17.95 32.66 44.10
N VAL A 216 -18.39 32.83 42.84
CA VAL A 216 -17.73 32.28 41.65
C VAL A 216 -17.20 33.54 40.87
N ASP A 217 -15.90 33.50 40.60
CA ASP A 217 -15.22 34.58 39.90
C ASP A 217 -14.87 33.83 38.65
N LEU A 218 -14.90 34.54 37.54
CA LEU A 218 -14.61 33.96 36.25
C LEU A 218 -13.54 34.87 35.69
N ALA A 219 -12.36 34.30 35.47
CA ALA A 219 -11.22 35.07 34.97
C ALA A 219 -10.90 34.63 33.57
N TYR A 220 -10.69 35.63 32.70
CA TYR A 220 -10.38 35.39 31.33
C TYR A 220 -9.28 36.36 30.84
N ARG A 221 -8.30 35.88 30.09
CA ARG A 221 -7.21 36.73 29.61
C ARG A 221 -7.66 37.84 28.64
N GLY A 222 -8.54 37.50 27.72
CA GLY A 222 -8.97 38.47 26.75
C GLY A 222 -9.66 39.64 27.35
N ASP A 223 -10.23 40.45 26.48
CA ASP A 223 -10.94 41.63 26.92
C ASP A 223 -12.45 41.39 27.10
N MET A 224 -12.95 40.35 26.44
CA MET A 224 -14.37 40.03 26.54
C MET A 224 -14.56 38.57 26.29
N ILE A 225 -15.25 37.94 27.23
CA ILE A 225 -15.54 36.52 27.18
C ILE A 225 -16.15 36.17 25.80
N LEU A 226 -16.10 34.88 25.46
CA LEU A 226 -16.64 34.35 24.20
C LEU A 226 -16.09 34.95 22.92
N ARG A 227 -14.79 34.85 22.73
CA ARG A 227 -14.17 35.31 21.51
C ARG A 227 -14.85 34.46 20.39
N GLY A 228 -15.31 35.12 19.33
CA GLY A 228 -15.95 34.43 18.23
C GLY A 228 -17.44 34.72 18.10
N PHE A 229 -18.05 35.33 19.11
CA PHE A 229 -19.48 35.60 19.02
C PHE A 229 -19.78 37.06 18.77
N ASP A 230 -21.00 37.32 18.38
CA ASP A 230 -21.45 38.63 18.11
C ASP A 230 -21.06 39.55 19.27
N SER A 231 -20.24 40.54 18.99
CA SER A 231 -19.81 41.51 19.98
C SER A 231 -20.87 42.07 20.91
N GLU A 232 -22.06 42.38 20.40
CA GLU A 232 -23.11 42.91 21.26
C GLU A 232 -23.57 41.90 22.27
N LEU A 233 -23.80 40.67 21.79
CA LEU A 233 -24.25 39.55 22.60
C LEU A 233 -23.22 39.30 23.69
N ARG A 234 -21.93 39.19 23.35
CA ARG A 234 -20.89 39.01 24.39
C ARG A 234 -21.08 40.08 25.49
N LYS A 235 -21.09 41.34 25.08
CA LYS A 235 -21.24 42.47 25.99
C LYS A 235 -22.48 42.43 26.85
N GLN A 236 -23.60 42.09 26.24
CA GLN A 236 -24.81 42.02 26.98
C GLN A 236 -24.75 40.82 27.93
N LEU A 237 -24.17 39.72 27.47
CA LEU A 237 -24.09 38.53 28.32
C LEU A 237 -23.29 38.87 29.54
N THR A 238 -22.17 39.56 29.34
CA THR A 238 -21.34 39.98 30.45
C THR A 238 -22.19 40.74 31.50
N GLU A 239 -23.00 41.70 31.08
CA GLU A 239 -23.84 42.41 32.03
C GLU A 239 -24.73 41.45 32.75
N GLN A 240 -25.37 40.56 32.00
CA GLN A 240 -26.27 39.64 32.64
C GLN A 240 -25.64 38.64 33.58
N LEU A 241 -24.33 38.42 33.43
CA LEU A 241 -23.66 37.49 34.33
C LEU A 241 -23.40 38.28 35.61
N ARG A 242 -22.84 39.47 35.47
CA ARG A 242 -22.58 40.29 36.65
C ARG A 242 -23.85 40.45 37.41
N ALA A 243 -24.89 40.86 36.71
CA ALA A 243 -26.19 41.03 37.34
C ALA A 243 -26.68 39.84 38.16
N ASN A 244 -26.17 38.64 37.90
CA ASN A 244 -26.58 37.47 38.63
C ASN A 244 -25.55 37.03 39.61
N GLY A 245 -24.48 37.79 39.79
CA GLY A 245 -23.57 37.46 40.85
C GLY A 245 -22.25 36.90 40.55
N ILE A 246 -21.99 36.65 39.28
CA ILE A 246 -20.73 36.09 38.83
C ILE A 246 -19.78 37.27 38.63
N ASN A 247 -18.51 37.08 38.99
CA ASN A 247 -17.52 38.15 38.85
C ASN A 247 -16.62 37.94 37.66
N VAL A 248 -16.95 38.62 36.57
CA VAL A 248 -16.22 38.47 35.33
C VAL A 248 -14.97 39.32 35.45
N ARG A 249 -13.84 38.68 35.71
CA ARG A 249 -12.55 39.32 35.81
C ARG A 249 -11.84 39.22 34.46
N THR A 250 -11.95 40.29 33.71
CA THR A 250 -11.39 40.33 32.39
C THR A 250 -9.95 40.80 32.55
N HIS A 251 -9.08 40.33 31.64
CA HIS A 251 -7.66 40.62 31.66
C HIS A 251 -6.93 39.99 32.84
N GLU A 252 -7.53 38.94 33.41
CA GLU A 252 -7.00 38.27 34.57
C GLU A 252 -6.52 36.90 34.19
N ASN A 253 -5.33 36.50 34.64
CA ASN A 253 -4.86 35.15 34.34
C ASN A 253 -4.14 34.62 35.58
N PRO A 254 -4.36 33.37 35.95
CA PRO A 254 -3.61 32.91 37.12
C PRO A 254 -2.10 32.70 36.86
N ALA A 255 -1.29 33.28 37.73
CA ALA A 255 0.17 33.18 37.68
C ALA A 255 0.59 31.90 38.37
N LYS A 256 0.03 31.64 39.54
CA LYS A 256 0.40 30.44 40.26
C LYS A 256 -0.68 30.03 41.20
N VAL A 257 -0.66 28.77 41.56
CA VAL A 257 -1.68 28.24 42.45
C VAL A 257 -1.00 27.38 43.47
N THR A 258 -1.31 27.65 44.72
CA THR A 258 -0.73 26.87 45.78
C THR A 258 -1.86 26.35 46.61
N LYS A 259 -1.54 25.47 47.52
CA LYS A 259 -2.57 24.91 48.35
C LYS A 259 -2.51 25.56 49.70
N ASN A 260 -3.68 25.88 50.22
CA ASN A 260 -3.75 26.48 51.51
C ASN A 260 -3.79 25.35 52.49
N ALA A 261 -3.66 25.72 53.76
CA ALA A 261 -3.68 24.77 54.86
C ALA A 261 -4.96 23.96 54.78
N ASP A 262 -6.08 24.68 54.85
CA ASP A 262 -7.46 24.18 54.83
C ASP A 262 -7.97 23.46 53.58
N GLY A 263 -7.03 23.13 52.70
CA GLY A 263 -7.31 22.44 51.45
C GLY A 263 -7.68 23.33 50.28
N THR A 264 -7.92 24.60 50.55
CA THR A 264 -8.30 25.52 49.52
C THR A 264 -7.10 25.96 48.67
N ARG A 265 -7.34 26.41 47.45
CA ARG A 265 -6.24 26.85 46.58
C ARG A 265 -6.12 28.35 46.66
N HIS A 266 -4.90 28.83 46.80
CA HIS A 266 -4.65 30.26 46.86
C HIS A 266 -4.14 30.61 45.49
N VAL A 267 -4.60 31.72 44.91
CA VAL A 267 -4.12 32.11 43.60
C VAL A 267 -3.68 33.56 43.53
N VAL A 268 -2.56 33.72 42.83
CA VAL A 268 -1.94 35.00 42.55
C VAL A 268 -2.14 35.20 41.04
N PHE A 269 -2.76 36.30 40.66
CA PHE A 269 -2.98 36.59 39.28
C PHE A 269 -1.80 37.36 38.68
N GLU A 270 -1.58 37.20 37.37
CA GLU A 270 -0.49 37.93 36.68
C GLU A 270 -0.48 39.42 36.97
N SER A 271 -1.62 39.95 37.35
CA SER A 271 -1.79 41.35 37.72
C SER A 271 -1.34 41.65 39.14
N GLY A 272 -1.03 40.59 39.87
CA GLY A 272 -0.60 40.73 41.24
C GLY A 272 -1.68 40.39 42.25
N ALA A 273 -2.94 40.45 41.84
CA ALA A 273 -4.08 40.14 42.69
C ALA A 273 -3.95 38.72 43.23
N GLU A 274 -4.68 38.39 44.30
CA GLU A 274 -4.65 37.07 44.93
C GLU A 274 -5.98 36.77 45.57
N ALA A 275 -6.38 35.50 45.61
CA ALA A 275 -7.64 35.14 46.26
C ALA A 275 -7.61 33.69 46.54
N ASP A 276 -8.52 33.20 47.36
CA ASP A 276 -8.56 31.76 47.67
C ASP A 276 -9.88 31.27 47.23
N TYR A 277 -9.89 30.02 46.77
CA TYR A 277 -11.07 29.41 46.23
C TYR A 277 -11.03 27.97 46.63
N ASP A 278 -12.18 27.31 46.68
CA ASP A 278 -12.17 25.88 47.00
C ASP A 278 -11.81 25.09 45.72
N VAL A 279 -12.18 25.66 44.57
CA VAL A 279 -11.94 25.03 43.27
C VAL A 279 -11.44 26.03 42.20
N VAL A 280 -10.51 25.56 41.35
CA VAL A 280 -10.01 26.37 40.22
C VAL A 280 -10.21 25.48 38.97
N MET A 281 -11.13 25.90 38.11
CA MET A 281 -11.45 25.12 36.94
C MET A 281 -10.84 25.75 35.73
N LEU A 282 -10.03 25.00 35.01
CA LEU A 282 -9.39 25.57 33.86
C LEU A 282 -10.29 25.16 32.74
N ALA A 283 -10.81 26.10 31.97
CA ALA A 283 -11.66 25.74 30.85
C ALA A 283 -11.23 26.74 29.86
N ILE A 284 -9.93 26.64 29.55
CA ILE A 284 -9.24 27.52 28.64
C ILE A 284 -9.14 26.99 27.21
N GLY A 285 -9.38 25.70 27.02
CA GLY A 285 -9.23 25.18 25.66
C GLY A 285 -9.27 23.70 25.65
N ARG A 286 -9.43 23.12 24.46
CA ARG A 286 -9.47 21.66 24.31
C ARG A 286 -8.60 21.36 23.16
N VAL A 287 -7.84 20.32 23.27
CA VAL A 287 -6.91 20.00 22.21
C VAL A 287 -7.15 18.67 21.60
N PRO A 288 -6.98 18.57 20.24
CA PRO A 288 -7.16 17.28 19.53
C PRO A 288 -6.29 16.25 20.22
N ARG A 289 -6.94 15.16 20.63
CA ARG A 289 -6.36 14.06 21.39
C ARG A 289 -5.83 12.91 20.51
N SER A 290 -4.73 13.23 19.84
CA SER A 290 -4.07 12.34 18.90
C SER A 290 -2.66 11.86 19.28
N GLN A 291 -2.14 12.34 20.39
CA GLN A 291 -0.78 11.99 20.79
C GLN A 291 -0.37 10.54 20.98
N THR A 292 -1.22 9.73 21.59
CA THR A 292 -0.86 8.35 21.84
C THR A 292 -1.43 7.35 20.84
N LEU A 293 -1.44 7.74 19.57
CA LEU A 293 -1.98 6.91 18.49
C LEU A 293 -0.86 6.41 17.58
N GLN A 294 0.34 6.95 17.77
CA GLN A 294 1.48 6.53 16.96
C GLN A 294 1.09 6.60 15.48
N LEU A 295 0.63 7.77 15.10
CA LEU A 295 0.21 8.05 13.73
C LEU A 295 1.45 8.03 12.86
N GLU A 296 2.61 8.02 13.50
CA GLU A 296 3.91 7.96 12.83
C GLU A 296 4.07 6.57 12.22
N LYS A 297 3.66 5.56 12.96
CA LYS A 297 3.75 4.20 12.48
C LYS A 297 2.97 3.99 11.19
N ALA A 298 1.79 4.59 11.05
CA ALA A 298 1.03 4.39 9.84
C ALA A 298 1.23 5.54 8.85
N GLY A 299 2.09 6.49 9.22
CA GLY A 299 2.42 7.61 8.37
C GLY A 299 1.46 8.77 8.23
N VAL A 300 0.54 8.88 9.17
CA VAL A 300 -0.47 9.94 9.20
C VAL A 300 0.07 11.35 9.52
N GLU A 301 -0.30 12.30 8.67
CA GLU A 301 0.10 13.70 8.85
C GLU A 301 -0.75 14.31 9.96
N VAL A 302 -0.10 15.10 10.81
CA VAL A 302 -0.75 15.75 11.93
C VAL A 302 -0.28 17.18 11.95
N ALA A 303 -1.19 18.13 12.18
CA ALA A 303 -0.81 19.53 12.25
C ALA A 303 -0.05 19.80 13.57
N LYS A 304 0.44 21.03 13.73
CA LYS A 304 1.20 21.42 14.92
C LYS A 304 0.50 21.07 16.22
N ASN A 305 -0.72 21.55 16.35
CA ASN A 305 -1.51 21.37 17.54
C ASN A 305 -2.12 19.99 17.75
N GLY A 306 -1.54 18.96 17.15
CA GLY A 306 -2.10 17.64 17.37
C GLY A 306 -3.29 17.35 16.49
N ALA A 307 -3.80 18.33 15.75
CA ALA A 307 -4.95 18.05 14.88
C ALA A 307 -4.58 17.13 13.73
N ILE A 308 -5.30 16.03 13.52
CA ILE A 308 -5.04 15.14 12.38
C ILE A 308 -5.49 15.87 11.10
N LYS A 309 -4.58 16.06 10.16
CA LYS A 309 -4.92 16.72 8.92
C LYS A 309 -5.82 15.82 8.04
N VAL A 310 -6.96 16.36 7.59
CA VAL A 310 -7.90 15.63 6.74
C VAL A 310 -8.50 16.54 5.66
N ASP A 311 -8.90 15.96 4.51
CA ASP A 311 -9.54 16.72 3.41
C ASP A 311 -11.03 16.87 3.66
N ALA A 312 -11.74 17.51 2.73
CA ALA A 312 -13.19 17.71 2.86
C ALA A 312 -13.99 16.44 3.13
N TYR A 313 -13.43 15.32 2.75
CA TYR A 313 -14.07 14.03 2.98
C TYR A 313 -13.55 13.26 4.22
N SER A 314 -12.71 13.90 5.04
CA SER A 314 -12.12 13.28 6.25
C SER A 314 -10.95 12.30 6.02
N LYS A 315 -10.48 12.17 4.78
CA LYS A 315 -9.38 11.24 4.51
C LYS A 315 -8.06 11.86 4.87
N THR A 316 -7.15 11.04 5.35
CA THR A 316 -5.85 11.52 5.67
C THR A 316 -4.97 11.28 4.45
N ASN A 317 -3.72 11.73 4.55
CA ASN A 317 -2.75 11.58 3.46
C ASN A 317 -2.62 10.11 3.13
N VAL A 318 -2.98 9.26 4.10
CA VAL A 318 -2.94 7.80 4.00
C VAL A 318 -4.30 7.25 3.58
N ASP A 319 -4.49 7.22 2.27
CA ASP A 319 -5.68 6.77 1.61
C ASP A 319 -6.68 5.83 2.28
N ASN A 320 -6.25 4.97 3.19
CA ASN A 320 -7.22 4.07 3.81
C ASN A 320 -7.58 4.46 5.26
N ILE A 321 -7.18 5.67 5.66
CA ILE A 321 -7.43 6.15 6.99
C ILE A 321 -8.12 7.53 6.91
N TYR A 322 -9.23 7.66 7.66
CA TYR A 322 -10.07 8.86 7.77
C TYR A 322 -10.10 9.34 9.22
N ALA A 323 -10.28 10.64 9.42
CA ALA A 323 -10.29 11.19 10.76
C ALA A 323 -11.45 12.10 10.93
N ILE A 324 -12.24 11.87 11.98
CA ILE A 324 -13.40 12.70 12.20
C ILE A 324 -13.53 13.21 13.62
N GLY A 325 -14.32 14.27 13.76
CA GLY A 325 -14.59 14.81 15.08
C GLY A 325 -13.66 15.84 15.69
N ASP A 326 -13.66 15.95 17.02
CA ASP A 326 -12.82 16.93 17.70
C ASP A 326 -11.36 16.76 17.30
N VAL A 327 -10.96 15.54 16.97
CA VAL A 327 -9.56 15.27 16.66
C VAL A 327 -9.03 15.93 15.37
N THR A 328 -9.94 16.27 14.47
CA THR A 328 -9.60 16.91 13.19
C THR A 328 -9.61 18.36 13.42
N ASP A 329 -10.35 18.79 14.45
CA ASP A 329 -10.35 20.22 14.79
C ASP A 329 -11.06 21.12 13.76
N ARG A 330 -12.27 20.73 13.42
CA ARG A 330 -13.03 21.54 12.48
C ARG A 330 -14.08 22.25 13.32
N VAL A 331 -15.25 21.67 13.56
CA VAL A 331 -16.16 22.37 14.45
C VAL A 331 -16.39 21.37 15.55
N MET A 332 -15.79 21.62 16.70
CA MET A 332 -15.89 20.68 17.82
C MET A 332 -17.27 20.64 18.50
N LEU A 333 -18.20 19.92 17.88
CA LEU A 333 -19.57 19.83 18.34
C LEU A 333 -20.03 18.44 18.04
N THR A 334 -20.94 17.95 18.84
CA THR A 334 -21.40 16.62 18.62
C THR A 334 -22.15 16.33 17.32
N PRO A 335 -23.14 17.16 16.98
CA PRO A 335 -23.80 17.08 15.67
C PRO A 335 -22.84 17.03 14.49
N VAL A 336 -21.79 17.86 14.50
CA VAL A 336 -20.80 17.91 13.39
C VAL A 336 -20.10 16.56 13.31
N ALA A 337 -19.55 16.09 14.41
CA ALA A 337 -18.85 14.84 14.41
C ALA A 337 -19.78 13.78 13.89
N ILE A 338 -21.07 13.92 14.17
CA ILE A 338 -22.02 12.92 13.71
C ILE A 338 -22.25 12.94 12.20
N ASN A 339 -22.56 14.11 11.67
CA ASN A 339 -22.78 14.35 10.23
C ASN A 339 -21.51 13.93 9.50
N GLU A 340 -20.37 14.21 10.12
CA GLU A 340 -19.12 13.86 9.53
C GLU A 340 -19.05 12.37 9.35
N GLY A 341 -19.35 11.63 10.41
CA GLY A 341 -19.26 10.18 10.38
C GLY A 341 -20.25 9.49 9.47
N ALA A 342 -21.44 10.04 9.34
CA ALA A 342 -22.41 9.45 8.47
C ALA A 342 -21.85 9.56 7.05
N ALA A 343 -21.26 10.73 6.76
CA ALA A 343 -20.64 11.07 5.47
C ALA A 343 -19.52 10.11 5.07
N PHE A 344 -18.61 9.78 6.01
CA PHE A 344 -17.53 8.79 5.82
C PHE A 344 -18.14 7.47 5.35
N VAL A 345 -19.09 6.95 6.10
CA VAL A 345 -19.72 5.70 5.78
C VAL A 345 -20.16 5.63 4.29
N ASP A 346 -20.76 6.70 3.77
CA ASP A 346 -21.15 6.76 2.37
C ASP A 346 -19.92 6.75 1.49
N THR A 347 -19.10 7.77 1.64
CA THR A 347 -17.89 7.88 0.88
C THR A 347 -17.12 6.56 0.76
N VAL A 348 -17.03 5.85 1.86
CA VAL A 348 -16.19 4.68 1.85
C VAL A 348 -16.83 3.35 1.63
N PHE A 349 -18.06 3.20 2.09
CA PHE A 349 -18.74 1.92 1.97
C PHE A 349 -19.99 1.99 1.12
N ALA A 350 -20.21 3.12 0.47
CA ALA A 350 -21.39 3.29 -0.37
C ALA A 350 -21.05 4.05 -1.64
N ASN A 351 -19.77 4.38 -1.79
CA ASN A 351 -19.26 5.09 -2.95
C ASN A 351 -20.19 6.23 -3.34
N LYS A 352 -20.56 7.01 -2.34
CA LYS A 352 -21.44 8.14 -2.55
C LYS A 352 -20.78 9.34 -1.86
N PRO A 353 -19.82 9.99 -2.53
CA PRO A 353 -18.83 10.90 -1.92
C PRO A 353 -19.44 12.12 -1.23
N ARG A 354 -19.45 12.12 0.10
CA ARG A 354 -20.04 13.22 0.85
C ARG A 354 -19.02 13.92 1.71
N ALA A 355 -19.18 15.23 1.80
CA ALA A 355 -18.34 16.08 2.65
C ALA A 355 -19.26 16.93 3.54
N THR A 356 -19.11 16.81 4.87
CA THR A 356 -19.89 17.57 5.84
C THR A 356 -19.67 19.07 5.64
N ASP A 357 -20.74 19.83 5.77
CA ASP A 357 -20.62 21.24 5.63
C ASP A 357 -20.38 21.80 7.00
N HIS A 358 -19.24 22.47 7.17
CA HIS A 358 -18.95 23.09 8.47
C HIS A 358 -19.37 24.55 8.48
N THR A 359 -20.28 24.90 7.57
CA THR A 359 -20.75 26.27 7.45
C THR A 359 -22.23 26.38 7.80
N LYS A 360 -22.66 27.57 8.20
CA LYS A 360 -24.04 27.78 8.60
C LYS A 360 -24.41 26.76 9.68
N VAL A 361 -23.43 26.43 10.52
CA VAL A 361 -23.65 25.49 11.61
C VAL A 361 -24.06 26.27 12.84
N ALA A 362 -25.35 26.16 13.22
CA ALA A 362 -25.90 26.79 14.41
C ALA A 362 -25.33 26.08 15.64
N CYS A 363 -25.21 26.81 16.74
CA CYS A 363 -24.72 26.19 17.95
C CYS A 363 -25.30 27.04 19.10
N ALA A 364 -25.12 26.60 20.33
CA ALA A 364 -25.64 27.31 21.48
C ALA A 364 -24.73 27.28 22.71
N VAL A 365 -24.88 28.33 23.51
CA VAL A 365 -24.13 28.52 24.74
C VAL A 365 -25.19 28.41 25.83
N PHE A 366 -25.07 27.39 26.67
CA PHE A 366 -26.04 27.18 27.73
C PHE A 366 -25.77 27.94 29.05
N SER A 367 -25.40 29.20 28.89
CA SER A 367 -25.15 30.11 29.98
C SER A 367 -26.54 30.44 30.57
N ILE A 368 -26.59 31.40 31.47
CA ILE A 368 -27.85 31.83 32.04
C ILE A 368 -27.63 33.33 31.97
N PRO A 369 -28.24 34.01 30.99
CA PRO A 369 -29.22 33.32 30.15
C PRO A 369 -28.53 32.85 28.83
N PRO A 370 -29.21 31.95 28.11
CA PRO A 370 -28.52 31.19 27.07
C PRO A 370 -28.45 31.98 25.77
N MET A 371 -27.69 31.46 24.83
CA MET A 371 -27.54 32.10 23.53
C MET A 371 -27.76 31.00 22.50
N GLY A 372 -28.12 31.46 21.31
CA GLY A 372 -28.34 30.58 20.17
C GLY A 372 -27.88 31.43 19.00
N VAL A 373 -26.85 30.98 18.30
CA VAL A 373 -26.34 31.77 17.23
C VAL A 373 -26.05 30.87 16.06
N CYS A 374 -26.15 31.44 14.87
CA CYS A 374 -25.89 30.77 13.59
C CYS A 374 -25.43 31.81 12.57
N GLY A 375 -24.32 31.55 11.91
CA GLY A 375 -23.91 32.52 10.91
C GLY A 375 -22.72 33.40 11.12
N TYR A 376 -22.60 34.41 10.26
CA TYR A 376 -21.47 35.36 10.28
C TYR A 376 -21.71 36.41 11.26
N VAL A 377 -20.66 36.77 12.01
CA VAL A 377 -20.79 37.92 12.91
C VAL A 377 -20.53 39.05 11.92
N GLU A 378 -21.01 40.25 12.19
CA GLU A 378 -20.77 41.34 11.24
C GLU A 378 -19.35 41.48 10.73
N GLU A 379 -18.37 41.55 11.62
CA GLU A 379 -16.96 41.71 11.22
C GLU A 379 -16.57 40.88 10.01
N ASP A 380 -16.83 39.57 10.08
CA ASP A 380 -16.49 38.67 9.01
C ASP A 380 -17.25 38.92 7.72
N ALA A 381 -18.56 39.13 7.80
CA ALA A 381 -19.38 39.41 6.61
C ALA A 381 -18.79 40.65 5.93
N ALA A 382 -18.48 41.64 6.77
CA ALA A 382 -17.89 42.92 6.39
C ALA A 382 -16.66 42.75 5.49
N LYS A 383 -15.86 41.71 5.75
CA LYS A 383 -14.68 41.41 4.96
C LYS A 383 -15.00 40.61 3.70
N LYS A 384 -16.24 40.16 3.55
CA LYS A 384 -16.61 39.38 2.39
C LYS A 384 -17.65 40.00 1.45
N TYR A 385 -18.22 41.13 1.80
CA TYR A 385 -19.26 41.74 0.97
C TYR A 385 -19.07 43.23 1.10
N ASP A 386 -19.16 43.94 -0.02
CA ASP A 386 -18.98 45.38 0.06
C ASP A 386 -20.03 46.00 0.99
N GLN A 387 -21.29 45.61 0.87
CA GLN A 387 -22.28 46.23 1.74
C GLN A 387 -23.13 45.29 2.60
N VAL A 388 -22.84 45.25 3.89
CA VAL A 388 -23.54 44.39 4.84
C VAL A 388 -24.38 45.24 5.75
N ALA A 389 -25.65 44.84 5.93
CA ALA A 389 -26.65 45.51 6.79
C ALA A 389 -26.77 44.81 8.14
N VAL A 390 -27.03 45.56 9.20
CA VAL A 390 -27.13 44.98 10.54
C VAL A 390 -28.40 45.43 11.29
N TYR A 391 -29.38 44.55 11.40
CA TYR A 391 -30.63 44.86 12.09
C TYR A 391 -30.47 44.26 13.48
N GLU A 392 -30.78 45.04 14.50
CA GLU A 392 -30.63 44.60 15.88
C GLU A 392 -31.89 44.97 16.63
N SER A 393 -32.29 44.16 17.60
CA SER A 393 -33.49 44.43 18.41
C SER A 393 -33.29 43.86 19.80
N SER A 394 -33.67 44.62 20.83
CA SER A 394 -33.53 44.11 22.20
C SER A 394 -34.66 44.58 23.09
N PHE A 395 -35.16 43.70 23.94
CA PHE A 395 -36.25 44.07 24.79
C PHE A 395 -36.26 43.20 26.01
N THR A 396 -36.90 43.68 27.06
CA THR A 396 -37.05 42.90 28.30
C THR A 396 -38.47 42.34 28.19
N PRO A 397 -38.59 41.02 27.99
CA PRO A 397 -39.89 40.35 28.11
C PRO A 397 -40.74 40.90 29.27
N LEU A 398 -42.03 41.05 29.01
CA LEU A 398 -42.95 41.61 30.00
C LEU A 398 -42.99 40.82 31.33
N MET A 399 -42.85 39.51 31.23
CA MET A 399 -42.87 38.66 32.41
C MET A 399 -41.74 39.08 33.35
N HIS A 400 -40.65 39.58 32.81
CA HIS A 400 -39.55 39.98 33.66
C HIS A 400 -39.69 41.33 34.26
N ASN A 401 -40.79 42.00 33.97
CA ASN A 401 -41.03 43.26 34.61
C ASN A 401 -41.69 42.81 35.90
N ILE A 402 -42.45 41.71 35.83
CA ILE A 402 -43.15 41.09 36.97
C ILE A 402 -42.29 40.11 37.82
N SER A 403 -41.30 39.48 37.19
CA SER A 403 -40.50 38.52 37.90
C SER A 403 -39.46 39.20 38.76
N GLY A 404 -38.94 40.32 38.26
CA GLY A 404 -37.93 41.05 38.99
C GLY A 404 -36.62 40.95 38.25
N SER A 405 -36.44 39.93 37.42
CA SER A 405 -35.19 39.75 36.67
C SER A 405 -35.25 40.68 35.47
N THR A 406 -35.28 41.95 35.83
CA THR A 406 -35.38 43.03 34.91
C THR A 406 -34.17 43.22 34.02
N TYR A 407 -33.04 42.64 34.40
CA TYR A 407 -31.79 42.78 33.61
C TYR A 407 -31.82 41.86 32.38
N LYS A 408 -32.76 40.90 32.41
CA LYS A 408 -32.94 39.90 31.37
C LYS A 408 -33.51 40.38 30.02
N LYS A 409 -32.64 40.87 29.16
CA LYS A 409 -33.06 41.39 27.87
C LYS A 409 -32.89 40.42 26.71
N PHE A 410 -33.97 40.15 25.98
CA PHE A 410 -33.84 39.27 24.83
C PHE A 410 -33.25 40.12 23.70
N MET A 411 -32.18 39.64 23.10
CA MET A 411 -31.48 40.37 22.09
C MET A 411 -31.38 39.59 20.76
N VAL A 412 -31.69 40.23 19.64
CA VAL A 412 -31.62 39.57 18.32
C VAL A 412 -30.94 40.53 17.36
N ARG A 413 -29.98 40.02 16.63
CA ARG A 413 -29.23 40.81 15.71
C ARG A 413 -29.05 39.99 14.44
N ILE A 414 -29.38 40.56 13.29
CA ILE A 414 -29.27 39.87 12.01
C ILE A 414 -28.34 40.60 11.06
N VAL A 415 -27.36 39.90 10.52
CA VAL A 415 -26.47 40.49 9.54
C VAL A 415 -26.91 39.92 8.18
N THR A 416 -27.20 40.81 7.25
CA THR A 416 -27.63 40.42 5.94
C THR A 416 -26.64 41.03 4.96
N ASN A 417 -26.64 40.49 3.75
CA ASN A 417 -25.83 41.02 2.67
C ASN A 417 -26.80 42.04 2.10
N HIS A 418 -26.46 43.33 2.21
CA HIS A 418 -27.33 44.41 1.76
C HIS A 418 -27.63 44.52 0.29
N ALA A 419 -26.84 43.84 -0.53
CA ALA A 419 -27.11 43.93 -1.94
C ALA A 419 -28.38 43.13 -2.20
N ASP A 420 -28.36 41.82 -1.97
CA ASP A 420 -29.53 40.97 -2.21
C ASP A 420 -30.38 40.67 -0.99
N GLY A 421 -29.99 41.18 0.18
CA GLY A 421 -30.75 40.94 1.41
C GLY A 421 -30.66 39.54 1.98
N GLU A 422 -29.68 38.78 1.53
CA GLU A 422 -29.47 37.41 2.00
C GLU A 422 -29.07 37.43 3.46
N VAL A 423 -29.75 36.66 4.33
CA VAL A 423 -29.36 36.65 5.75
C VAL A 423 -28.09 35.80 5.98
N LEU A 424 -27.04 36.46 6.49
CA LEU A 424 -25.76 35.81 6.73
C LEU A 424 -25.55 35.38 8.16
N GLY A 425 -26.21 36.03 9.09
CA GLY A 425 -26.02 35.66 10.47
C GLY A 425 -27.17 36.11 11.31
N VAL A 426 -27.71 35.21 12.11
CA VAL A 426 -28.79 35.49 13.04
C VAL A 426 -28.17 35.11 14.38
N HIS A 427 -28.25 36.01 15.37
CA HIS A 427 -27.64 35.82 16.71
C HIS A 427 -28.57 36.19 17.88
N MET A 428 -28.74 35.32 18.84
CA MET A 428 -29.66 35.62 19.95
C MET A 428 -29.12 35.43 21.34
N LEU A 429 -29.71 36.16 22.29
CA LEU A 429 -29.30 36.09 23.69
C LEU A 429 -30.61 36.10 24.43
N GLY A 430 -30.93 35.01 25.11
CA GLY A 430 -32.19 35.00 25.83
C GLY A 430 -32.77 33.60 25.90
N ASP A 431 -33.61 33.39 26.88
CA ASP A 431 -34.21 32.10 27.07
C ASP A 431 -34.87 31.59 25.79
N SER A 432 -34.74 30.30 25.53
CA SER A 432 -35.30 29.61 24.38
C SER A 432 -34.55 29.81 23.07
N SER A 433 -33.55 30.67 23.02
CA SER A 433 -32.83 30.85 21.75
C SER A 433 -32.11 29.61 21.27
N PRO A 434 -31.68 28.74 22.19
CA PRO A 434 -31.12 27.48 21.73
C PRO A 434 -32.13 26.67 20.90
N GLU A 435 -33.41 26.83 21.19
CA GLU A 435 -34.46 26.11 20.51
C GLU A 435 -34.83 26.87 19.23
N ILE A 436 -35.10 28.16 19.37
CA ILE A 436 -35.46 29.06 18.27
C ILE A 436 -34.43 29.12 17.08
N ILE A 437 -33.13 29.04 17.39
CA ILE A 437 -32.07 29.11 16.36
C ILE A 437 -31.96 27.84 15.50
N GLN A 438 -32.44 26.70 16.00
CA GLN A 438 -32.30 25.50 15.22
C GLN A 438 -33.04 25.62 13.87
N SER A 439 -34.24 26.18 13.87
CA SER A 439 -34.93 26.36 12.60
C SER A 439 -34.40 27.53 11.72
N VAL A 440 -33.66 28.47 12.32
CA VAL A 440 -33.09 29.61 11.61
C VAL A 440 -31.94 29.05 10.79
N ALA A 441 -31.26 28.04 11.32
CA ALA A 441 -30.18 27.36 10.60
C ALA A 441 -30.72 26.68 9.30
N ILE A 442 -31.96 26.16 9.39
CA ILE A 442 -32.66 25.52 8.26
C ILE A 442 -32.95 26.59 7.23
N CYS A 443 -33.36 27.76 7.72
CA CYS A 443 -33.64 28.93 6.89
C CYS A 443 -32.38 29.37 6.22
N LEU A 444 -31.39 29.77 6.99
CA LEU A 444 -30.13 30.23 6.44
C LEU A 444 -29.56 29.22 5.50
N LYS A 445 -29.77 27.94 5.76
CA LYS A 445 -29.24 26.89 4.89
C LYS A 445 -29.98 26.85 3.55
N MET A 446 -31.23 27.26 3.56
CA MET A 446 -32.00 27.26 2.33
C MET A 446 -31.79 28.57 1.63
N GLY A 447 -30.84 29.36 2.11
CA GLY A 447 -30.63 30.67 1.52
C GLY A 447 -31.67 31.75 1.81
N ALA A 448 -32.21 31.85 3.05
CA ALA A 448 -33.21 32.89 3.36
C ALA A 448 -32.78 34.37 3.28
N LYS A 449 -33.68 35.23 2.82
CA LYS A 449 -33.42 36.66 2.72
C LYS A 449 -34.20 37.26 3.83
N ILE A 450 -33.86 38.49 4.20
CA ILE A 450 -34.54 39.14 5.31
C ILE A 450 -36.05 39.33 5.07
N SER A 451 -36.50 39.32 3.82
CA SER A 451 -37.94 39.50 3.56
C SER A 451 -38.63 38.20 3.93
N ASP A 452 -37.97 37.09 3.68
CA ASP A 452 -38.52 35.81 4.02
C ASP A 452 -38.89 35.81 5.48
N PHE A 453 -38.04 36.48 6.27
CA PHE A 453 -38.26 36.57 7.70
C PHE A 453 -39.45 37.45 8.02
N TYR A 454 -39.33 38.74 7.73
CA TYR A 454 -40.41 39.65 8.04
C TYR A 454 -41.72 39.45 7.29
N ASN A 455 -41.72 38.58 6.29
CA ASN A 455 -42.94 38.31 5.58
C ASN A 455 -43.70 37.17 6.21
N THR A 456 -43.10 36.50 7.21
CA THR A 456 -43.75 35.37 7.94
C THR A 456 -44.64 35.89 9.04
N ILE A 457 -45.85 35.40 9.16
CA ILE A 457 -46.72 35.90 10.23
C ILE A 457 -46.24 35.39 11.59
N GLY A 458 -46.28 36.31 12.56
CA GLY A 458 -45.79 36.02 13.90
C GLY A 458 -46.63 35.19 14.82
N VAL A 459 -45.94 34.51 15.76
CA VAL A 459 -46.62 33.71 16.78
C VAL A 459 -46.52 34.66 17.97
N HIS A 460 -47.65 34.93 18.62
CA HIS A 460 -47.69 35.93 19.67
C HIS A 460 -48.51 35.33 20.79
N PRO A 461 -48.11 35.56 22.04
CA PRO A 461 -46.88 36.30 22.32
C PRO A 461 -45.75 35.35 22.60
N THR A 462 -44.66 35.46 21.83
CA THR A 462 -43.47 34.64 21.98
C THR A 462 -42.29 35.59 21.81
N SER A 463 -41.08 35.10 22.16
CA SER A 463 -39.81 35.83 22.05
C SER A 463 -39.32 35.75 20.61
N ALA A 464 -39.50 34.58 20.03
CA ALA A 464 -39.10 34.35 18.67
C ALA A 464 -39.78 35.29 17.66
N GLU A 465 -41.03 35.70 17.89
CA GLU A 465 -41.71 36.54 16.91
C GLU A 465 -40.97 37.83 16.59
N GLU A 466 -39.90 38.11 17.30
CA GLU A 466 -39.12 39.33 17.01
C GLU A 466 -38.42 39.19 15.67
N LEU A 467 -38.06 37.96 15.31
CA LEU A 467 -37.37 37.68 14.05
C LEU A 467 -38.14 38.19 12.82
N CYS A 468 -39.46 38.12 12.93
CA CYS A 468 -40.35 38.54 11.88
C CYS A 468 -40.74 39.98 11.98
N SER A 469 -39.99 40.77 12.73
CA SER A 469 -40.35 42.19 12.89
C SER A 469 -39.21 43.13 12.62
N MET A 470 -38.12 42.62 12.08
CA MET A 470 -36.97 43.46 11.81
C MET A 470 -36.90 43.76 10.31
N ARG A 471 -37.48 44.87 9.92
CA ARG A 471 -37.51 45.27 8.52
C ARG A 471 -36.54 46.41 8.22
N THR A 472 -36.07 47.15 9.23
CA THR A 472 -35.15 48.29 9.00
C THR A 472 -33.74 48.17 9.60
N PRO A 473 -32.68 48.20 8.75
CA PRO A 473 -31.31 47.95 9.22
C PRO A 473 -31.00 49.06 10.24
N ALA A 474 -30.04 48.79 11.12
CA ALA A 474 -29.69 49.75 12.15
C ALA A 474 -28.41 50.45 11.73
N TYR A 475 -27.56 49.78 10.99
CA TYR A 475 -26.36 50.44 10.49
C TYR A 475 -25.74 49.51 9.48
N PHE A 476 -24.77 49.99 8.73
CA PHE A 476 -24.14 49.15 7.71
C PHE A 476 -22.66 49.13 7.89
N TYR A 477 -22.03 48.53 6.89
CA TYR A 477 -20.60 48.43 6.72
C TYR A 477 -20.48 48.57 5.19
N GLU A 478 -19.74 49.57 4.74
CA GLU A 478 -19.53 49.77 3.32
C GLU A 478 -18.07 49.55 3.10
N LYS A 479 -17.77 48.49 2.38
CA LYS A 479 -16.42 48.16 2.08
C LYS A 479 -15.63 48.19 3.37
N GLY A 480 -16.04 47.34 4.30
CA GLY A 480 -15.37 47.22 5.58
C GLY A 480 -15.51 48.39 6.55
N LYS A 481 -16.10 49.48 6.12
CA LYS A 481 -16.23 50.60 7.03
C LYS A 481 -17.65 50.79 7.48
N ARG A 482 -17.86 50.74 8.79
CA ARG A 482 -19.20 50.91 9.33
C ARG A 482 -19.63 52.32 9.03
N VAL A 483 -20.88 52.47 8.64
CA VAL A 483 -21.42 53.78 8.32
C VAL A 483 -22.82 53.76 8.83
N GLU A 484 -23.37 54.93 9.13
CA GLU A 484 -24.71 54.98 9.63
C GLU A 484 -25.71 54.85 8.51
N LYS A 485 -25.27 55.12 7.30
CA LYS A 485 -26.13 54.99 6.15
C LYS A 485 -25.35 54.81 4.87
N ILE A 486 -25.93 54.04 3.96
CA ILE A 486 -25.32 53.79 2.67
C ILE A 486 -25.37 55.12 1.89
N ASP A 487 -24.22 55.50 1.33
CA ASP A 487 -24.05 56.72 0.52
C ASP A 487 -23.39 56.36 -0.83
N SER B 1 -64.51 66.34 -0.25
CA SER B 1 -63.23 65.85 0.35
C SER B 1 -63.40 65.55 1.85
N ARG B 2 -64.41 64.73 2.12
CA ARG B 2 -64.80 64.24 3.44
C ARG B 2 -63.94 64.48 4.66
N ALA B 3 -64.62 64.75 5.79
CA ALA B 3 -63.98 65.03 7.08
C ALA B 3 -62.86 64.06 7.44
N TYR B 4 -63.03 62.80 7.08
CA TYR B 4 -62.06 61.76 7.36
C TYR B 4 -61.77 60.90 6.15
N ASP B 5 -60.49 60.54 6.05
CA ASP B 5 -60.00 59.65 4.99
C ASP B 5 -60.30 58.21 5.39
N LEU B 6 -60.25 57.93 6.70
CA LEU B 6 -60.51 56.60 7.23
C LEU B 6 -61.12 56.71 8.59
N VAL B 7 -62.10 55.85 8.85
CA VAL B 7 -62.73 55.78 10.16
C VAL B 7 -62.71 54.30 10.46
N VAL B 8 -61.87 53.91 11.43
CA VAL B 8 -61.70 52.52 11.82
C VAL B 8 -62.61 52.23 13.01
N ILE B 9 -63.47 51.23 12.87
CA ILE B 9 -64.37 50.87 13.95
C ILE B 9 -63.77 49.68 14.68
N GLY B 10 -63.17 49.98 15.84
CA GLY B 10 -62.52 48.96 16.64
C GLY B 10 -61.05 49.31 16.70
N ALA B 11 -60.57 49.62 17.89
CA ALA B 11 -59.16 49.97 18.09
C ALA B 11 -58.40 48.71 18.60
N GLY B 12 -58.72 47.60 17.94
CA GLY B 12 -58.14 46.31 18.24
C GLY B 12 -56.79 46.10 17.55
N SER B 13 -56.42 44.82 17.40
CA SER B 13 -55.15 44.41 16.81
C SER B 13 -54.99 44.86 15.37
N GLY B 14 -56.03 44.63 14.56
CA GLY B 14 -55.99 45.02 13.15
C GLY B 14 -56.33 46.49 12.84
N GLY B 15 -57.35 46.99 13.53
CA GLY B 15 -57.83 48.34 13.37
C GLY B 15 -56.88 49.44 13.83
N LEU B 16 -55.99 49.12 14.76
CA LEU B 16 -55.05 50.12 15.25
C LEU B 16 -53.85 50.20 14.33
N GLU B 17 -53.43 49.06 13.80
CA GLU B 17 -52.31 48.96 12.86
C GLU B 17 -52.68 49.74 11.59
N ALA B 18 -53.89 49.50 11.07
CA ALA B 18 -54.39 50.18 9.89
C ALA B 18 -54.33 51.66 10.16
N GLY B 19 -55.04 52.08 11.19
CA GLY B 19 -55.08 53.49 11.57
C GLY B 19 -53.72 54.17 11.67
N TRP B 20 -52.81 53.60 12.46
CA TRP B 20 -51.49 54.19 12.62
C TRP B 20 -50.71 54.29 11.31
N ASN B 21 -50.79 53.24 10.52
CA ASN B 21 -50.08 53.21 9.25
C ASN B 21 -50.55 54.29 8.31
N ALA B 22 -51.88 54.37 8.15
CA ALA B 22 -52.50 55.32 7.27
C ALA B 22 -52.12 56.72 7.71
N ALA B 23 -52.28 57.01 9.00
CA ALA B 23 -51.93 58.32 9.50
C ALA B 23 -50.43 58.60 9.50
N SER B 24 -49.65 57.76 10.18
CA SER B 24 -48.21 57.98 10.22
C SER B 24 -47.48 57.78 8.90
N LEU B 25 -47.87 56.77 8.13
CA LEU B 25 -47.21 56.49 6.86
C LEU B 25 -47.69 57.23 5.62
N HIS B 26 -48.98 57.58 5.58
CA HIS B 26 -49.57 58.25 4.41
C HIS B 26 -50.38 59.49 4.67
N LYS B 27 -49.99 60.24 5.70
CA LYS B 27 -50.64 61.48 6.06
C LYS B 27 -52.18 61.53 5.86
N LYS B 28 -52.90 60.52 6.33
CA LYS B 28 -54.35 60.50 6.19
C LYS B 28 -54.99 60.95 7.48
N ARG B 29 -56.27 61.29 7.42
CA ARG B 29 -56.99 61.68 8.62
C ARG B 29 -57.65 60.39 9.10
N VAL B 30 -57.45 60.03 10.36
CA VAL B 30 -58.01 58.78 10.83
C VAL B 30 -58.69 58.87 12.15
N ALA B 31 -59.95 58.51 12.16
CA ALA B 31 -60.68 58.50 13.40
C ALA B 31 -60.72 57.02 13.76
N VAL B 32 -60.31 56.68 14.97
CA VAL B 32 -60.37 55.29 15.38
C VAL B 32 -61.43 55.35 16.45
N ILE B 33 -62.18 54.26 16.59
CA ILE B 33 -63.30 54.21 17.53
C ILE B 33 -63.33 52.95 18.41
N ASP B 34 -63.37 53.14 19.72
CA ASP B 34 -63.45 52.01 20.63
C ASP B 34 -64.28 52.47 21.79
N LEU B 35 -64.84 51.51 22.49
CA LEU B 35 -65.71 51.69 23.61
C LEU B 35 -65.12 52.17 24.92
N GLN B 36 -63.83 51.98 25.18
CA GLN B 36 -63.25 52.50 26.45
C GLN B 36 -61.78 52.73 26.28
N LYS B 37 -61.13 53.34 27.27
CA LYS B 37 -59.69 53.59 27.18
C LYS B 37 -58.85 52.64 28.03
N HIS B 38 -59.39 52.14 29.14
CA HIS B 38 -58.61 51.24 29.97
C HIS B 38 -59.26 49.88 30.04
N HIS B 39 -58.44 48.86 30.20
CA HIS B 39 -58.93 47.49 30.28
C HIS B 39 -59.98 47.31 31.37
N GLY B 40 -60.68 46.18 31.35
CA GLY B 40 -61.63 45.86 32.40
C GLY B 40 -63.08 46.23 32.25
N PRO B 41 -63.97 45.55 33.01
CA PRO B 41 -65.41 45.81 32.97
C PRO B 41 -65.69 47.30 32.93
N PRO B 42 -66.71 47.72 32.16
CA PRO B 42 -67.81 46.89 31.66
C PRO B 42 -67.61 46.26 30.26
N HIS B 43 -66.64 46.77 29.49
CA HIS B 43 -66.41 46.24 28.15
C HIS B 43 -65.26 45.31 27.97
N TYR B 44 -64.48 45.15 29.04
CA TYR B 44 -63.34 44.27 29.09
C TYR B 44 -62.31 44.67 28.07
N ALA B 45 -62.64 44.55 26.79
CA ALA B 45 -61.71 44.96 25.73
C ALA B 45 -61.76 46.48 25.71
N ALA B 46 -60.79 47.08 25.08
CA ALA B 46 -60.74 48.52 25.04
C ALA B 46 -59.68 48.91 24.01
N LEU B 47 -59.21 50.14 24.05
CA LEU B 47 -58.22 50.59 23.09
C LEU B 47 -57.03 49.60 23.10
N GLY B 48 -56.78 48.96 21.95
CA GLY B 48 -55.73 47.96 21.83
C GLY B 48 -56.34 46.61 21.51
N GLY B 49 -57.64 46.51 21.74
CA GLY B 49 -58.39 45.32 21.43
C GLY B 49 -58.30 44.20 22.42
N THR B 50 -58.90 43.07 22.06
CA THR B 50 -58.94 41.88 22.90
C THR B 50 -57.58 41.35 23.29
N CYS B 51 -56.61 41.36 22.36
CA CYS B 51 -55.29 40.82 22.72
C CYS B 51 -54.65 41.50 23.94
N VAL B 52 -54.38 42.79 23.84
CA VAL B 52 -53.75 43.52 24.97
C VAL B 52 -54.53 43.45 26.30
N ASN B 53 -55.83 43.73 26.22
CA ASN B 53 -56.67 43.80 27.38
C ASN B 53 -57.14 42.49 27.94
N VAL B 54 -57.81 41.68 27.15
CA VAL B 54 -58.29 40.43 27.70
C VAL B 54 -57.94 39.29 26.80
N GLY B 55 -56.70 39.29 26.34
CA GLY B 55 -56.29 38.25 25.43
C GLY B 55 -54.91 37.72 25.70
N CYS B 56 -54.10 37.68 24.65
CA CYS B 56 -52.75 37.17 24.65
C CYS B 56 -51.88 37.71 25.74
N VAL B 57 -51.94 39.00 25.99
CA VAL B 57 -51.08 39.57 27.02
C VAL B 57 -51.29 39.08 28.45
N PRO B 58 -52.40 39.43 29.09
CA PRO B 58 -52.64 38.86 30.40
C PRO B 58 -52.74 37.35 30.42
N LYS B 59 -53.25 36.75 29.37
CA LYS B 59 -53.38 35.30 29.31
C LYS B 59 -51.98 34.65 29.46
N LYS B 60 -50.98 35.19 28.76
CA LYS B 60 -49.63 34.65 28.80
C LYS B 60 -48.96 34.89 30.14
N LEU B 61 -49.13 36.07 30.72
CA LEU B 61 -48.53 36.37 32.05
C LEU B 61 -49.06 35.38 33.08
N MET B 62 -50.36 35.15 33.01
CA MET B 62 -51.05 34.21 33.86
C MET B 62 -50.59 32.78 33.60
N VAL B 63 -50.35 32.40 32.35
CA VAL B 63 -49.91 31.02 32.06
C VAL B 63 -48.48 30.90 32.52
N THR B 64 -47.78 32.03 32.56
CA THR B 64 -46.41 32.03 33.03
C THR B 64 -46.49 31.69 34.51
N GLY B 65 -47.36 32.41 35.23
CA GLY B 65 -47.53 32.15 36.64
C GLY B 65 -47.90 30.69 36.90
N ALA B 66 -48.86 30.17 36.15
CA ALA B 66 -49.30 28.83 36.38
C ALA B 66 -48.20 27.85 36.29
N ASN B 67 -47.15 28.20 35.53
CA ASN B 67 -46.05 27.27 35.35
C ASN B 67 -45.19 26.99 36.54
N TYR B 68 -44.99 27.98 37.41
CA TYR B 68 -44.17 27.80 38.60
C TYR B 68 -44.63 26.66 39.42
N MET B 69 -45.91 26.38 39.39
CA MET B 69 -46.31 25.24 40.16
C MET B 69 -45.49 24.01 39.72
N ASP B 70 -45.26 23.85 38.43
CA ASP B 70 -44.52 22.70 38.00
C ASP B 70 -43.05 22.82 38.20
N THR B 71 -42.51 24.03 38.02
CA THR B 71 -41.08 24.15 38.16
C THR B 71 -40.66 23.98 39.58
N ILE B 72 -41.36 24.65 40.48
CA ILE B 72 -41.07 24.53 41.91
C ILE B 72 -41.10 23.05 42.27
N ARG B 73 -42.07 22.33 41.71
CA ARG B 73 -42.20 20.92 41.95
C ARG B 73 -41.04 20.12 41.39
N GLU B 74 -40.73 20.38 40.14
CA GLU B 74 -39.66 19.71 39.44
C GLU B 74 -38.26 20.03 39.92
N SER B 75 -38.11 21.18 40.58
CA SER B 75 -36.82 21.65 41.12
C SER B 75 -36.29 20.61 42.08
N ALA B 76 -37.22 19.87 42.69
CA ALA B 76 -36.85 18.83 43.63
C ALA B 76 -35.80 17.84 43.13
N GLY B 77 -36.06 17.17 42.01
CA GLY B 77 -35.12 16.17 41.48
C GLY B 77 -33.75 16.74 41.10
N PHE B 78 -33.63 18.05 41.08
CA PHE B 78 -32.38 18.70 40.78
C PHE B 78 -31.61 19.21 42.00
N GLY B 79 -31.99 18.78 43.18
CA GLY B 79 -31.26 19.17 44.37
C GLY B 79 -31.71 20.39 45.12
N TRP B 80 -32.86 20.95 44.81
CA TRP B 80 -33.31 22.14 45.52
C TRP B 80 -34.21 21.68 46.60
N GLU B 81 -33.84 22.09 47.82
CA GLU B 81 -34.55 21.76 49.05
C GLU B 81 -35.21 23.02 49.50
N LEU B 82 -36.45 22.91 49.92
CA LEU B 82 -37.22 24.06 50.41
C LEU B 82 -38.41 23.53 51.23
N ASP B 83 -39.04 24.39 52.02
CA ASP B 83 -40.18 23.94 52.82
C ASP B 83 -41.35 23.86 51.84
N ARG B 84 -41.51 22.71 51.23
CA ARG B 84 -42.55 22.53 50.24
C ARG B 84 -44.00 22.55 50.74
N GLU B 85 -44.25 22.31 52.03
CA GLU B 85 -45.63 22.33 52.49
C GLU B 85 -46.03 23.77 52.67
N SER B 86 -45.02 24.61 52.72
CA SER B 86 -45.27 26.01 52.87
C SER B 86 -45.63 26.68 51.56
N VAL B 87 -45.54 26.01 50.40
CA VAL B 87 -45.83 26.69 49.11
C VAL B 87 -47.33 27.10 49.02
N ARG B 88 -47.61 28.35 48.70
CA ARG B 88 -49.00 28.81 48.63
C ARG B 88 -49.06 29.83 47.53
N PRO B 89 -49.85 29.54 46.48
CA PRO B 89 -50.09 30.45 45.37
C PRO B 89 -51.01 31.55 45.80
N ASN B 90 -50.71 32.76 45.35
CA ASN B 90 -51.48 33.94 45.66
C ASN B 90 -52.05 34.57 44.39
N TRP B 91 -53.34 34.32 44.20
CA TRP B 91 -54.09 34.78 43.04
C TRP B 91 -54.24 36.28 42.93
N LYS B 92 -54.41 36.92 44.06
CA LYS B 92 -54.56 38.37 44.14
C LYS B 92 -53.25 39.02 43.74
N ALA B 93 -52.17 38.42 44.23
CA ALA B 93 -50.84 38.88 43.95
C ALA B 93 -50.67 38.98 42.45
N LEU B 94 -51.04 37.88 41.81
CA LEU B 94 -50.95 37.67 40.38
C LEU B 94 -51.78 38.68 39.61
N ILE B 95 -53.11 38.64 39.80
CA ILE B 95 -54.04 39.57 39.13
C ILE B 95 -53.58 41.03 39.19
N ALA B 96 -53.09 41.47 40.35
CA ALA B 96 -52.61 42.86 40.51
C ALA B 96 -51.39 43.19 39.66
N ALA B 97 -50.59 42.16 39.36
CA ALA B 97 -49.41 42.32 38.54
C ALA B 97 -49.87 42.49 37.11
N LYS B 98 -50.77 41.59 36.70
CA LYS B 98 -51.34 41.57 35.35
C LYS B 98 -51.95 42.94 35.11
N ASN B 99 -52.84 43.38 35.99
CA ASN B 99 -53.50 44.67 35.90
C ASN B 99 -52.47 45.76 35.75
N LYS B 100 -51.44 45.71 36.56
CA LYS B 100 -50.41 46.71 36.40
C LYS B 100 -49.78 46.66 34.97
N ALA B 101 -49.65 45.48 34.39
CA ALA B 101 -49.02 45.39 33.08
C ALA B 101 -49.86 45.91 31.93
N VAL B 102 -51.10 45.41 31.85
CA VAL B 102 -52.07 45.75 30.82
C VAL B 102 -52.43 47.22 30.84
N SER B 103 -52.55 47.81 32.03
CA SER B 103 -52.81 49.27 32.18
C SER B 103 -51.59 50.02 31.64
N GLY B 104 -50.40 49.44 31.78
CA GLY B 104 -49.21 50.10 31.28
C GLY B 104 -49.26 50.21 29.78
N ILE B 105 -49.78 49.16 29.15
CA ILE B 105 -49.93 49.15 27.70
C ILE B 105 -51.02 50.19 27.35
N ASN B 106 -52.16 50.13 28.02
CA ASN B 106 -53.21 51.11 27.76
C ASN B 106 -52.64 52.54 27.76
N ASP B 107 -51.84 52.87 28.76
CA ASP B 107 -51.27 54.22 28.84
C ASP B 107 -50.41 54.61 27.67
N SER B 108 -49.74 53.64 27.07
CA SER B 108 -48.87 53.92 25.94
C SER B 108 -49.64 54.20 24.63
N TYR B 109 -50.84 53.65 24.55
CA TYR B 109 -51.71 53.86 23.40
C TYR B 109 -52.19 55.30 23.43
N GLU B 110 -52.44 55.82 24.63
CA GLU B 110 -52.88 57.20 24.79
C GLU B 110 -51.86 58.24 24.31
N GLY B 111 -50.59 58.03 24.59
CA GLY B 111 -49.58 58.96 24.12
C GLY B 111 -49.30 58.77 22.62
N MET B 112 -49.67 57.61 22.09
CA MET B 112 -49.48 57.31 20.67
C MET B 112 -50.29 58.21 19.77
N PHE B 113 -51.32 58.85 20.32
CA PHE B 113 -52.17 59.76 19.55
C PHE B 113 -51.65 61.20 19.61
N ALA B 114 -51.04 61.57 20.73
CA ALA B 114 -50.49 62.91 20.90
C ALA B 114 -49.15 63.04 20.17
N ASP B 115 -48.87 62.05 19.32
CA ASP B 115 -47.63 62.00 18.55
C ASP B 115 -47.92 61.79 17.05
N THR B 116 -49.18 61.53 16.74
CA THR B 116 -49.55 61.26 15.35
C THR B 116 -50.56 62.25 14.77
N GLU B 117 -50.08 63.09 13.85
CA GLU B 117 -50.93 64.09 13.20
C GLU B 117 -51.98 63.36 12.40
N GLY B 118 -53.24 63.69 12.64
CA GLY B 118 -54.33 63.03 11.92
C GLY B 118 -55.00 61.88 12.65
N LEU B 119 -54.25 61.15 13.47
CA LEU B 119 -54.83 60.04 14.22
C LEU B 119 -55.67 60.59 15.36
N THR B 120 -56.95 60.21 15.39
CA THR B 120 -57.84 60.69 16.42
C THR B 120 -58.62 59.56 17.03
N PHE B 121 -58.69 59.54 18.38
CA PHE B 121 -59.48 58.50 19.05
C PHE B 121 -60.84 59.10 19.32
N HIS B 122 -61.85 58.25 19.36
CA HIS B 122 -63.23 58.65 19.56
C HIS B 122 -63.92 57.59 20.40
N GLN B 123 -64.35 57.96 21.60
CA GLN B 123 -64.97 56.95 22.45
C GLN B 123 -66.46 56.75 22.24
N GLY B 124 -66.90 55.49 22.17
CA GLY B 124 -68.32 55.21 21.98
C GLY B 124 -68.68 54.00 21.12
N PHE B 125 -69.97 53.70 21.00
CA PHE B 125 -70.36 52.58 20.15
C PHE B 125 -70.53 53.02 18.71
N GLY B 126 -69.58 52.65 17.86
CA GLY B 126 -69.65 53.00 16.45
C GLY B 126 -70.73 52.16 15.76
N ALA B 127 -71.29 52.71 14.68
CA ALA B 127 -72.32 52.06 13.87
C ALA B 127 -72.42 52.90 12.62
N LEU B 128 -72.89 52.32 11.55
CA LEU B 128 -72.97 53.05 10.31
C LEU B 128 -74.38 53.60 10.03
N GLN B 129 -74.41 54.81 9.46
CA GLN B 129 -75.69 55.46 9.06
C GLN B 129 -75.89 55.28 7.56
N ASP B 130 -74.76 55.35 6.84
CA ASP B 130 -74.67 55.18 5.40
C ASP B 130 -73.18 54.94 5.13
N ASN B 131 -72.83 54.47 3.92
CA ASN B 131 -71.44 54.15 3.58
C ASN B 131 -70.37 55.28 3.67
N HIS B 132 -70.67 56.37 4.37
CA HIS B 132 -69.70 57.44 4.52
C HIS B 132 -69.97 58.15 5.83
N THR B 133 -71.00 57.68 6.50
CA THR B 133 -71.41 58.22 7.76
C THR B 133 -71.20 57.12 8.83
N VAL B 134 -70.37 57.44 9.84
CA VAL B 134 -70.09 56.53 10.96
C VAL B 134 -70.53 57.24 12.24
N LEU B 135 -71.65 56.81 12.79
CA LEU B 135 -72.17 57.39 14.01
C LEU B 135 -71.44 56.82 15.23
N VAL B 136 -71.25 57.65 16.26
CA VAL B 136 -70.64 57.23 17.51
C VAL B 136 -71.75 57.39 18.55
N ARG B 137 -72.32 56.29 19.04
CA ARG B 137 -73.40 56.38 20.01
C ARG B 137 -72.97 56.11 21.39
N GLU B 138 -73.67 56.71 22.35
CA GLU B 138 -73.28 56.49 23.70
C GLU B 138 -73.59 55.10 24.17
N SER B 139 -74.33 54.37 23.35
CA SER B 139 -74.70 53.00 23.66
C SER B 139 -74.91 52.11 22.43
N ALA B 140 -75.06 50.80 22.67
CA ALA B 140 -75.27 49.79 21.61
C ALA B 140 -76.69 49.76 21.06
N ASP B 141 -77.61 50.37 21.81
CA ASP B 141 -79.02 50.46 21.45
C ASP B 141 -79.12 51.40 20.24
N PRO B 142 -79.62 50.90 19.10
CA PRO B 142 -79.91 51.62 17.84
C PRO B 142 -80.41 53.09 17.88
N ASN B 143 -81.25 53.43 18.85
CA ASN B 143 -81.77 54.80 18.94
C ASN B 143 -81.18 55.59 20.09
N SER B 144 -80.10 55.08 20.64
CA SER B 144 -79.42 55.75 21.73
C SER B 144 -78.78 57.02 21.22
N ALA B 145 -78.44 57.90 22.15
CA ALA B 145 -77.86 59.18 21.84
C ALA B 145 -76.69 59.06 20.89
N VAL B 146 -76.61 59.98 19.94
CA VAL B 146 -75.54 60.03 18.94
C VAL B 146 -74.51 61.07 19.32
N LEU B 147 -73.38 60.62 19.86
CA LEU B 147 -72.31 61.50 20.28
C LEU B 147 -71.65 62.18 19.10
N GLU B 148 -71.33 61.41 18.09
CA GLU B 148 -70.67 61.93 16.89
C GLU B 148 -71.25 61.43 15.59
N THR B 149 -70.76 62.05 14.51
CA THR B 149 -71.12 61.73 13.13
C THR B 149 -69.86 62.09 12.35
N LEU B 150 -69.14 61.03 11.98
CA LEU B 150 -67.89 61.21 11.28
C LEU B 150 -68.14 60.90 9.82
N ASP B 151 -67.77 61.88 8.99
CA ASP B 151 -67.93 61.77 7.55
C ASP B 151 -66.62 61.26 7.02
N THR B 152 -66.67 60.18 6.26
CA THR B 152 -65.44 59.60 5.77
C THR B 152 -65.50 58.94 4.45
N GLU B 153 -64.30 58.90 3.85
CA GLU B 153 -64.06 58.30 2.55
C GLU B 153 -64.15 56.77 2.65
N TYR B 154 -63.26 56.17 3.46
CA TYR B 154 -63.27 54.71 3.64
C TYR B 154 -63.56 54.42 5.09
N ILE B 155 -64.08 53.22 5.32
CA ILE B 155 -64.48 52.73 6.64
C ILE B 155 -63.91 51.33 6.85
N LEU B 156 -63.12 51.12 7.90
CA LEU B 156 -62.58 49.78 8.14
C LEU B 156 -63.40 49.27 9.26
N LEU B 157 -63.81 48.00 9.20
CA LEU B 157 -64.59 47.37 10.26
C LEU B 157 -63.76 46.27 10.92
N ALA B 158 -63.16 46.60 12.07
CA ALA B 158 -62.28 45.72 12.84
C ALA B 158 -62.77 45.61 14.29
N THR B 159 -63.96 45.10 14.48
CA THR B 159 -64.60 45.03 15.79
C THR B 159 -64.47 43.73 16.60
N GLY B 160 -63.50 42.90 16.21
CA GLY B 160 -63.25 41.64 16.87
C GLY B 160 -64.35 40.62 16.94
N SER B 161 -64.28 39.78 17.96
CA SER B 161 -65.28 38.76 18.23
C SER B 161 -65.76 38.88 19.70
N TRP B 162 -66.40 37.84 20.24
CA TRP B 162 -66.90 37.97 21.59
C TRP B 162 -67.36 36.62 22.10
N PRO B 163 -67.26 36.42 23.39
CA PRO B 163 -67.51 35.07 23.88
C PRO B 163 -68.91 34.55 23.53
N GLN B 164 -69.01 33.25 23.26
CA GLN B 164 -70.28 32.63 22.94
C GLN B 164 -70.83 31.92 24.19
N HIS B 165 -72.13 32.03 24.42
CA HIS B 165 -72.78 31.43 25.59
C HIS B 165 -73.63 30.33 25.07
N LEU B 166 -74.00 29.37 25.92
CA LEU B 166 -74.94 28.34 25.45
C LEU B 166 -76.34 28.67 25.97
N GLY B 167 -77.38 28.32 25.24
CA GLY B 167 -78.73 28.62 25.70
C GLY B 167 -79.27 27.65 26.76
N ILE B 168 -78.71 27.73 27.97
CA ILE B 168 -79.15 26.86 29.05
C ILE B 168 -79.64 27.66 30.26
N GLU B 169 -80.33 26.97 31.16
CA GLU B 169 -80.84 27.54 32.40
C GLU B 169 -79.56 27.72 33.25
N GLY B 170 -79.34 28.91 33.78
CA GLY B 170 -78.14 29.11 34.59
C GLY B 170 -76.92 29.55 33.79
N ASP B 171 -77.14 30.02 32.54
CA ASP B 171 -76.03 30.48 31.69
C ASP B 171 -75.44 31.68 32.37
N ASP B 172 -76.31 32.46 33.00
CA ASP B 172 -75.89 33.68 33.73
C ASP B 172 -75.20 33.41 35.07
N LEU B 173 -75.08 32.14 35.43
CA LEU B 173 -74.34 31.77 36.63
C LEU B 173 -72.89 31.37 36.19
N CYS B 174 -72.59 31.56 34.91
CA CYS B 174 -71.29 31.20 34.41
C CYS B 174 -70.60 32.45 33.98
N ILE B 175 -69.28 32.37 33.94
CA ILE B 175 -68.54 33.53 33.50
C ILE B 175 -67.86 33.10 32.21
N THR B 176 -67.23 34.03 31.54
CA THR B 176 -66.54 33.71 30.32
C THR B 176 -65.10 34.10 30.53
N SER B 177 -64.32 34.02 29.46
CA SER B 177 -62.92 34.38 29.51
C SER B 177 -62.78 35.81 30.00
N ASN B 178 -63.73 36.64 29.64
CA ASN B 178 -63.68 38.04 29.99
C ASN B 178 -63.63 38.29 31.49
N GLU B 179 -64.50 37.63 32.23
CA GLU B 179 -64.61 37.80 33.70
C GLU B 179 -63.40 37.20 34.30
N ALA B 180 -63.17 35.92 34.02
CA ALA B 180 -62.04 35.15 34.51
C ALA B 180 -60.75 35.96 34.77
N PHE B 181 -60.46 36.96 33.94
CA PHE B 181 -59.26 37.79 34.10
C PHE B 181 -59.37 38.76 35.29
N TYR B 182 -60.50 38.76 35.96
CA TYR B 182 -60.75 39.65 37.09
C TYR B 182 -61.28 38.95 38.33
N LEU B 183 -61.27 37.61 38.34
CA LEU B 183 -61.73 36.85 39.51
C LEU B 183 -61.02 37.40 40.76
N ASP B 184 -61.79 37.59 41.83
CA ASP B 184 -61.26 38.15 43.07
C ASP B 184 -60.35 37.14 43.76
N GLU B 185 -60.80 35.89 43.78
CA GLU B 185 -60.05 34.79 44.36
C GLU B 185 -60.21 33.62 43.40
N ALA B 186 -59.11 32.88 43.24
CA ALA B 186 -59.02 31.74 42.35
C ALA B 186 -59.99 30.63 42.72
N PRO B 187 -60.72 30.08 41.73
CA PRO B 187 -61.66 29.02 42.16
C PRO B 187 -60.97 27.76 42.68
N LYS B 188 -61.59 27.12 43.66
CA LYS B 188 -61.09 25.87 44.22
C LYS B 188 -61.60 24.78 43.24
N ARG B 189 -62.91 24.75 42.99
CA ARG B 189 -63.44 23.83 41.99
C ARG B 189 -63.83 24.77 40.88
N ALA B 190 -63.43 24.49 39.64
CA ALA B 190 -63.81 25.34 38.52
C ALA B 190 -64.18 24.42 37.41
N LEU B 191 -65.11 24.85 36.56
CA LEU B 191 -65.45 24.01 35.41
C LEU B 191 -65.23 24.83 34.20
N CYS B 192 -64.38 24.30 33.32
CA CYS B 192 -64.08 24.91 32.03
C CYS B 192 -64.89 24.15 30.98
N VAL B 193 -65.81 24.85 30.34
CA VAL B 193 -66.64 24.23 29.35
C VAL B 193 -66.10 24.63 28.00
N GLY B 194 -65.75 23.61 27.22
CA GLY B 194 -65.23 23.84 25.87
C GLY B 194 -63.90 23.19 25.63
N GLY B 195 -63.66 22.76 24.40
CA GLY B 195 -62.39 22.13 24.10
C GLY B 195 -61.41 22.98 23.30
N GLY B 196 -61.74 24.27 23.15
CA GLY B 196 -60.90 25.19 22.39
C GLY B 196 -59.63 25.45 23.15
N TYR B 197 -58.81 26.38 22.65
CA TYR B 197 -57.55 26.64 23.30
C TYR B 197 -57.79 27.60 24.43
N ILE B 198 -58.82 28.42 24.34
CA ILE B 198 -59.02 29.37 25.45
C ILE B 198 -59.35 28.65 26.75
N SER B 199 -60.14 27.59 26.60
CA SER B 199 -60.63 26.79 27.72
C SER B 199 -59.54 25.88 28.30
N ILE B 200 -58.71 25.32 27.41
CA ILE B 200 -57.62 24.48 27.81
C ILE B 200 -56.58 25.36 28.50
N GLU B 201 -56.43 26.59 28.07
CA GLU B 201 -55.50 27.48 28.72
C GLU B 201 -55.92 27.89 30.12
N PHE B 202 -57.17 28.26 30.30
CA PHE B 202 -57.64 28.69 31.58
C PHE B 202 -57.75 27.53 32.59
N ALA B 203 -57.82 26.30 32.14
CA ALA B 203 -57.95 25.19 33.07
C ALA B 203 -56.59 25.03 33.68
N GLY B 204 -55.61 25.16 32.82
CA GLY B 204 -54.23 25.03 33.24
C GLY B 204 -53.91 26.11 34.21
N ILE B 205 -54.52 27.28 34.08
CA ILE B 205 -54.28 28.38 34.99
C ILE B 205 -54.98 28.11 36.33
N PHE B 206 -56.25 27.74 36.26
CA PHE B 206 -57.04 27.47 37.45
C PHE B 206 -56.53 26.30 38.27
N ASN B 207 -55.83 25.39 37.63
CA ASN B 207 -55.29 24.21 38.27
C ASN B 207 -53.97 24.53 38.98
N ALA B 208 -53.26 25.61 38.64
CA ALA B 208 -51.99 25.94 39.30
C ALA B 208 -52.25 26.80 40.51
N TYR B 209 -53.35 27.54 40.45
CA TYR B 209 -53.74 28.43 41.52
C TYR B 209 -54.89 28.04 42.39
N LYS B 210 -55.26 26.76 42.40
CA LYS B 210 -56.38 26.24 43.22
C LYS B 210 -55.97 25.92 44.67
N ALA B 211 -56.91 26.10 45.61
CA ALA B 211 -56.66 25.82 47.01
C ALA B 211 -56.35 24.36 47.15
N ARG B 212 -55.47 23.99 48.06
CA ARG B 212 -55.15 22.57 48.20
C ARG B 212 -56.42 21.72 48.33
N GLY B 213 -56.48 20.68 47.50
CA GLY B 213 -57.65 19.82 47.50
C GLY B 213 -58.58 20.09 46.32
N GLY B 214 -58.56 21.33 45.83
CA GLY B 214 -59.40 21.72 44.69
C GLY B 214 -59.35 20.83 43.47
N GLN B 215 -60.22 21.15 42.50
CA GLN B 215 -60.38 20.36 41.28
C GLN B 215 -60.70 21.26 40.11
N VAL B 216 -60.24 20.84 38.93
CA VAL B 216 -60.44 21.56 37.67
C VAL B 216 -60.91 20.53 36.63
N ASP B 217 -62.16 20.74 36.24
CA ASP B 217 -62.84 19.88 35.30
C ASP B 217 -62.93 20.61 34.03
N LEU B 218 -62.62 19.91 32.94
CA LEU B 218 -62.73 20.50 31.62
C LEU B 218 -63.76 19.60 30.97
N ALA B 219 -64.93 20.18 30.66
CA ALA B 219 -66.07 19.48 30.07
C ALA B 219 -66.10 19.96 28.64
N TYR B 220 -66.22 19.02 27.70
CA TYR B 220 -66.27 19.29 26.27
C TYR B 220 -67.21 18.30 25.74
N ARG B 221 -68.05 18.82 24.87
CA ARG B 221 -69.13 18.12 24.19
C ARG B 221 -68.75 16.87 23.41
N GLY B 222 -67.69 17.00 22.64
CA GLY B 222 -67.22 15.96 21.77
C GLY B 222 -66.37 14.91 22.35
N ASP B 223 -65.66 14.25 21.47
CA ASP B 223 -64.82 13.14 21.87
C ASP B 223 -63.39 13.49 22.20
N MET B 224 -62.90 14.57 21.60
CA MET B 224 -61.52 14.92 21.87
C MET B 224 -61.43 16.41 21.79
N ILE B 225 -60.70 17.00 22.72
CA ILE B 225 -60.53 18.44 22.80
C ILE B 225 -59.65 18.98 21.68
N LEU B 226 -59.60 20.30 21.55
CA LEU B 226 -58.81 20.96 20.53
C LEU B 226 -59.03 20.44 19.14
N ARG B 227 -60.24 20.65 18.66
CA ARG B 227 -60.65 20.24 17.34
C ARG B 227 -59.97 21.26 16.38
N GLY B 228 -59.29 20.68 15.40
CA GLY B 228 -58.61 21.47 14.39
C GLY B 228 -57.11 21.21 14.40
N PHE B 229 -56.65 20.61 15.49
CA PHE B 229 -55.23 20.35 15.64
C PHE B 229 -55.01 18.89 15.39
N ASP B 230 -53.75 18.54 15.23
CA ASP B 230 -53.31 17.17 14.99
C ASP B 230 -53.98 16.31 16.03
N SER B 231 -54.62 15.25 15.56
CA SER B 231 -55.34 14.31 16.41
C SER B 231 -54.43 13.46 17.28
N GLU B 232 -53.27 13.14 16.77
CA GLU B 232 -52.33 12.38 17.57
C GLU B 232 -51.87 13.23 18.78
N LEU B 233 -51.70 14.55 18.58
CA LEU B 233 -51.27 15.49 19.62
C LEU B 233 -52.40 15.77 20.54
N ARG B 234 -53.61 15.78 20.00
CA ARG B 234 -54.81 16.01 20.79
C ARG B 234 -54.96 14.96 21.84
N LYS B 235 -54.57 13.73 21.52
CA LYS B 235 -54.67 12.64 22.47
C LYS B 235 -53.57 12.84 23.48
N GLN B 236 -52.36 13.10 23.01
CA GLN B 236 -51.21 13.30 23.89
C GLN B 236 -51.49 14.44 24.94
N LEU B 237 -51.87 15.63 24.46
CA LEU B 237 -52.23 16.73 25.36
C LEU B 237 -53.27 16.33 26.41
N THR B 238 -54.23 15.49 26.05
CA THR B 238 -55.27 15.09 26.96
C THR B 238 -54.68 14.27 28.10
N GLU B 239 -53.70 13.46 27.77
CA GLU B 239 -53.10 12.59 28.76
C GLU B 239 -52.24 13.33 29.71
N GLN B 240 -51.55 14.37 29.25
CA GLN B 240 -50.66 15.09 30.15
C GLN B 240 -51.39 16.10 30.99
N LEU B 241 -52.50 16.62 30.46
CA LEU B 241 -53.35 17.56 31.17
C LEU B 241 -53.99 16.80 32.35
N ARG B 242 -54.39 15.58 32.09
CA ARG B 242 -54.98 14.71 33.07
C ARG B 242 -53.89 14.35 34.05
N ALA B 243 -52.68 14.16 33.55
CA ALA B 243 -51.58 13.84 34.43
C ALA B 243 -51.35 15.01 35.41
N ASN B 244 -51.65 16.24 35.03
CA ASN B 244 -51.46 17.29 36.02
C ASN B 244 -52.66 17.54 36.92
N GLY B 245 -53.58 16.57 36.99
CA GLY B 245 -54.77 16.68 37.85
C GLY B 245 -56.03 17.35 37.26
N ILE B 246 -56.00 17.63 35.97
CA ILE B 246 -57.15 18.21 35.28
C ILE B 246 -58.01 17.04 34.80
N ASN B 247 -59.30 17.08 35.13
CA ASN B 247 -60.27 16.04 34.78
C ASN B 247 -60.86 16.28 33.38
N VAL B 248 -60.38 15.59 32.36
CA VAL B 248 -60.91 15.87 31.02
C VAL B 248 -62.20 15.06 30.84
N ARG B 249 -63.28 15.77 30.63
CA ARG B 249 -64.59 15.13 30.48
C ARG B 249 -65.10 15.33 29.05
N THR B 250 -64.81 14.38 28.16
CA THR B 250 -65.31 14.52 26.82
C THR B 250 -66.70 13.94 26.85
N HIS B 251 -67.56 14.42 25.96
CA HIS B 251 -68.97 14.04 25.91
C HIS B 251 -69.76 14.60 27.05
N GLU B 252 -69.35 15.76 27.57
CA GLU B 252 -70.11 16.39 28.66
C GLU B 252 -70.56 17.75 28.21
N ASN B 253 -71.66 18.22 28.78
CA ASN B 253 -72.18 19.55 28.47
C ASN B 253 -73.07 19.99 29.64
N PRO B 254 -72.86 21.22 30.15
CA PRO B 254 -73.80 21.64 31.16
C PRO B 254 -75.18 21.56 30.56
N ALA B 255 -76.12 21.05 31.35
CA ALA B 255 -77.53 20.96 30.97
C ALA B 255 -78.36 22.03 31.69
N LYS B 256 -78.09 22.21 32.98
CA LYS B 256 -78.80 23.19 33.80
C LYS B 256 -77.85 23.66 34.85
N VAL B 257 -77.61 24.97 34.92
CA VAL B 257 -76.69 25.50 35.96
C VAL B 257 -77.48 26.19 37.06
N THR B 258 -77.20 25.85 38.32
CA THR B 258 -77.93 26.48 39.42
C THR B 258 -77.00 27.00 40.52
N LYS B 259 -77.51 27.95 41.28
CA LYS B 259 -76.75 28.53 42.35
C LYS B 259 -77.06 27.83 43.67
N ASN B 260 -76.00 27.47 44.37
CA ASN B 260 -76.13 26.86 45.66
C ASN B 260 -76.24 28.03 46.62
N ALA B 261 -76.73 27.73 47.82
CA ALA B 261 -76.88 28.77 48.84
C ALA B 261 -75.56 29.45 49.10
N ASP B 262 -74.49 28.67 49.20
CA ASP B 262 -73.19 29.26 49.46
C ASP B 262 -72.60 30.02 48.26
N GLY B 263 -73.41 30.23 47.21
CA GLY B 263 -72.94 30.97 46.06
C GLY B 263 -72.24 30.18 44.96
N THR B 264 -71.80 28.97 45.31
CA THR B 264 -71.15 28.09 44.36
C THR B 264 -72.22 27.58 43.41
N ARG B 265 -71.84 27.12 42.23
CA ARG B 265 -72.82 26.64 41.27
C ARG B 265 -73.00 25.12 41.27
N HIS B 266 -74.24 24.69 41.14
CA HIS B 266 -74.45 23.28 41.04
C HIS B 266 -74.69 23.05 39.54
N VAL B 267 -73.99 22.10 38.93
CA VAL B 267 -74.21 21.84 37.50
C VAL B 267 -74.80 20.46 37.25
N VAL B 268 -75.71 20.37 36.29
CA VAL B 268 -76.21 19.04 35.96
C VAL B 268 -75.82 18.83 34.50
N PHE B 269 -74.88 17.94 34.25
CA PHE B 269 -74.47 17.68 32.87
C PHE B 269 -75.56 16.81 32.20
N GLU B 270 -75.65 16.91 30.87
CA GLU B 270 -76.61 16.14 30.08
C GLU B 270 -76.53 14.65 30.38
N SER B 271 -75.34 14.21 30.71
CA SER B 271 -75.11 12.81 30.99
C SER B 271 -75.90 12.37 32.21
N GLY B 272 -76.36 13.32 33.01
CA GLY B 272 -77.07 12.95 34.22
C GLY B 272 -76.20 13.07 35.47
N ALA B 273 -74.94 13.45 35.30
CA ALA B 273 -74.07 13.65 36.44
C ALA B 273 -74.26 15.11 36.82
N GLU B 274 -74.07 15.42 38.10
CA GLU B 274 -74.16 16.78 38.55
C GLU B 274 -72.91 16.96 39.36
N ALA B 275 -72.58 18.19 39.71
CA ALA B 275 -71.39 18.46 40.52
C ALA B 275 -71.37 19.94 40.82
N ASP B 276 -70.61 20.34 41.85
CA ASP B 276 -70.54 21.74 42.23
C ASP B 276 -69.21 22.38 41.94
N TYR B 277 -69.23 23.67 41.64
CA TYR B 277 -68.01 24.40 41.30
C TYR B 277 -68.16 25.79 41.75
N ASP B 278 -67.04 26.34 42.20
CA ASP B 278 -66.94 27.71 42.65
C ASP B 278 -67.08 28.61 41.42
N VAL B 279 -66.54 28.13 40.29
CA VAL B 279 -66.57 28.87 39.03
C VAL B 279 -66.86 27.97 37.83
N VAL B 280 -67.69 28.47 36.92
CA VAL B 280 -68.00 27.73 35.70
C VAL B 280 -67.78 28.71 34.57
N MET B 281 -66.67 28.48 33.88
CA MET B 281 -66.23 29.30 32.77
C MET B 281 -66.65 28.77 31.37
N LEU B 282 -67.27 29.65 30.57
CA LEU B 282 -67.75 29.28 29.24
C LEU B 282 -66.78 29.74 28.13
N ALA B 283 -66.10 28.73 27.57
CA ALA B 283 -65.12 28.92 26.51
C ALA B 283 -65.51 28.11 25.28
N ILE B 284 -66.78 28.24 24.90
CA ILE B 284 -67.44 27.58 23.77
C ILE B 284 -66.90 28.05 22.41
N GLY B 285 -66.74 29.36 22.24
CA GLY B 285 -66.28 29.87 20.97
C GLY B 285 -66.41 31.37 20.97
N ARG B 286 -65.86 32.04 19.97
CA ARG B 286 -65.95 33.49 19.92
C ARG B 286 -66.63 33.77 18.61
N VAL B 287 -67.69 34.55 18.67
CA VAL B 287 -68.48 34.89 17.49
C VAL B 287 -68.09 36.28 16.97
N PRO B 288 -68.06 36.49 15.63
CA PRO B 288 -67.81 37.79 14.99
C PRO B 288 -68.72 38.82 15.65
N ARG B 289 -68.20 39.98 16.02
CA ARG B 289 -68.98 41.02 16.68
C ARG B 289 -69.36 42.11 15.70
N SER B 290 -70.51 41.92 15.07
CA SER B 290 -70.97 42.86 14.07
C SER B 290 -72.37 43.36 14.34
N GLN B 291 -73.16 42.50 14.96
CA GLN B 291 -74.55 42.74 15.27
C GLN B 291 -75.06 44.17 15.48
N THR B 292 -74.37 45.01 16.23
CA THR B 292 -74.86 46.37 16.46
C THR B 292 -74.28 47.45 15.54
N LEU B 293 -73.68 47.01 14.44
CA LEU B 293 -73.08 47.93 13.48
C LEU B 293 -74.09 48.53 12.51
N GLN B 294 -75.22 47.85 12.35
CA GLN B 294 -76.31 48.22 11.43
C GLN B 294 -75.71 48.20 10.03
N LEU B 295 -75.05 47.09 9.73
CA LEU B 295 -74.38 46.86 8.44
C LEU B 295 -75.41 46.96 7.37
N GLU B 296 -76.64 46.62 7.74
CA GLU B 296 -77.79 46.68 6.84
C GLU B 296 -77.92 48.06 6.20
N LYS B 297 -77.76 49.11 7.01
CA LYS B 297 -77.86 50.47 6.52
C LYS B 297 -76.78 50.84 5.50
N ALA B 298 -75.69 50.09 5.48
CA ALA B 298 -74.60 50.40 4.55
C ALA B 298 -74.62 49.50 3.33
N GLY B 299 -75.42 48.44 3.42
CA GLY B 299 -75.53 47.49 2.33
C GLY B 299 -74.62 46.29 2.54
N VAL B 300 -73.59 46.47 3.37
CA VAL B 300 -72.58 45.43 3.67
C VAL B 300 -73.10 44.04 4.08
N GLU B 301 -72.60 43.03 3.37
CA GLU B 301 -72.97 41.63 3.61
C GLU B 301 -72.31 40.87 4.76
N VAL B 302 -73.13 40.01 5.35
CA VAL B 302 -72.70 39.22 6.48
C VAL B 302 -73.04 37.74 6.27
N ALA B 303 -72.29 36.83 6.88
CA ALA B 303 -72.55 35.41 6.76
C ALA B 303 -73.64 35.02 7.73
N LYS B 304 -73.92 33.73 7.85
CA LYS B 304 -74.98 33.32 8.79
C LYS B 304 -74.58 33.41 10.24
N ASN B 305 -73.28 33.26 10.49
CA ASN B 305 -72.77 33.31 11.86
C ASN B 305 -72.39 34.72 12.25
N GLY B 306 -72.73 35.67 11.40
CA GLY B 306 -72.43 37.05 11.74
C GLY B 306 -71.15 37.61 11.21
N ALA B 307 -70.40 36.79 10.48
CA ALA B 307 -69.11 37.21 9.90
C ALA B 307 -69.26 38.14 8.69
N ILE B 308 -68.63 39.29 8.73
CA ILE B 308 -68.73 40.16 7.59
C ILE B 308 -68.00 39.47 6.45
N LYS B 309 -68.64 39.37 5.29
CA LYS B 309 -68.01 38.74 4.13
C LYS B 309 -67.05 39.71 3.42
N VAL B 310 -65.82 39.27 3.19
CA VAL B 310 -64.79 40.04 2.49
C VAL B 310 -64.10 39.09 1.56
N ASP B 311 -63.43 39.65 0.57
CA ASP B 311 -62.69 38.83 -0.39
C ASP B 311 -61.23 38.78 0.09
N ALA B 312 -60.32 38.45 -0.81
CA ALA B 312 -58.88 38.41 -0.54
C ALA B 312 -58.31 39.69 0.06
N TYR B 313 -58.85 40.81 -0.34
CA TYR B 313 -58.38 42.08 0.13
C TYR B 313 -59.23 42.61 1.26
N SER B 314 -59.99 41.72 1.89
CA SER B 314 -60.84 42.09 3.03
C SER B 314 -61.78 43.22 2.65
N LYS B 315 -62.22 43.27 1.39
CA LYS B 315 -63.13 44.30 0.94
C LYS B 315 -64.50 43.68 1.02
N THR B 316 -65.46 44.43 1.56
CA THR B 316 -66.82 43.91 1.63
C THR B 316 -67.43 44.14 0.25
N ASN B 317 -68.71 43.85 0.12
CA ASN B 317 -69.36 44.04 -1.17
C ASN B 317 -69.40 45.52 -1.58
N VAL B 318 -69.21 46.44 -0.65
CA VAL B 318 -69.26 47.85 -0.97
C VAL B 318 -67.87 48.46 -1.07
N ASP B 319 -67.41 48.67 -2.30
CA ASP B 319 -66.08 49.21 -2.63
C ASP B 319 -65.22 50.05 -1.68
N ASN B 320 -65.82 50.80 -0.74
CA ASN B 320 -65.03 51.65 0.19
C ASN B 320 -65.09 51.15 1.62
N ILE B 321 -65.83 50.06 1.81
CA ILE B 321 -65.99 49.43 3.11
C ILE B 321 -65.21 48.10 3.19
N TYR B 322 -64.19 48.09 4.08
CA TYR B 322 -63.31 46.93 4.36
C TYR B 322 -63.53 46.29 5.75
N ALA B 323 -63.11 45.03 5.94
CA ALA B 323 -63.25 44.34 7.24
C ALA B 323 -62.08 43.39 7.58
N ILE B 324 -61.44 43.62 8.73
CA ILE B 324 -60.34 42.76 9.12
C ILE B 324 -60.42 42.26 10.52
N GLY B 325 -59.53 41.33 10.83
CA GLY B 325 -59.53 40.76 12.15
C GLY B 325 -60.53 39.63 12.26
N ASP B 326 -60.86 39.28 13.51
CA ASP B 326 -61.76 38.20 13.80
C ASP B 326 -63.15 38.40 13.20
N VAL B 327 -63.57 39.65 13.04
CA VAL B 327 -64.92 39.94 12.54
C VAL B 327 -65.22 39.23 11.21
N THR B 328 -64.17 39.11 10.38
CA THR B 328 -64.20 38.47 9.06
C THR B 328 -64.13 36.94 9.12
N ASP B 329 -63.89 36.42 10.33
CA ASP B 329 -63.81 35.00 10.56
C ASP B 329 -62.85 34.20 9.67
N ARG B 330 -61.65 34.73 9.40
CA ARG B 330 -60.76 33.97 8.57
C ARG B 330 -59.87 33.23 9.54
N VAL B 331 -58.85 33.89 10.03
CA VAL B 331 -57.97 33.29 11.03
C VAL B 331 -57.98 34.32 12.12
N MET B 332 -58.58 33.93 13.24
CA MET B 332 -58.70 34.77 14.41
C MET B 332 -57.48 34.71 15.35
N LEU B 333 -56.41 35.40 14.97
CA LEU B 333 -55.18 35.47 15.72
C LEU B 333 -54.77 36.89 15.70
N THR B 334 -53.91 37.33 16.63
CA THR B 334 -53.44 38.74 16.61
C THR B 334 -52.60 39.09 15.41
N PRO B 335 -51.47 38.39 15.23
CA PRO B 335 -50.66 38.60 14.02
C PRO B 335 -51.42 38.59 12.67
N VAL B 336 -52.28 37.57 12.42
CA VAL B 336 -53.12 37.56 11.19
C VAL B 336 -53.84 38.95 11.05
N ALA B 337 -54.63 39.37 12.03
CA ALA B 337 -55.34 40.68 11.99
C ALA B 337 -54.41 41.84 11.75
N ILE B 338 -53.23 41.80 12.33
CA ILE B 338 -52.27 42.88 12.11
C ILE B 338 -51.76 42.89 10.68
N ASN B 339 -51.64 41.71 10.09
CA ASN B 339 -51.19 41.62 8.70
C ASN B 339 -52.33 42.18 7.82
N GLU B 340 -53.54 41.65 8.00
CA GLU B 340 -54.71 42.11 7.26
C GLU B 340 -54.80 43.62 7.41
N GLY B 341 -54.41 44.16 8.57
CA GLY B 341 -54.47 45.59 8.78
C GLY B 341 -53.44 46.33 7.95
N ALA B 342 -52.21 45.83 7.94
CA ALA B 342 -51.14 46.45 7.20
C ALA B 342 -51.33 46.40 5.69
N ALA B 343 -51.91 45.29 5.20
CA ALA B 343 -52.18 45.08 3.78
C ALA B 343 -53.30 45.99 3.29
N PHE B 344 -54.40 46.11 4.04
CA PHE B 344 -55.49 47.03 3.63
C PHE B 344 -54.92 48.45 3.30
N VAL B 345 -53.99 48.94 4.10
CA VAL B 345 -53.42 50.23 3.82
C VAL B 345 -52.60 50.21 2.52
N ASP B 346 -51.84 49.14 2.28
CA ASP B 346 -51.01 49.01 1.04
C ASP B 346 -51.90 49.10 -0.17
N THR B 347 -52.99 48.36 -0.08
CA THR B 347 -53.97 48.31 -1.09
C THR B 347 -54.68 49.64 -1.33
N VAL B 348 -55.36 50.21 -0.34
CA VAL B 348 -56.10 51.41 -0.67
C VAL B 348 -55.44 52.76 -0.63
N PHE B 349 -54.39 52.93 0.16
CA PHE B 349 -53.77 54.24 0.20
C PHE B 349 -52.39 54.30 -0.42
N ALA B 350 -51.89 53.14 -0.82
CA ALA B 350 -50.56 53.03 -1.39
C ALA B 350 -50.60 52.43 -2.74
N ASN B 351 -51.79 52.09 -3.20
CA ASN B 351 -52.02 51.51 -4.52
C ASN B 351 -51.12 50.34 -4.89
N LYS B 352 -50.82 49.51 -3.90
CA LYS B 352 -50.03 48.30 -4.11
C LYS B 352 -50.78 47.13 -3.44
N PRO B 353 -51.84 46.68 -4.12
CA PRO B 353 -52.76 45.64 -3.67
C PRO B 353 -52.05 44.42 -3.17
N ARG B 354 -52.34 44.10 -1.92
CA ARG B 354 -51.72 42.99 -1.26
C ARG B 354 -52.82 42.27 -0.53
N ALA B 355 -52.72 40.96 -0.43
CA ALA B 355 -53.72 40.19 0.31
C ALA B 355 -53.00 39.26 1.32
N THR B 356 -53.44 39.27 2.58
CA THR B 356 -52.83 38.46 3.62
C THR B 356 -52.89 36.96 3.36
N ASP B 357 -51.75 36.30 3.54
CA ASP B 357 -51.64 34.86 3.33
C ASP B 357 -52.04 34.02 4.55
N HIS B 358 -53.27 33.56 4.56
CA HIS B 358 -53.76 32.74 5.67
C HIS B 358 -53.32 31.26 5.69
N THR B 359 -52.35 30.88 4.86
CA THR B 359 -51.90 29.50 4.83
C THR B 359 -50.58 29.48 5.56
N LYS B 360 -50.23 28.32 6.11
CA LYS B 360 -48.96 28.18 6.84
C LYS B 360 -48.84 29.25 7.97
N VAL B 361 -49.93 29.45 8.72
CA VAL B 361 -49.97 30.39 9.83
C VAL B 361 -49.70 29.65 11.11
N ALA B 362 -48.67 30.12 11.83
CA ALA B 362 -48.18 29.53 13.07
C ALA B 362 -49.07 29.94 14.21
N CYS B 363 -49.16 29.06 15.19
CA CYS B 363 -49.96 29.36 16.36
C CYS B 363 -49.60 28.46 17.52
N ALA B 364 -49.80 28.95 18.72
CA ALA B 364 -49.49 28.12 19.83
C ALA B 364 -50.62 28.10 20.81
N VAL B 365 -50.68 27.00 21.53
CA VAL B 365 -51.67 26.83 22.56
C VAL B 365 -50.78 26.81 23.79
N PHE B 366 -51.01 27.79 24.64
CA PHE B 366 -50.21 27.86 25.83
C PHE B 366 -50.82 27.00 26.92
N SER B 367 -51.06 25.76 26.56
CA SER B 367 -51.59 24.84 27.52
C SER B 367 -50.32 24.47 28.31
N ILE B 368 -50.43 23.66 29.36
CA ILE B 368 -49.24 23.25 30.13
C ILE B 368 -49.16 21.73 30.10
N PRO B 369 -48.34 21.17 29.18
CA PRO B 369 -47.40 21.93 28.34
C PRO B 369 -47.99 22.40 27.01
N PRO B 370 -47.32 23.33 26.33
CA PRO B 370 -47.92 23.99 25.18
C PRO B 370 -47.73 23.28 23.84
N MET B 371 -48.32 23.89 22.81
CA MET B 371 -48.23 23.39 21.46
C MET B 371 -47.87 24.56 20.56
N GLY B 372 -47.19 24.22 19.50
CA GLY B 372 -46.78 25.19 18.52
C GLY B 372 -46.98 24.32 17.31
N VAL B 373 -47.96 24.71 16.50
CA VAL B 373 -48.32 23.97 15.30
C VAL B 373 -48.31 25.02 14.18
N CYS B 374 -47.96 24.61 12.94
CA CYS B 374 -47.95 25.44 11.69
C CYS B 374 -48.43 24.62 10.45
N GLY B 375 -49.44 25.09 9.71
CA GLY B 375 -49.83 24.35 8.52
C GLY B 375 -50.94 23.32 8.52
N TYR B 376 -50.78 22.28 7.71
CA TYR B 376 -51.85 21.33 7.65
C TYR B 376 -51.73 20.10 8.51
N VAL B 377 -52.89 19.54 8.80
CA VAL B 377 -53.05 18.34 9.55
C VAL B 377 -53.09 17.28 8.41
N GLU B 378 -52.71 16.06 8.68
CA GLU B 378 -52.75 15.08 7.61
C GLU B 378 -54.13 15.10 6.99
N GLU B 379 -55.17 15.18 7.78
CA GLU B 379 -56.49 15.19 7.18
C GLU B 379 -56.71 16.17 6.05
N ASP B 380 -56.37 17.44 6.20
CA ASP B 380 -56.59 18.35 5.09
C ASP B 380 -55.60 18.15 3.98
N ALA B 381 -54.33 17.87 4.28
CA ALA B 381 -53.38 17.64 3.18
C ALA B 381 -53.81 16.38 2.42
N ALA B 382 -54.22 15.35 3.12
CA ALA B 382 -54.63 14.12 2.51
C ALA B 382 -55.78 14.29 1.53
N LYS B 383 -56.60 15.32 1.69
CA LYS B 383 -57.73 15.56 0.76
C LYS B 383 -57.36 16.65 -0.22
N LYS B 384 -56.07 16.91 -0.33
CA LYS B 384 -55.57 18.01 -1.11
C LYS B 384 -54.46 17.62 -2.09
N TYR B 385 -53.79 16.51 -1.79
CA TYR B 385 -52.67 16.00 -2.58
C TYR B 385 -52.70 14.47 -2.77
N ASP B 386 -52.24 14.05 -3.95
CA ASP B 386 -52.10 12.67 -4.41
C ASP B 386 -51.65 11.71 -3.31
N GLN B 387 -50.55 12.07 -2.67
CA GLN B 387 -49.98 11.29 -1.58
C GLN B 387 -49.25 12.17 -0.59
N VAL B 388 -49.48 11.90 0.67
CA VAL B 388 -48.83 12.64 1.72
C VAL B 388 -48.17 11.63 2.67
N ALA B 389 -47.00 11.98 3.17
CA ALA B 389 -46.27 11.13 4.09
C ALA B 389 -46.33 11.87 5.41
N VAL B 390 -46.35 11.12 6.51
CA VAL B 390 -46.38 11.75 7.85
C VAL B 390 -45.23 11.23 8.67
N TYR B 391 -44.50 12.14 9.31
CA TYR B 391 -43.36 11.74 10.11
C TYR B 391 -43.78 12.02 11.51
N GLU B 392 -43.28 11.22 12.44
CA GLU B 392 -43.63 11.33 13.82
C GLU B 392 -42.41 11.03 14.63
N SER B 393 -42.23 11.74 15.73
CA SER B 393 -41.10 11.59 16.64
C SER B 393 -41.63 12.00 18.01
N SER B 394 -41.22 11.28 19.06
CA SER B 394 -41.66 11.54 20.43
C SER B 394 -40.60 11.01 21.38
N PHE B 395 -40.39 11.68 22.53
CA PHE B 395 -39.38 11.22 23.47
C PHE B 395 -39.58 11.98 24.72
N THR B 396 -39.21 11.38 25.88
CA THR B 396 -39.32 12.09 27.17
C THR B 396 -37.94 12.66 27.46
N PRO B 397 -37.81 14.00 27.43
CA PRO B 397 -36.54 14.66 27.70
C PRO B 397 -35.88 14.08 28.97
N LEU B 398 -34.55 13.95 28.92
CA LEU B 398 -33.82 13.37 30.02
C LEU B 398 -34.16 14.05 31.30
N MET B 399 -34.12 15.38 31.27
CA MET B 399 -34.44 16.14 32.46
C MET B 399 -35.78 15.70 33.07
N HIS B 400 -36.75 15.24 32.28
CA HIS B 400 -38.02 14.79 32.85
C HIS B 400 -37.94 13.44 33.52
N ASN B 401 -36.86 12.74 33.21
CA ASN B 401 -36.57 11.48 33.85
C ASN B 401 -36.11 11.93 35.25
N ILE B 402 -35.39 13.03 35.29
CA ILE B 402 -34.90 13.53 36.56
C ILE B 402 -35.90 14.39 37.39
N SER B 403 -36.82 15.09 36.72
CA SER B 403 -37.73 16.01 37.42
C SER B 403 -38.93 15.35 38.00
N GLY B 404 -39.31 14.21 37.42
CA GLY B 404 -40.51 13.51 37.86
C GLY B 404 -41.73 13.62 36.92
N SER B 405 -41.76 14.65 36.09
CA SER B 405 -42.84 14.81 35.15
C SER B 405 -42.47 13.97 33.93
N THR B 406 -42.36 12.67 34.12
CA THR B 406 -42.00 11.77 33.06
C THR B 406 -43.10 11.61 32.02
N TYR B 407 -44.29 12.14 32.29
CA TYR B 407 -45.41 12.05 31.33
C TYR B 407 -45.25 13.15 30.29
N LYS B 408 -44.27 13.99 30.52
CA LYS B 408 -43.98 15.10 29.65
C LYS B 408 -43.17 14.76 28.42
N LYS B 409 -43.85 14.08 27.49
CA LYS B 409 -43.28 13.70 26.19
C LYS B 409 -43.16 14.92 25.28
N PHE B 410 -42.08 14.98 24.51
CA PHE B 410 -41.93 16.02 23.51
C PHE B 410 -42.40 15.29 22.28
N MET B 411 -43.16 15.95 21.42
CA MET B 411 -43.69 15.26 20.28
C MET B 411 -43.68 16.15 19.07
N VAL B 412 -43.01 15.70 18.00
CA VAL B 412 -42.98 16.43 16.72
C VAL B 412 -43.56 15.49 15.66
N ARG B 413 -44.53 16.02 14.91
CA ARG B 413 -45.22 15.31 13.83
C ARG B 413 -45.10 16.20 12.55
N ILE B 414 -44.70 15.65 11.38
CA ILE B 414 -44.54 16.44 10.13
C ILE B 414 -45.36 15.89 8.97
N VAL B 415 -46.07 16.77 8.28
CA VAL B 415 -46.90 16.34 7.16
C VAL B 415 -46.27 16.90 5.88
N THR B 416 -46.13 16.06 4.86
CA THR B 416 -45.59 16.51 3.56
C THR B 416 -46.44 16.06 2.35
N ASN B 417 -46.19 16.70 1.22
CA ASN B 417 -46.82 16.27 0.00
C ASN B 417 -45.79 15.27 -0.54
N HIS B 418 -46.03 13.96 -0.43
CA HIS B 418 -45.03 12.98 -0.84
C HIS B 418 -44.48 12.99 -2.27
N ALA B 419 -45.14 13.74 -3.16
CA ALA B 419 -44.75 13.89 -4.55
C ALA B 419 -43.49 14.72 -4.70
N ASP B 420 -43.34 15.77 -3.89
CA ASP B 420 -42.13 16.59 -3.99
C ASP B 420 -41.46 16.86 -2.66
N GLY B 421 -41.98 16.22 -1.62
CA GLY B 421 -41.42 16.35 -0.29
C GLY B 421 -41.54 17.71 0.39
N GLU B 422 -42.43 18.58 -0.08
CA GLU B 422 -42.63 19.89 0.54
C GLU B 422 -43.48 19.77 1.81
N VAL B 423 -43.01 20.45 2.85
CA VAL B 423 -43.63 20.50 4.17
C VAL B 423 -44.93 21.36 4.15
N LEU B 424 -46.03 20.69 4.51
CA LEU B 424 -47.35 21.28 4.54
C LEU B 424 -47.76 21.61 5.97
N GLY B 425 -47.24 20.86 6.93
CA GLY B 425 -47.60 21.14 8.32
C GLY B 425 -46.55 20.60 9.26
N VAL B 426 -46.43 21.25 10.41
CA VAL B 426 -45.48 20.89 11.46
C VAL B 426 -46.31 21.02 12.72
N HIS B 427 -46.23 20.04 13.61
CA HIS B 427 -47.04 20.02 14.85
C HIS B 427 -46.21 19.51 16.01
N MET B 428 -46.05 20.33 17.06
CA MET B 428 -45.20 19.96 18.20
C MET B 428 -45.89 20.14 19.50
N LEU B 429 -45.61 19.24 20.42
CA LEU B 429 -46.20 19.32 21.75
C LEU B 429 -45.01 19.24 22.69
N GLY B 430 -44.96 20.12 23.69
CA GLY B 430 -43.85 20.07 24.61
C GLY B 430 -43.38 21.48 24.81
N ASP B 431 -42.55 21.65 25.81
CA ASP B 431 -42.08 22.98 26.12
C ASP B 431 -41.26 23.59 25.04
N SER B 432 -41.34 24.92 24.94
CA SER B 432 -40.63 25.74 23.94
C SER B 432 -41.24 25.68 22.55
N SER B 433 -42.17 24.77 22.36
CA SER B 433 -42.78 24.57 21.07
C SER B 433 -43.39 25.76 20.38
N PRO B 434 -43.82 26.82 21.12
CA PRO B 434 -44.30 28.10 20.55
C PRO B 434 -43.16 28.93 20.12
N GLU B 435 -42.03 28.73 20.77
CA GLU B 435 -40.83 29.47 20.44
C GLU B 435 -40.26 28.85 19.19
N ILE B 436 -40.19 27.53 19.18
CA ILE B 436 -39.64 26.80 18.03
C ILE B 436 -40.42 26.98 16.72
N ILE B 437 -41.74 26.80 16.77
CA ILE B 437 -42.63 26.92 15.60
C ILE B 437 -42.54 28.23 14.88
N GLN B 438 -42.02 29.25 15.53
CA GLN B 438 -41.91 30.53 14.86
C GLN B 438 -40.89 30.47 13.74
N SER B 439 -39.73 29.87 13.97
CA SER B 439 -38.76 29.80 12.90
C SER B 439 -39.12 28.67 11.95
N VAL B 440 -39.86 27.66 12.44
CA VAL B 440 -40.37 26.57 11.56
C VAL B 440 -41.26 27.27 10.48
N ALA B 441 -42.10 28.20 10.90
CA ALA B 441 -42.96 28.96 10.01
C ALA B 441 -42.25 29.74 8.87
N ILE B 442 -41.03 30.25 9.08
CA ILE B 442 -40.35 30.99 8.00
C ILE B 442 -39.98 29.95 6.93
N CYS B 443 -39.55 28.79 7.40
CA CYS B 443 -39.15 27.69 6.55
C CYS B 443 -40.24 27.31 5.58
N LEU B 444 -41.42 27.10 6.14
CA LEU B 444 -42.59 26.74 5.41
C LEU B 444 -42.99 27.88 4.49
N LYS B 445 -42.70 29.12 4.89
CA LYS B 445 -43.01 30.27 4.05
C LYS B 445 -42.14 30.14 2.81
N MET B 446 -40.90 29.72 3.02
CA MET B 446 -39.93 29.55 1.95
C MET B 446 -40.09 28.20 1.30
N GLY B 447 -41.15 27.50 1.65
CA GLY B 447 -41.43 26.21 1.09
C GLY B 447 -40.37 25.15 1.31
N ALA B 448 -39.89 25.01 2.54
CA ALA B 448 -38.89 24.04 2.83
C ALA B 448 -39.37 22.62 2.55
N LYS B 449 -38.43 21.72 2.28
CA LYS B 449 -38.74 20.33 1.99
C LYS B 449 -38.21 19.56 3.15
N ILE B 450 -38.73 18.35 3.31
CA ILE B 450 -38.26 17.49 4.39
C ILE B 450 -36.75 17.30 4.28
N SER B 451 -36.23 17.32 3.06
CA SER B 451 -34.81 17.15 2.89
C SER B 451 -34.08 18.37 3.42
N ASP B 452 -34.75 19.50 3.49
CA ASP B 452 -34.12 20.74 4.00
C ASP B 452 -33.96 20.70 5.51
N PHE B 453 -34.85 19.97 6.18
CA PHE B 453 -34.84 19.82 7.62
C PHE B 453 -33.73 18.84 7.92
N TYR B 454 -33.88 17.61 7.48
CA TYR B 454 -32.89 16.62 7.77
C TYR B 454 -31.49 16.86 7.28
N ASN B 455 -31.31 17.88 6.47
CA ASN B 455 -29.97 18.16 6.00
C ASN B 455 -29.25 19.21 6.84
N THR B 456 -29.97 19.87 7.74
CA THR B 456 -29.39 20.86 8.62
C THR B 456 -28.78 20.12 9.81
N ILE B 457 -27.58 20.52 10.18
CA ILE B 457 -26.89 19.97 11.33
C ILE B 457 -27.61 20.53 12.56
N GLY B 458 -27.89 19.65 13.53
CA GLY B 458 -28.63 20.09 14.69
C GLY B 458 -27.87 20.83 15.79
N VAL B 459 -28.60 21.61 16.59
CA VAL B 459 -28.03 22.26 17.77
C VAL B 459 -28.39 21.24 18.88
N HIS B 460 -27.39 20.82 19.64
CA HIS B 460 -27.55 19.80 20.66
C HIS B 460 -27.01 20.32 22.01
N PRO B 461 -27.66 20.04 23.13
CA PRO B 461 -28.89 19.26 23.25
C PRO B 461 -30.12 20.15 23.23
N THR B 462 -31.07 19.83 22.37
CA THR B 462 -32.31 20.58 22.26
C THR B 462 -33.43 19.69 21.75
N SER B 463 -34.67 20.06 22.09
CA SER B 463 -35.86 19.39 21.59
C SER B 463 -35.94 19.75 20.11
N ALA B 464 -35.65 21.02 19.79
CA ALA B 464 -35.68 21.54 18.41
C ALA B 464 -34.92 20.68 17.42
N GLU B 465 -33.70 20.22 17.78
CA GLU B 465 -32.92 19.43 16.86
C GLU B 465 -33.63 18.16 16.42
N GLU B 466 -34.75 17.85 17.06
CA GLU B 466 -35.53 16.67 16.67
C GLU B 466 -36.10 16.86 15.27
N LEU B 467 -36.32 18.11 14.88
CA LEU B 467 -36.86 18.46 13.58
C LEU B 467 -35.95 18.02 12.43
N CYS B 468 -34.63 17.90 12.68
CA CYS B 468 -33.62 17.54 11.69
C CYS B 468 -33.26 16.09 11.65
N SER B 469 -34.10 15.24 12.25
CA SER B 469 -33.74 13.85 12.30
C SER B 469 -34.93 12.99 12.05
N MET B 470 -35.70 13.40 11.07
CA MET B 470 -36.88 12.68 10.69
C MET B 470 -36.69 12.44 9.21
N ARG B 471 -36.21 11.25 8.84
CA ARG B 471 -35.98 10.93 7.42
C ARG B 471 -36.97 9.93 6.82
N THR B 472 -37.70 9.24 7.70
CA THR B 472 -38.65 8.22 7.27
C THR B 472 -40.14 8.48 7.66
N PRO B 473 -41.05 8.39 6.67
CA PRO B 473 -42.48 8.55 6.92
C PRO B 473 -42.96 7.35 7.73
N ALA B 474 -43.74 7.64 8.77
CA ALA B 474 -44.34 6.62 9.63
C ALA B 474 -45.35 5.82 8.79
N TYR B 475 -46.11 6.54 7.99
CA TYR B 475 -47.10 5.95 7.15
C TYR B 475 -47.42 7.00 6.20
N PHE B 476 -48.47 6.75 5.42
CA PHE B 476 -48.89 7.70 4.37
C PHE B 476 -50.38 7.71 4.24
N TYR B 477 -50.78 8.46 3.21
CA TYR B 477 -52.14 8.65 2.79
C TYR B 477 -52.05 8.72 1.25
N GLU B 478 -52.58 7.71 0.57
CA GLU B 478 -52.52 7.73 -0.88
C GLU B 478 -53.88 7.86 -1.51
N LYS B 479 -54.06 9.00 -2.17
CA LYS B 479 -55.31 9.34 -2.82
C LYS B 479 -56.36 9.35 -1.74
N GLY B 480 -56.01 9.94 -0.61
CA GLY B 480 -56.94 10.05 0.48
C GLY B 480 -57.04 8.97 1.53
N LYS B 481 -56.32 7.85 1.38
CA LYS B 481 -56.42 6.76 2.36
C LYS B 481 -55.10 6.44 3.04
N ARG B 482 -55.15 6.03 4.29
CA ARG B 482 -53.93 5.67 5.02
C ARG B 482 -53.27 4.51 4.33
N VAL B 483 -51.94 4.54 4.22
CA VAL B 483 -51.18 3.48 3.55
C VAL B 483 -49.78 3.31 4.14
N GLU B 484 -49.44 2.08 4.53
CA GLU B 484 -48.11 1.71 5.07
C GLU B 484 -47.77 2.17 6.48
N SER C 1 84.50 -43.57 -5.86
CA SER C 1 83.35 -43.29 -6.76
C SER C 1 83.00 -44.51 -7.61
N ARG C 2 81.70 -44.79 -7.72
CA ARG C 2 81.22 -45.89 -8.56
C ARG C 2 81.11 -45.28 -9.96
N ALA C 3 81.23 -46.09 -11.01
CA ALA C 3 81.18 -45.57 -12.39
C ALA C 3 79.97 -44.68 -12.78
N TYR C 4 78.80 -44.87 -12.14
CA TYR C 4 77.60 -44.08 -12.39
C TYR C 4 77.05 -43.63 -11.08
N ASP C 5 76.37 -42.50 -11.13
CA ASP C 5 75.69 -41.96 -9.97
C ASP C 5 74.33 -42.64 -9.85
N LEU C 6 73.65 -42.81 -10.99
CA LEU C 6 72.32 -43.44 -11.00
C LEU C 6 72.06 -44.24 -12.28
N VAL C 7 71.53 -45.44 -12.16
CA VAL C 7 71.18 -46.24 -13.34
C VAL C 7 69.67 -46.36 -13.28
N VAL C 8 68.99 -45.97 -14.35
CA VAL C 8 67.55 -46.07 -14.33
C VAL C 8 67.20 -47.26 -15.14
N ILE C 9 66.40 -48.17 -14.60
CA ILE C 9 65.97 -49.30 -15.39
C ILE C 9 64.50 -49.08 -15.79
N GLY C 10 64.36 -48.57 -17.02
CA GLY C 10 63.07 -48.25 -17.62
C GLY C 10 63.02 -46.79 -18.06
N ALA C 11 63.18 -46.51 -19.35
CA ALA C 11 63.10 -45.16 -19.87
C ALA C 11 61.68 -44.73 -20.20
N GLY C 12 60.75 -44.99 -19.29
CA GLY C 12 59.39 -44.57 -19.46
C GLY C 12 59.09 -43.18 -18.86
N SER C 13 57.86 -42.94 -18.42
CA SER C 13 57.51 -41.65 -17.85
C SER C 13 58.36 -41.24 -16.67
N GLY C 14 58.44 -42.08 -15.64
CA GLY C 14 59.22 -41.73 -14.50
C GLY C 14 60.72 -41.79 -14.81
N GLY C 15 61.15 -42.90 -15.37
CA GLY C 15 62.56 -43.06 -15.66
C GLY C 15 63.23 -41.98 -16.50
N LEU C 16 62.59 -41.51 -17.57
CA LEU C 16 63.18 -40.49 -18.42
C LEU C 16 63.13 -39.12 -17.70
N GLU C 17 62.21 -38.97 -16.75
CA GLU C 17 62.05 -37.74 -15.99
C GLU C 17 63.23 -37.69 -15.04
N ALA C 18 63.35 -38.75 -14.28
CA ALA C 18 64.44 -38.83 -13.36
C ALA C 18 65.78 -38.73 -14.05
N GLY C 19 66.00 -39.53 -15.08
CA GLY C 19 67.28 -39.50 -15.75
C GLY C 19 67.69 -38.14 -16.24
N TRP C 20 66.84 -37.55 -17.07
CA TRP C 20 67.12 -36.23 -17.62
C TRP C 20 67.31 -35.21 -16.53
N ASN C 21 66.59 -35.34 -15.45
CA ASN C 21 66.77 -34.37 -14.39
C ASN C 21 68.12 -34.46 -13.71
N ALA C 22 68.37 -35.60 -13.06
CA ALA C 22 69.58 -35.85 -12.29
C ALA C 22 70.77 -35.44 -13.10
N ALA C 23 70.79 -35.86 -14.35
CA ALA C 23 71.87 -35.56 -15.27
C ALA C 23 71.90 -34.12 -15.69
N SER C 24 70.81 -33.65 -16.27
CA SER C 24 70.78 -32.29 -16.78
C SER C 24 70.85 -31.18 -15.76
N LEU C 25 70.18 -31.37 -14.62
CA LEU C 25 70.17 -30.36 -13.58
C LEU C 25 71.36 -30.49 -12.68
N HIS C 26 71.77 -31.73 -12.40
CA HIS C 26 72.88 -32.02 -11.49
C HIS C 26 74.15 -32.62 -12.06
N LYS C 27 74.26 -32.65 -13.37
CA LYS C 27 75.45 -33.19 -14.01
C LYS C 27 75.89 -34.49 -13.35
N LYS C 28 74.93 -35.39 -13.21
CA LYS C 28 75.16 -36.69 -12.62
C LYS C 28 75.30 -37.63 -13.78
N ARG C 29 76.01 -38.73 -13.58
CA ARG C 29 76.23 -39.74 -14.61
C ARG C 29 75.04 -40.68 -14.45
N VAL C 30 74.21 -40.71 -15.46
CA VAL C 30 73.00 -41.49 -15.41
C VAL C 30 72.93 -42.37 -16.65
N ALA C 31 72.71 -43.66 -16.44
CA ALA C 31 72.57 -44.61 -17.55
C ALA C 31 71.11 -45.02 -17.54
N VAL C 32 70.42 -44.88 -18.66
CA VAL C 32 69.02 -45.28 -18.70
C VAL C 32 68.98 -46.51 -19.54
N ILE C 33 68.20 -47.48 -19.10
CA ILE C 33 68.08 -48.78 -19.75
C ILE C 33 66.65 -49.07 -20.26
N ASP C 34 66.52 -49.44 -21.53
CA ASP C 34 65.22 -49.84 -22.08
C ASP C 34 65.42 -50.92 -23.09
N LEU C 35 64.35 -51.72 -23.24
CA LEU C 35 64.28 -52.84 -24.15
C LEU C 35 64.57 -52.52 -25.60
N GLN C 36 64.04 -51.43 -26.14
CA GLN C 36 64.27 -51.03 -27.56
C GLN C 36 64.04 -49.52 -27.76
N LYS C 37 64.52 -48.94 -28.86
CA LYS C 37 64.28 -47.53 -29.05
C LYS C 37 63.13 -47.07 -29.96
N HIS C 38 62.38 -48.01 -30.53
CA HIS C 38 61.26 -47.66 -31.37
C HIS C 38 60.05 -48.47 -30.90
N HIS C 39 58.89 -47.83 -30.81
CA HIS C 39 57.69 -48.49 -30.36
C HIS C 39 57.43 -49.73 -31.16
N GLY C 40 56.49 -50.55 -30.73
CA GLY C 40 56.17 -51.72 -31.51
C GLY C 40 56.60 -53.07 -30.99
N PRO C 41 56.16 -54.11 -31.69
CA PRO C 41 56.54 -55.48 -31.35
C PRO C 41 58.02 -55.67 -31.53
N PRO C 42 58.62 -56.49 -30.69
CA PRO C 42 57.77 -57.36 -29.93
C PRO C 42 57.58 -56.90 -28.49
N HIS C 43 58.30 -55.85 -28.09
CA HIS C 43 58.19 -55.37 -26.72
C HIS C 43 57.13 -54.30 -26.50
N TYR C 44 56.57 -53.80 -27.60
CA TYR C 44 55.53 -52.76 -27.49
C TYR C 44 56.01 -51.43 -26.89
N ALA C 45 56.45 -51.44 -25.63
CA ALA C 45 57.00 -50.24 -25.03
C ALA C 45 58.41 -50.10 -25.53
N ALA C 46 59.01 -48.93 -25.27
CA ALA C 46 60.37 -48.67 -25.69
C ALA C 46 60.72 -47.30 -25.17
N LEU C 47 61.69 -46.70 -25.82
CA LEU C 47 62.15 -45.37 -25.53
C LEU C 47 60.96 -44.42 -25.38
N GLY C 48 60.70 -43.99 -24.16
CA GLY C 48 59.61 -43.07 -23.92
C GLY C 48 58.60 -43.67 -22.99
N GLY C 49 58.67 -44.99 -22.80
CA GLY C 49 57.73 -45.63 -21.89
C GLY C 49 56.47 -46.09 -22.54
N THR C 50 55.59 -46.68 -21.75
CA THR C 50 54.31 -47.19 -22.21
C THR C 50 53.37 -46.07 -22.69
N CYS C 51 53.41 -44.92 -22.03
CA CYS C 51 52.56 -43.80 -22.40
C CYS C 51 52.84 -43.37 -23.80
N VAL C 52 54.08 -43.05 -24.11
CA VAL C 52 54.42 -42.59 -25.43
C VAL C 52 54.13 -43.61 -26.52
N ASN C 53 54.67 -44.79 -26.32
CA ASN C 53 54.58 -45.86 -27.28
C ASN C 53 53.26 -46.62 -27.52
N VAL C 54 52.69 -47.15 -26.45
CA VAL C 54 51.44 -47.92 -26.53
C VAL C 54 50.48 -47.58 -25.34
N GLY C 55 50.45 -46.32 -24.92
CA GLY C 55 49.64 -45.92 -23.81
C GLY C 55 48.93 -44.68 -24.21
N CYS C 56 48.91 -43.70 -23.31
CA CYS C 56 48.22 -42.39 -23.51
C CYS C 56 48.26 -41.73 -24.87
N VAL C 57 49.42 -41.65 -25.50
CA VAL C 57 49.59 -40.94 -26.78
C VAL C 57 48.93 -41.51 -28.02
N PRO C 58 49.25 -42.76 -28.41
CA PRO C 58 48.38 -43.42 -29.39
C PRO C 58 46.94 -43.56 -29.05
N LYS C 59 46.62 -43.87 -27.80
CA LYS C 59 45.20 -44.03 -27.40
C LYS C 59 44.43 -42.77 -27.68
N LYS C 60 44.95 -41.62 -27.22
CA LYS C 60 44.26 -40.36 -27.36
C LYS C 60 44.09 -39.99 -28.84
N LEU C 61 45.10 -40.29 -29.68
CA LEU C 61 45.06 -40.02 -31.15
C LEU C 61 43.99 -40.84 -31.87
N MET C 62 43.77 -42.07 -31.42
CA MET C 62 42.80 -42.97 -31.98
C MET C 62 41.41 -42.63 -31.47
N VAL C 63 41.29 -42.18 -30.22
CA VAL C 63 39.96 -41.80 -29.72
C VAL C 63 39.52 -40.52 -30.48
N THR C 64 40.49 -39.65 -30.79
CA THR C 64 40.26 -38.43 -31.54
C THR C 64 39.76 -38.88 -32.89
N GLY C 65 40.41 -39.90 -33.44
CA GLY C 65 40.02 -40.46 -34.70
C GLY C 65 38.60 -40.98 -34.58
N ALA C 66 38.26 -41.63 -33.50
CA ALA C 66 36.90 -42.19 -33.34
C ALA C 66 35.81 -41.18 -33.20
N ASN C 67 36.14 -40.01 -32.65
CA ASN C 67 35.17 -38.97 -32.46
C ASN C 67 34.58 -38.43 -33.77
N TYR C 68 35.34 -38.48 -34.85
CA TYR C 68 34.83 -37.95 -36.11
C TYR C 68 33.59 -38.70 -36.53
N MET C 69 33.39 -39.91 -36.04
CA MET C 69 32.17 -40.61 -36.43
C MET C 69 30.96 -39.82 -35.94
N ASP C 70 31.02 -39.41 -34.69
CA ASP C 70 29.92 -38.67 -34.05
C ASP C 70 29.81 -37.27 -34.66
N THR C 71 30.95 -36.69 -34.97
CA THR C 71 31.04 -35.35 -35.56
C THR C 71 30.47 -35.25 -36.96
N ILE C 72 30.86 -36.15 -37.84
CA ILE C 72 30.37 -36.16 -39.20
C ILE C 72 28.86 -36.29 -39.17
N ARG C 73 28.36 -37.12 -38.28
CA ARG C 73 26.93 -37.26 -38.17
C ARG C 73 26.24 -36.00 -37.61
N GLU C 74 26.79 -35.43 -36.53
CA GLU C 74 26.18 -34.30 -35.86
C GLU C 74 26.17 -33.02 -36.65
N SER C 75 27.04 -32.92 -37.64
CA SER C 75 27.13 -31.75 -38.47
C SER C 75 25.88 -31.51 -39.31
N ALA C 76 25.06 -32.53 -39.55
CA ALA C 76 23.85 -32.34 -40.36
C ALA C 76 22.91 -31.41 -39.76
N GLY C 77 22.74 -31.50 -38.45
CA GLY C 77 21.86 -30.55 -37.80
C GLY C 77 22.36 -29.12 -37.93
N PHE C 78 23.64 -28.91 -38.29
CA PHE C 78 24.19 -27.55 -38.39
C PHE C 78 24.24 -27.03 -39.86
N GLY C 79 23.56 -27.78 -40.71
CA GLY C 79 23.44 -27.44 -42.10
C GLY C 79 24.64 -27.77 -42.92
N TRP C 80 25.14 -29.00 -42.83
CA TRP C 80 26.29 -29.39 -43.61
C TRP C 80 25.77 -30.53 -44.40
N GLU C 81 25.99 -30.42 -45.69
CA GLU C 81 25.51 -31.42 -46.58
C GLU C 81 26.70 -32.15 -47.07
N LEU C 82 26.59 -33.47 -47.12
CA LEU C 82 27.65 -34.28 -47.67
C LEU C 82 27.04 -35.61 -48.03
N ASP C 83 27.63 -36.29 -49.01
CA ASP C 83 27.12 -37.58 -49.41
C ASP C 83 27.34 -38.49 -48.20
N ARG C 84 26.26 -38.68 -47.47
CA ARG C 84 26.30 -39.47 -46.28
C ARG C 84 26.71 -40.88 -46.51
N GLU C 85 26.12 -41.50 -47.54
CA GLU C 85 26.40 -42.90 -47.85
C GLU C 85 27.86 -43.26 -48.17
N SER C 86 28.67 -42.26 -48.50
CA SER C 86 30.04 -42.52 -48.85
C SER C 86 31.03 -42.43 -47.67
N VAL C 87 30.54 -42.05 -46.50
CA VAL C 87 31.40 -41.96 -45.34
C VAL C 87 31.93 -43.37 -45.00
N ARG C 88 33.24 -43.53 -45.08
CA ARG C 88 33.88 -44.77 -44.76
C ARG C 88 35.09 -44.43 -43.91
N PRO C 89 35.28 -45.16 -42.82
CA PRO C 89 36.51 -45.23 -42.05
C PRO C 89 37.60 -46.18 -42.61
N ASN C 90 38.83 -45.74 -42.52
CA ASN C 90 39.93 -46.51 -43.05
C ASN C 90 40.91 -46.71 -41.91
N TRP C 91 40.76 -47.84 -41.21
CA TRP C 91 41.61 -48.21 -40.08
C TRP C 91 43.11 -48.27 -40.38
N LYS C 92 43.50 -48.84 -41.50
CA LYS C 92 44.90 -48.93 -41.83
C LYS C 92 45.46 -47.53 -42.01
N ALA C 93 44.61 -46.56 -42.30
CA ALA C 93 45.13 -45.20 -42.50
C ALA C 93 45.32 -44.53 -41.15
N LEU C 94 44.42 -44.85 -40.21
CA LEU C 94 44.45 -44.34 -38.84
C LEU C 94 45.79 -44.79 -38.23
N ILE C 95 46.02 -46.09 -38.27
CA ILE C 95 47.24 -46.67 -37.76
C ILE C 95 48.50 -46.09 -38.39
N ALA C 96 48.48 -45.85 -39.70
CA ALA C 96 49.67 -45.32 -40.35
C ALA C 96 50.05 -43.97 -39.77
N ALA C 97 49.04 -43.13 -39.51
CA ALA C 97 49.25 -41.80 -38.95
C ALA C 97 49.82 -41.95 -37.58
N LYS C 98 49.10 -42.70 -36.75
CA LYS C 98 49.44 -43.02 -35.37
C LYS C 98 50.92 -43.34 -35.29
N ASN C 99 51.34 -44.34 -36.06
CA ASN C 99 52.71 -44.76 -36.10
C ASN C 99 53.69 -43.65 -36.39
N LYS C 100 53.36 -42.83 -37.36
CA LYS C 100 54.27 -41.79 -37.77
C LYS C 100 54.39 -40.77 -36.67
N ALA C 101 53.29 -40.57 -35.97
CA ALA C 101 53.27 -39.65 -34.88
C ALA C 101 54.18 -40.22 -33.82
N VAL C 102 53.94 -41.45 -33.43
CA VAL C 102 54.76 -42.05 -32.40
C VAL C 102 56.23 -42.15 -32.79
N SER C 103 56.53 -42.66 -33.97
CA SER C 103 57.93 -42.77 -34.42
C SER C 103 58.67 -41.45 -34.28
N GLY C 104 58.01 -40.35 -34.57
CA GLY C 104 58.65 -39.07 -34.44
C GLY C 104 59.05 -38.79 -33.00
N ILE C 105 58.14 -39.07 -32.08
CA ILE C 105 58.41 -38.87 -30.66
C ILE C 105 59.59 -39.75 -30.26
N ASN C 106 59.58 -41.04 -30.67
CA ASN C 106 60.67 -42.02 -30.45
C ASN C 106 61.97 -41.43 -30.89
N ASP C 107 61.94 -40.64 -31.97
CA ASP C 107 63.13 -39.95 -32.48
C ASP C 107 63.60 -38.73 -31.66
N SER C 108 62.69 -37.87 -31.24
CA SER C 108 63.07 -36.72 -30.44
C SER C 108 63.78 -37.21 -29.19
N TYR C 109 63.47 -38.43 -28.76
CA TYR C 109 64.11 -39.01 -27.60
C TYR C 109 65.56 -39.33 -27.83
N GLU C 110 65.86 -40.13 -28.85
CA GLU C 110 67.26 -40.47 -29.13
C GLU C 110 68.06 -39.15 -29.20
N GLY C 111 67.40 -38.07 -29.60
CA GLY C 111 68.05 -36.77 -29.71
C GLY C 111 68.50 -36.23 -28.36
N MET C 112 67.61 -36.34 -27.40
CA MET C 112 67.82 -35.92 -26.03
C MET C 112 69.08 -36.49 -25.38
N PHE C 113 69.34 -37.76 -25.61
CA PHE C 113 70.51 -38.36 -25.01
C PHE C 113 71.76 -37.86 -25.73
N ALA C 114 71.60 -37.71 -27.04
CA ALA C 114 72.67 -37.25 -27.88
C ALA C 114 73.05 -35.85 -27.44
N ASP C 115 72.26 -35.27 -26.54
CA ASP C 115 72.53 -33.93 -26.10
C ASP C 115 72.63 -33.64 -24.63
N THR C 116 72.01 -34.43 -23.75
CA THR C 116 72.16 -34.20 -22.32
C THR C 116 73.35 -35.05 -22.07
N GLU C 117 74.40 -34.52 -21.46
CA GLU C 117 75.51 -35.41 -21.29
C GLU C 117 75.69 -35.90 -19.90
N GLY C 118 76.20 -37.11 -19.85
CA GLY C 118 76.37 -37.80 -18.62
C GLY C 118 75.17 -38.71 -18.60
N LEU C 119 74.27 -38.49 -19.58
CA LEU C 119 73.04 -39.26 -19.77
C LEU C 119 73.17 -40.17 -21.00
N THR C 120 73.13 -41.48 -20.77
CA THR C 120 73.26 -42.44 -21.86
C THR C 120 72.20 -43.54 -21.89
N PHE C 121 71.87 -43.97 -23.12
CA PHE C 121 70.87 -45.02 -23.33
C PHE C 121 71.49 -46.37 -23.53
N HIS C 122 71.02 -47.36 -22.78
CA HIS C 122 71.56 -48.70 -22.92
C HIS C 122 70.42 -49.62 -23.20
N GLN C 123 70.52 -50.29 -24.33
CA GLN C 123 69.49 -51.18 -24.80
C GLN C 123 69.64 -52.62 -24.36
N GLY C 124 68.62 -53.15 -23.73
CA GLY C 124 68.66 -54.55 -23.34
C GLY C 124 67.84 -54.65 -22.11
N PHE C 125 67.76 -55.85 -21.55
CA PHE C 125 67.04 -56.08 -20.31
C PHE C 125 67.89 -55.76 -19.12
N GLY C 126 67.39 -54.98 -18.19
CA GLY C 126 68.19 -54.68 -17.04
C GLY C 126 67.84 -55.62 -15.92
N ALA C 127 68.82 -56.21 -15.23
CA ALA C 127 68.53 -57.06 -14.05
C ALA C 127 69.54 -56.70 -12.95
N LEU C 128 69.23 -57.04 -11.70
CA LEU C 128 70.18 -56.71 -10.65
C LEU C 128 71.17 -57.82 -10.32
N GLN C 129 72.43 -57.43 -10.23
CA GLN C 129 73.48 -58.35 -9.84
C GLN C 129 73.41 -58.19 -8.31
N ASP C 130 73.81 -57.02 -7.84
CA ASP C 130 73.77 -56.70 -6.41
C ASP C 130 73.32 -55.25 -6.33
N ASN C 131 72.91 -54.81 -5.15
CA ASN C 131 72.46 -53.45 -4.95
C ASN C 131 73.41 -52.35 -5.44
N HIS C 132 74.41 -52.70 -6.23
CA HIS C 132 75.31 -51.68 -6.76
C HIS C 132 75.73 -51.96 -8.19
N THR C 133 75.17 -53.03 -8.75
CA THR C 133 75.51 -53.42 -10.10
C THR C 133 74.28 -53.83 -10.86
N VAL C 134 74.18 -53.22 -12.05
CA VAL C 134 73.07 -53.49 -12.95
C VAL C 134 73.61 -54.08 -14.21
N LEU C 135 72.98 -55.19 -14.59
CA LEU C 135 73.32 -55.93 -15.81
C LEU C 135 72.39 -55.53 -16.97
N VAL C 136 72.92 -55.45 -18.18
CA VAL C 136 72.10 -55.17 -19.36
C VAL C 136 72.25 -56.47 -20.12
N ARG C 137 71.30 -57.38 -19.93
CA ARG C 137 71.37 -58.65 -20.60
C ARG C 137 70.81 -58.47 -21.97
N GLU C 138 70.76 -59.55 -22.71
CA GLU C 138 70.26 -59.55 -24.04
C GLU C 138 68.81 -59.99 -24.07
N SER C 139 68.34 -60.61 -23.01
CA SER C 139 66.98 -61.07 -22.98
C SER C 139 66.54 -61.17 -21.53
N ALA C 140 65.30 -61.53 -21.34
CA ALA C 140 64.75 -61.60 -20.04
C ALA C 140 65.31 -62.80 -19.31
N ASP C 141 65.75 -63.78 -20.12
CA ASP C 141 66.33 -65.06 -19.66
C ASP C 141 67.58 -64.88 -18.82
N PRO C 142 67.60 -65.29 -17.54
CA PRO C 142 68.77 -65.08 -16.65
C PRO C 142 70.05 -65.67 -17.23
N ASN C 143 69.84 -66.51 -18.24
CA ASN C 143 70.94 -67.15 -18.91
C ASN C 143 71.35 -66.51 -20.23
N SER C 144 70.81 -65.33 -20.57
CA SER C 144 71.18 -64.65 -21.81
C SER C 144 72.50 -64.03 -21.53
N ALA C 145 73.09 -63.49 -22.59
CA ALA C 145 74.37 -62.86 -22.50
C ALA C 145 74.34 -61.53 -21.76
N VAL C 146 75.27 -61.35 -20.82
CA VAL C 146 75.35 -60.08 -20.10
C VAL C 146 76.10 -59.16 -21.05
N LEU C 147 75.37 -58.30 -21.76
CA LEU C 147 76.03 -57.40 -22.72
C LEU C 147 76.76 -56.32 -22.00
N GLU C 148 76.28 -55.94 -20.82
CA GLU C 148 77.01 -54.92 -20.08
C GLU C 148 76.75 -54.87 -18.60
N THR C 149 77.78 -54.45 -17.86
CA THR C 149 77.70 -54.36 -16.40
C THR C 149 77.87 -52.90 -15.98
N LEU C 150 76.89 -52.40 -15.24
CA LEU C 150 76.89 -50.99 -14.80
C LEU C 150 76.97 -50.88 -13.28
N ASP C 151 78.15 -50.41 -12.84
CA ASP C 151 78.48 -50.20 -11.43
C ASP C 151 77.97 -48.84 -11.12
N THR C 152 77.12 -48.78 -10.09
CA THR C 152 76.44 -47.54 -9.74
C THR C 152 76.28 -47.23 -8.27
N GLU C 153 75.88 -45.98 -8.02
CA GLU C 153 75.63 -45.47 -6.70
C GLU C 153 74.15 -45.74 -6.34
N TYR C 154 73.25 -45.21 -7.15
CA TYR C 154 71.81 -45.41 -6.97
C TYR C 154 71.20 -46.24 -8.06
N ILE C 155 70.11 -46.92 -7.74
CA ILE C 155 69.39 -47.65 -8.74
C ILE C 155 67.94 -47.20 -8.72
N LEU C 156 67.44 -46.76 -9.87
CA LEU C 156 66.03 -46.36 -9.99
C LEU C 156 65.34 -47.45 -10.82
N LEU C 157 64.37 -48.14 -10.25
CA LEU C 157 63.64 -49.16 -10.98
C LEU C 157 62.34 -48.48 -11.41
N ALA C 158 62.11 -48.37 -12.70
CA ALA C 158 60.93 -47.69 -13.21
C ALA C 158 60.48 -48.43 -14.48
N THR C 159 60.14 -49.68 -14.27
CA THR C 159 59.82 -50.57 -15.36
C THR C 159 58.39 -50.63 -15.86
N GLY C 160 57.47 -50.07 -15.08
CA GLY C 160 56.08 -50.01 -15.48
C GLY C 160 55.27 -51.24 -15.23
N SER C 161 54.06 -51.27 -15.77
CA SER C 161 53.20 -52.42 -15.60
C SER C 161 53.12 -53.17 -16.91
N TRP C 162 52.22 -54.16 -16.93
CA TRP C 162 52.10 -54.96 -18.12
C TRP C 162 50.70 -55.57 -18.08
N PRO C 163 50.16 -55.99 -19.24
CA PRO C 163 48.76 -56.32 -19.15
C PRO C 163 48.55 -57.59 -18.38
N GLN C 164 47.38 -57.71 -17.77
CA GLN C 164 47.04 -58.86 -17.00
C GLN C 164 46.16 -59.77 -17.80
N HIS C 165 46.40 -61.07 -17.67
CA HIS C 165 45.64 -62.06 -18.38
C HIS C 165 44.84 -62.88 -17.39
N LEU C 166 43.77 -63.50 -17.87
CA LEU C 166 42.98 -64.39 -17.06
C LEU C 166 43.66 -65.70 -17.45
N GLY C 167 43.34 -66.81 -16.80
CA GLY C 167 43.99 -68.04 -17.23
C GLY C 167 43.07 -68.97 -18.00
N ILE C 168 41.99 -68.47 -18.59
CA ILE C 168 41.09 -69.35 -19.30
C ILE C 168 41.67 -70.08 -20.51
N GLU C 169 41.00 -71.15 -20.95
CA GLU C 169 41.44 -71.88 -22.12
C GLU C 169 41.31 -70.91 -23.29
N GLY C 170 42.35 -70.83 -24.09
CA GLY C 170 42.30 -69.93 -25.22
C GLY C 170 42.72 -68.49 -24.88
N ASP C 171 43.11 -68.23 -23.65
CA ASP C 171 43.55 -66.87 -23.30
C ASP C 171 44.51 -66.35 -24.39
N ASP C 172 45.26 -67.26 -24.99
CA ASP C 172 46.23 -66.93 -26.02
C ASP C 172 45.66 -66.50 -27.38
N LEU C 173 44.35 -66.59 -27.54
CA LEU C 173 43.68 -66.20 -28.77
C LEU C 173 43.28 -64.76 -28.59
N CYS C 174 43.28 -64.33 -27.34
CA CYS C 174 42.85 -62.98 -26.98
C CYS C 174 44.04 -62.07 -27.10
N ILE C 175 43.80 -60.77 -27.26
CA ILE C 175 44.90 -59.84 -27.36
C ILE C 175 44.70 -58.89 -26.22
N THR C 176 45.63 -57.96 -26.05
CA THR C 176 45.47 -56.98 -25.01
C THR C 176 45.68 -55.62 -25.65
N SER C 177 45.71 -54.57 -24.84
CA SER C 177 45.90 -53.23 -25.33
C SER C 177 47.06 -53.14 -26.32
N ASN C 178 48.20 -53.71 -25.90
CA ASN C 178 49.45 -53.75 -26.67
C ASN C 178 49.33 -54.12 -28.16
N GLU C 179 48.52 -55.15 -28.44
CA GLU C 179 48.32 -55.63 -29.80
C GLU C 179 47.24 -54.85 -30.56
N ALA C 180 46.25 -54.30 -29.85
CA ALA C 180 45.20 -53.54 -30.51
C ALA C 180 45.80 -52.41 -31.29
N PHE C 181 46.83 -51.79 -30.73
CA PHE C 181 47.49 -50.69 -31.40
C PHE C 181 48.17 -51.06 -32.69
N TYR C 182 48.21 -52.35 -33.01
CA TYR C 182 48.90 -52.82 -34.20
C TYR C 182 48.03 -53.71 -35.10
N LEU C 183 46.73 -53.77 -34.77
CA LEU C 183 45.79 -54.56 -35.54
C LEU C 183 45.84 -54.12 -36.99
N ASP C 184 46.06 -55.10 -37.88
CA ASP C 184 46.14 -54.93 -39.34
C ASP C 184 44.87 -54.29 -39.92
N GLU C 185 43.71 -54.72 -39.43
CA GLU C 185 42.42 -54.20 -39.85
C GLU C 185 41.49 -54.14 -38.62
N ALA C 186 40.47 -53.28 -38.66
CA ALA C 186 39.51 -53.14 -37.53
C ALA C 186 38.53 -54.30 -37.38
N PRO C 187 38.37 -54.86 -36.19
CA PRO C 187 37.38 -55.94 -36.15
C PRO C 187 35.94 -55.51 -36.41
N LYS C 188 35.18 -56.34 -37.15
CA LYS C 188 33.77 -56.12 -37.43
C LYS C 188 33.01 -56.41 -36.18
N ARG C 189 33.49 -57.39 -35.43
CA ARG C 189 32.93 -57.82 -34.16
C ARG C 189 34.10 -57.83 -33.19
N ALA C 190 33.89 -57.24 -32.01
CA ALA C 190 34.96 -57.13 -31.02
C ALA C 190 34.45 -57.24 -29.60
N LEU C 191 35.21 -57.90 -28.72
CA LEU C 191 34.85 -58.09 -27.30
C LEU C 191 35.93 -57.48 -26.42
N CYS C 192 35.58 -56.44 -25.64
CA CYS C 192 36.50 -55.77 -24.70
C CYS C 192 36.22 -56.25 -23.30
N VAL C 193 37.05 -57.17 -22.83
CA VAL C 193 36.88 -57.71 -21.50
C VAL C 193 37.59 -56.78 -20.50
N GLY C 194 36.79 -56.13 -19.68
CA GLY C 194 37.34 -55.21 -18.72
C GLY C 194 36.33 -54.11 -18.44
N GLY C 195 36.36 -53.58 -17.23
CA GLY C 195 35.43 -52.54 -16.91
C GLY C 195 36.21 -51.29 -16.58
N GLY C 196 37.50 -51.26 -16.93
CA GLY C 196 38.32 -50.11 -16.59
C GLY C 196 38.35 -49.12 -17.69
N TYR C 197 39.13 -48.07 -17.54
CA TYR C 197 39.17 -47.05 -18.56
C TYR C 197 39.78 -47.53 -19.86
N ILE C 198 40.74 -48.43 -19.80
CA ILE C 198 41.34 -48.94 -21.03
C ILE C 198 40.27 -49.73 -21.85
N SER C 199 39.49 -50.57 -21.19
CA SER C 199 38.45 -51.34 -21.85
C SER C 199 37.37 -50.42 -22.48
N ILE C 200 36.82 -49.51 -21.68
CA ILE C 200 35.79 -48.57 -22.12
C ILE C 200 36.29 -47.75 -23.30
N GLU C 201 37.56 -47.32 -23.23
CA GLU C 201 38.17 -46.49 -24.27
C GLU C 201 38.30 -47.14 -25.62
N PHE C 202 38.78 -48.39 -25.64
CA PHE C 202 39.00 -49.16 -26.85
C PHE C 202 37.66 -49.55 -27.45
N ALA C 203 36.70 -50.01 -26.65
CA ALA C 203 35.37 -50.31 -27.17
C ALA C 203 34.91 -49.10 -28.02
N GLY C 204 35.27 -47.88 -27.67
CA GLY C 204 34.83 -46.75 -28.46
C GLY C 204 35.65 -46.59 -29.73
N ILE C 205 36.93 -46.93 -29.62
CA ILE C 205 37.82 -46.85 -30.76
C ILE C 205 37.33 -47.87 -31.74
N PHE C 206 36.97 -49.04 -31.24
CA PHE C 206 36.49 -50.11 -32.08
C PHE C 206 35.12 -49.80 -32.69
N ASN C 207 34.20 -49.25 -31.88
CA ASN C 207 32.84 -48.90 -32.32
C ASN C 207 32.87 -47.94 -33.55
N ALA C 208 33.86 -47.05 -33.65
CA ALA C 208 33.87 -46.11 -34.75
C ALA C 208 34.47 -46.63 -36.01
N TYR C 209 35.46 -47.50 -35.90
CA TYR C 209 36.09 -48.03 -37.10
C TYR C 209 35.62 -49.39 -37.66
N LYS C 210 34.61 -49.99 -37.02
CA LYS C 210 34.05 -51.27 -37.45
C LYS C 210 33.21 -51.21 -38.73
N ALA C 211 33.34 -52.23 -39.58
CA ALA C 211 32.55 -52.26 -40.81
C ALA C 211 31.09 -52.20 -40.41
N ARG C 212 30.24 -51.60 -41.28
CA ARG C 212 28.81 -51.45 -40.99
C ARG C 212 28.23 -52.81 -40.69
N GLY C 213 27.34 -52.83 -39.71
CA GLY C 213 26.74 -54.08 -39.30
C GLY C 213 27.68 -54.76 -38.32
N GLY C 214 28.78 -54.10 -37.97
CA GLY C 214 29.71 -54.68 -37.03
C GLY C 214 29.14 -54.54 -35.63
N GLN C 215 29.82 -55.08 -34.63
CA GLN C 215 29.35 -54.99 -33.25
C GLN C 215 30.45 -55.01 -32.16
N VAL C 216 30.32 -54.15 -31.14
CA VAL C 216 31.29 -54.10 -30.03
C VAL C 216 30.59 -54.46 -28.70
N ASP C 217 31.04 -55.52 -28.05
CA ASP C 217 30.42 -55.91 -26.79
C ASP C 217 31.47 -55.59 -25.77
N LEU C 218 31.01 -55.19 -24.59
CA LEU C 218 31.89 -54.84 -23.47
C LEU C 218 31.53 -55.72 -22.30
N ALA C 219 32.36 -56.69 -22.03
CA ALA C 219 32.13 -57.60 -20.94
C ALA C 219 32.87 -57.17 -19.65
N TYR C 220 32.16 -57.18 -18.55
CA TYR C 220 32.71 -56.85 -17.27
C TYR C 220 31.99 -57.76 -16.26
N ARG C 221 32.77 -58.40 -15.40
CA ARG C 221 32.28 -59.31 -14.37
C ARG C 221 31.43 -58.66 -13.29
N GLY C 222 31.59 -57.36 -13.13
CA GLY C 222 30.88 -56.59 -12.13
C GLY C 222 29.52 -56.09 -12.51
N ASP C 223 28.97 -55.22 -11.66
CA ASP C 223 27.65 -54.71 -11.87
C ASP C 223 27.76 -53.54 -12.74
N MET C 224 28.68 -52.64 -12.41
CA MET C 224 28.79 -51.44 -13.16
C MET C 224 30.20 -51.19 -13.57
N ILE C 225 30.35 -50.75 -14.80
CA ILE C 225 31.68 -50.51 -15.34
C ILE C 225 32.30 -49.34 -14.64
N LEU C 226 33.62 -49.25 -14.71
CA LEU C 226 34.41 -48.14 -14.12
C LEU C 226 34.33 -48.01 -12.59
N ARG C 227 34.70 -49.12 -11.94
CA ARG C 227 34.70 -49.24 -10.49
C ARG C 227 35.61 -48.17 -9.98
N GLY C 228 35.23 -47.49 -8.90
CA GLY C 228 36.08 -46.47 -8.37
C GLY C 228 35.66 -45.08 -8.81
N PHE C 229 34.84 -44.98 -9.86
CA PHE C 229 34.39 -43.66 -10.28
C PHE C 229 33.04 -43.35 -9.64
N ASP C 230 32.61 -42.13 -9.79
CA ASP C 230 31.31 -41.69 -9.28
C ASP C 230 30.25 -42.67 -9.83
N SER C 231 29.39 -43.22 -8.96
CA SER C 231 28.32 -44.18 -9.36
C SER C 231 27.29 -43.67 -10.29
N GLU C 232 26.95 -42.39 -10.16
CA GLU C 232 25.99 -41.79 -11.05
C GLU C 232 26.61 -41.69 -12.44
N LEU C 233 27.83 -41.18 -12.49
CA LEU C 233 28.50 -41.08 -13.76
C LEU C 233 28.69 -42.45 -14.42
N ARG C 234 28.83 -43.50 -13.65
CA ARG C 234 29.04 -44.81 -14.24
C ARG C 234 27.71 -45.21 -14.86
N LYS C 235 26.66 -44.98 -14.10
CA LYS C 235 25.32 -45.25 -14.53
C LYS C 235 25.06 -44.44 -15.85
N GLN C 236 25.41 -43.18 -15.87
CA GLN C 236 25.15 -42.43 -17.06
C GLN C 236 26.07 -42.77 -18.21
N LEU C 237 27.36 -42.97 -17.96
CA LEU C 237 28.28 -43.28 -19.04
C LEU C 237 27.83 -44.57 -19.74
N THR C 238 27.48 -45.57 -18.95
CA THR C 238 27.01 -46.82 -19.48
C THR C 238 25.86 -46.63 -20.44
N GLU C 239 24.88 -45.77 -20.10
CA GLU C 239 23.72 -45.55 -20.97
C GLU C 239 24.12 -44.89 -22.28
N GLN C 240 24.98 -43.91 -22.20
CA GLN C 240 25.46 -43.22 -23.38
C GLN C 240 26.36 -44.15 -24.20
N LEU C 241 26.91 -45.21 -23.58
CA LEU C 241 27.72 -46.17 -24.34
C LEU C 241 26.73 -46.97 -25.20
N ARG C 242 25.58 -47.29 -24.63
CA ARG C 242 24.55 -48.04 -25.30
C ARG C 242 23.90 -47.26 -26.39
N ALA C 243 23.78 -45.97 -26.17
CA ALA C 243 23.15 -45.13 -27.16
C ALA C 243 23.99 -45.04 -28.41
N ASN C 244 25.30 -45.21 -28.27
CA ASN C 244 26.19 -45.10 -29.41
C ASN C 244 26.35 -46.54 -30.03
N GLY C 245 25.59 -47.49 -29.48
CA GLY C 245 25.61 -48.83 -30.01
C GLY C 245 26.48 -49.87 -29.41
N ILE C 246 27.11 -49.57 -28.27
CA ILE C 246 27.96 -50.56 -27.64
C ILE C 246 27.13 -51.50 -26.75
N ASN C 247 27.50 -52.77 -26.70
CA ASN C 247 26.75 -53.75 -25.94
C ASN C 247 27.42 -54.00 -24.60
N VAL C 248 26.97 -53.27 -23.60
CA VAL C 248 27.56 -53.35 -22.27
C VAL C 248 27.11 -54.55 -21.52
N ARG C 249 27.96 -55.56 -21.51
CA ARG C 249 27.70 -56.83 -20.82
C ARG C 249 28.26 -56.90 -19.39
N THR C 250 27.40 -56.62 -18.42
CA THR C 250 27.73 -56.64 -17.00
C THR C 250 27.60 -58.05 -16.42
N HIS C 251 28.35 -58.36 -15.37
CA HIS C 251 28.27 -59.69 -14.72
C HIS C 251 28.53 -60.75 -15.73
N GLU C 252 29.44 -60.45 -16.65
CA GLU C 252 29.76 -61.36 -17.72
C GLU C 252 31.25 -61.60 -17.78
N ASN C 253 31.67 -62.71 -18.35
CA ASN C 253 33.09 -62.97 -18.41
C ASN C 253 33.36 -64.14 -19.30
N PRO C 254 34.48 -64.12 -20.05
CA PRO C 254 34.81 -65.33 -20.79
C PRO C 254 35.10 -66.49 -19.85
N ALA C 255 34.62 -67.66 -20.23
CA ALA C 255 34.85 -68.90 -19.51
C ALA C 255 35.93 -69.64 -20.29
N LYS C 256 35.86 -69.55 -21.63
CA LYS C 256 36.86 -70.17 -22.54
C LYS C 256 36.71 -69.64 -23.96
N VAL C 257 37.83 -69.52 -24.65
CA VAL C 257 37.84 -69.02 -26.02
C VAL C 257 38.44 -70.04 -26.97
N THR C 258 37.68 -70.33 -28.04
CA THR C 258 38.14 -71.28 -29.07
C THR C 258 38.26 -70.58 -30.43
N LYS C 259 38.92 -71.23 -31.37
CA LYS C 259 39.11 -70.66 -32.69
C LYS C 259 38.12 -71.18 -33.70
N ASN C 260 37.40 -70.30 -34.36
CA ASN C 260 36.47 -70.77 -35.34
C ASN C 260 37.29 -71.11 -36.56
N ALA C 261 36.68 -71.81 -37.51
CA ALA C 261 37.39 -72.20 -38.70
C ALA C 261 37.89 -70.95 -39.46
N ASP C 262 37.06 -69.92 -39.50
CA ASP C 262 37.42 -68.71 -40.20
C ASP C 262 38.41 -67.83 -39.49
N GLY C 263 39.01 -68.37 -38.44
CA GLY C 263 39.98 -67.61 -37.68
C GLY C 263 39.33 -66.72 -36.62
N THR C 264 38.01 -66.67 -36.59
CA THR C 264 37.35 -65.86 -35.58
C THR C 264 37.45 -66.57 -34.26
N ARG C 265 37.14 -65.87 -33.18
CA ARG C 265 37.18 -66.42 -31.83
C ARG C 265 35.77 -66.68 -31.37
N HIS C 266 35.51 -67.89 -30.90
CA HIS C 266 34.18 -68.22 -30.38
C HIS C 266 34.30 -68.19 -28.88
N VAL C 267 33.58 -67.28 -28.25
CA VAL C 267 33.68 -67.18 -26.79
C VAL C 267 32.51 -67.78 -26.09
N VAL C 268 32.79 -68.57 -25.06
CA VAL C 268 31.71 -69.08 -24.26
C VAL C 268 31.84 -68.29 -22.94
N PHE C 269 30.69 -67.88 -22.40
CA PHE C 269 30.63 -67.12 -21.17
C PHE C 269 30.17 -67.99 -20.03
N GLU C 270 30.54 -67.58 -18.81
CA GLU C 270 30.15 -68.30 -17.59
C GLU C 270 28.63 -68.30 -17.46
N SER C 271 27.97 -67.40 -18.17
CA SER C 271 26.52 -67.36 -18.14
C SER C 271 25.95 -68.40 -19.12
N GLY C 272 26.84 -69.04 -19.88
CA GLY C 272 26.41 -70.01 -20.86
C GLY C 272 26.38 -69.36 -22.23
N ALA C 273 26.19 -68.03 -22.23
CA ALA C 273 26.14 -67.23 -23.44
C ALA C 273 27.37 -67.49 -24.26
N GLU C 274 27.22 -67.44 -25.57
CA GLU C 274 28.35 -67.67 -26.44
C GLU C 274 28.24 -66.64 -27.53
N ALA C 275 29.36 -66.42 -28.23
CA ALA C 275 29.45 -65.48 -29.32
C ALA C 275 30.79 -65.62 -30.06
N ASP C 276 30.85 -65.02 -31.24
CA ASP C 276 32.07 -65.12 -32.03
C ASP C 276 32.48 -63.68 -32.29
N TYR C 277 33.77 -63.40 -32.24
CA TYR C 277 34.22 -62.04 -32.43
C TYR C 277 35.39 -62.09 -33.31
N ASP C 278 35.66 -60.99 -34.01
CA ASP C 278 36.82 -61.00 -34.88
C ASP C 278 38.04 -60.84 -34.00
N VAL C 279 37.87 -60.14 -32.87
CA VAL C 279 38.94 -59.86 -31.93
C VAL C 279 38.39 -59.89 -30.53
N VAL C 280 39.18 -60.38 -29.58
CA VAL C 280 38.71 -60.39 -28.20
C VAL C 280 39.81 -59.69 -27.42
N MET C 281 39.59 -58.44 -26.96
CA MET C 281 40.63 -57.71 -26.22
C MET C 281 40.48 -57.86 -24.69
N LEU C 282 41.61 -58.17 -24.05
CA LEU C 282 41.72 -58.38 -22.62
C LEU C 282 42.28 -57.14 -21.89
N ALA C 283 41.43 -56.34 -21.29
CA ALA C 283 41.88 -55.14 -20.60
C ALA C 283 41.39 -55.21 -19.16
N ILE C 284 41.60 -56.35 -18.55
CA ILE C 284 41.21 -56.54 -17.15
C ILE C 284 42.15 -55.95 -16.10
N GLY C 285 43.33 -55.46 -16.47
CA GLY C 285 44.17 -54.87 -15.45
C GLY C 285 45.61 -54.88 -15.81
N ARG C 286 46.39 -54.04 -15.16
CA ARG C 286 47.81 -54.01 -15.43
C ARG C 286 48.48 -54.45 -14.15
N VAL C 287 49.65 -55.09 -14.28
CA VAL C 287 50.34 -55.62 -13.16
C VAL C 287 51.78 -55.19 -13.16
N PRO C 288 52.30 -54.78 -11.98
CA PRO C 288 53.64 -54.22 -11.78
C PRO C 288 54.57 -55.16 -12.51
N ARG C 289 55.54 -54.62 -13.24
CA ARG C 289 56.49 -55.42 -14.02
C ARG C 289 57.87 -55.49 -13.37
N SER C 290 58.04 -56.41 -12.42
CA SER C 290 59.31 -56.53 -11.70
C SER C 290 59.90 -57.92 -11.72
N GLN C 291 59.10 -58.89 -12.15
CA GLN C 291 59.45 -60.29 -12.17
C GLN C 291 60.83 -60.71 -12.66
N THR C 292 61.30 -60.12 -13.73
CA THR C 292 62.58 -60.51 -14.29
C THR C 292 63.73 -59.57 -13.91
N LEU C 293 63.57 -58.87 -12.81
CA LEU C 293 64.58 -57.92 -12.39
C LEU C 293 65.64 -58.46 -11.42
N GLN C 294 65.43 -59.68 -10.89
CA GLN C 294 66.34 -60.31 -9.92
C GLN C 294 66.50 -59.43 -8.68
N LEU C 295 65.35 -58.98 -8.20
CA LEU C 295 65.25 -58.13 -7.05
C LEU C 295 65.84 -58.89 -5.88
N GLU C 296 65.57 -60.20 -5.78
CA GLU C 296 66.12 -61.06 -4.71
C GLU C 296 67.67 -60.98 -4.66
N LYS C 297 68.27 -60.69 -5.81
CA LYS C 297 69.72 -60.57 -5.96
C LYS C 297 70.26 -59.35 -5.25
N ALA C 298 69.36 -58.52 -4.74
CA ALA C 298 69.73 -57.30 -4.02
C ALA C 298 68.84 -57.06 -2.81
N GLY C 299 68.09 -58.08 -2.41
CA GLY C 299 67.22 -57.99 -1.25
C GLY C 299 66.04 -57.05 -1.25
N VAL C 300 65.59 -56.61 -2.42
CA VAL C 300 64.49 -55.67 -2.46
C VAL C 300 63.15 -56.36 -2.22
N GLU C 301 62.33 -55.75 -1.37
CA GLU C 301 61.02 -56.28 -1.05
C GLU C 301 59.99 -56.00 -2.16
N VAL C 302 58.99 -56.87 -2.23
CA VAL C 302 57.97 -56.79 -3.25
C VAL C 302 56.66 -57.36 -2.70
N ALA C 303 55.55 -56.63 -2.80
CA ALA C 303 54.29 -57.17 -2.31
C ALA C 303 53.89 -58.46 -3.04
N LYS C 304 52.70 -58.98 -2.74
CA LYS C 304 52.28 -60.22 -3.41
C LYS C 304 52.15 -60.09 -4.96
N ASN C 305 51.61 -58.96 -5.42
CA ASN C 305 51.40 -58.73 -6.87
C ASN C 305 52.63 -58.41 -7.74
N GLY C 306 53.79 -58.34 -7.12
CA GLY C 306 54.96 -58.03 -7.91
C GLY C 306 55.22 -56.56 -7.74
N ALA C 307 54.38 -55.83 -7.01
CA ALA C 307 54.69 -54.42 -6.82
C ALA C 307 55.79 -54.33 -5.78
N ILE C 308 56.77 -53.51 -6.11
CA ILE C 308 57.96 -53.26 -5.31
C ILE C 308 57.55 -52.29 -4.20
N LYS C 309 57.69 -52.68 -2.93
CA LYS C 309 57.32 -51.78 -1.86
C LYS C 309 58.25 -50.56 -1.93
N VAL C 310 57.79 -49.40 -1.42
CA VAL C 310 58.56 -48.12 -1.32
C VAL C 310 57.88 -47.28 -0.20
N ASP C 311 58.64 -46.34 0.38
CA ASP C 311 58.15 -45.44 1.42
C ASP C 311 57.70 -44.18 0.66
N ALA C 312 57.21 -43.19 1.37
CA ALA C 312 56.74 -41.95 0.76
C ALA C 312 57.71 -41.32 -0.25
N TYR C 313 59.00 -41.60 -0.03
CA TYR C 313 60.07 -41.04 -0.84
C TYR C 313 60.47 -41.94 -1.98
N SER C 314 59.68 -42.98 -2.18
CA SER C 314 59.88 -43.93 -3.27
C SER C 314 61.15 -44.76 -3.11
N LYS C 315 61.56 -44.99 -1.85
CA LYS C 315 62.75 -45.75 -1.54
C LYS C 315 62.30 -47.11 -1.07
N THR C 316 63.11 -48.14 -1.35
CA THR C 316 62.82 -49.53 -0.96
C THR C 316 63.49 -49.89 0.38
N ASN C 317 63.54 -51.18 0.68
CA ASN C 317 64.17 -51.60 1.91
C ASN C 317 65.65 -51.45 1.79
N VAL C 318 66.15 -51.41 0.55
CA VAL C 318 67.58 -51.21 0.26
C VAL C 318 67.75 -49.68 0.09
N ASP C 319 68.49 -49.06 1.00
CA ASP C 319 68.63 -47.62 1.02
C ASP C 319 69.09 -46.87 -0.20
N ASN C 320 69.75 -47.54 -1.13
CA ASN C 320 70.21 -46.81 -2.30
C ASN C 320 69.39 -47.16 -3.52
N ILE C 321 68.25 -47.82 -3.28
CA ILE C 321 67.37 -48.31 -4.33
C ILE C 321 65.96 -47.72 -4.24
N TYR C 322 65.52 -47.05 -5.31
CA TYR C 322 64.19 -46.43 -5.35
C TYR C 322 63.36 -46.99 -6.47
N ALA C 323 62.04 -46.99 -6.34
CA ALA C 323 61.18 -47.50 -7.37
C ALA C 323 60.02 -46.56 -7.52
N ILE C 324 59.81 -46.03 -8.72
CA ILE C 324 58.68 -45.16 -8.97
C ILE C 324 57.81 -45.76 -10.11
N GLY C 325 56.64 -45.16 -10.32
CA GLY C 325 55.83 -45.58 -11.42
C GLY C 325 54.84 -46.65 -11.15
N ASP C 326 54.40 -47.31 -12.21
CA ASP C 326 53.43 -48.39 -12.08
C ASP C 326 54.05 -49.56 -11.36
N VAL C 327 55.37 -49.64 -11.40
CA VAL C 327 56.03 -50.77 -10.75
C VAL C 327 55.83 -50.73 -9.24
N THR C 328 55.48 -49.56 -8.70
CA THR C 328 55.24 -49.39 -7.28
C THR C 328 53.76 -49.58 -6.94
N ASP C 329 52.95 -49.72 -7.99
CA ASP C 329 51.51 -49.93 -7.88
C ASP C 329 50.80 -48.88 -7.05
N ARG C 330 51.08 -47.61 -7.28
CA ARG C 330 50.45 -46.54 -6.52
C ARG C 330 49.30 -45.83 -7.29
N VAL C 331 49.62 -44.87 -8.18
CA VAL C 331 48.57 -44.27 -9.01
C VAL C 331 49.17 -44.43 -10.41
N MET C 332 48.56 -45.28 -11.22
CA MET C 332 49.11 -45.60 -12.53
C MET C 332 48.73 -44.64 -13.63
N LEU C 333 49.27 -43.43 -13.51
CA LEU C 333 49.12 -42.33 -14.44
C LEU C 333 50.50 -41.76 -14.67
N THR C 334 50.78 -41.44 -15.93
CA THR C 334 52.01 -40.85 -16.36
C THR C 334 52.39 -39.62 -15.59
N PRO C 335 51.44 -38.72 -15.37
CA PRO C 335 51.83 -37.55 -14.60
C PRO C 335 52.28 -37.87 -13.16
N VAL C 336 51.74 -38.93 -12.57
CA VAL C 336 52.11 -39.29 -11.19
C VAL C 336 53.53 -39.85 -11.20
N ALA C 337 53.86 -40.68 -12.19
CA ALA C 337 55.19 -41.27 -12.30
C ALA C 337 56.18 -40.23 -12.67
N ILE C 338 55.78 -39.23 -13.43
CA ILE C 338 56.72 -38.17 -13.80
C ILE C 338 57.03 -37.38 -12.55
N ASN C 339 56.03 -37.11 -11.74
CA ASN C 339 56.20 -36.31 -10.52
C ASN C 339 57.05 -37.07 -9.50
N GLU C 340 56.74 -38.34 -9.29
CA GLU C 340 57.52 -39.20 -8.41
C GLU C 340 58.99 -39.24 -8.86
N GLY C 341 59.20 -39.21 -10.17
CA GLY C 341 60.53 -39.20 -10.76
C GLY C 341 61.28 -37.92 -10.42
N ALA C 342 60.58 -36.80 -10.46
CA ALA C 342 61.19 -35.51 -10.11
C ALA C 342 61.44 -35.45 -8.57
N ALA C 343 60.49 -35.88 -7.76
CA ALA C 343 60.69 -35.90 -6.31
C ALA C 343 61.95 -36.71 -5.98
N PHE C 344 62.03 -37.92 -6.51
CA PHE C 344 63.19 -38.77 -6.28
C PHE C 344 64.51 -38.01 -6.46
N VAL C 345 64.71 -37.38 -7.60
CA VAL C 345 65.94 -36.65 -7.83
C VAL C 345 66.21 -35.56 -6.77
N ASP C 346 65.18 -34.85 -6.30
CA ASP C 346 65.39 -33.84 -5.27
C ASP C 346 65.73 -34.55 -3.99
N THR C 347 64.90 -35.49 -3.55
CA THR C 347 65.21 -36.20 -2.34
C THR C 347 66.68 -36.66 -2.36
N VAL C 348 67.05 -37.47 -3.35
CA VAL C 348 68.41 -38.02 -3.46
C VAL C 348 69.58 -37.12 -3.88
N PHE C 349 69.41 -36.31 -4.92
CA PHE C 349 70.47 -35.43 -5.44
C PHE C 349 70.37 -33.95 -5.03
N ALA C 350 69.39 -33.58 -4.21
CA ALA C 350 69.28 -32.19 -3.79
C ALA C 350 69.18 -32.04 -2.27
N ASN C 351 69.01 -33.18 -1.60
CA ASN C 351 68.87 -33.24 -0.16
C ASN C 351 67.67 -32.39 0.16
N LYS C 352 66.75 -32.34 -0.79
CA LYS C 352 65.54 -31.58 -0.64
C LYS C 352 64.52 -32.65 -0.84
N PRO C 353 64.24 -33.41 0.22
CA PRO C 353 63.30 -34.53 0.28
C PRO C 353 61.95 -34.08 -0.26
N ARG C 354 61.16 -35.04 -0.71
CA ARG C 354 59.87 -34.67 -1.26
C ARG C 354 59.15 -35.94 -1.58
N ALA C 355 57.87 -35.98 -1.23
CA ALA C 355 57.02 -37.14 -1.49
C ALA C 355 55.91 -36.59 -2.41
N THR C 356 55.56 -37.35 -3.45
CA THR C 356 54.50 -36.97 -4.39
C THR C 356 53.13 -37.03 -3.68
N ASP C 357 52.28 -36.02 -3.87
CA ASP C 357 50.98 -36.09 -3.25
C ASP C 357 50.10 -36.98 -4.15
N HIS C 358 49.67 -38.12 -3.62
CA HIS C 358 48.84 -39.01 -4.41
C HIS C 358 47.38 -38.79 -4.13
N THR C 359 47.05 -37.73 -3.41
CA THR C 359 45.63 -37.47 -3.14
C THR C 359 45.16 -36.40 -4.14
N LYS C 360 43.86 -36.36 -4.42
CA LYS C 360 43.31 -35.35 -5.34
C LYS C 360 44.06 -35.26 -6.66
N VAL C 361 44.45 -36.41 -7.19
CA VAL C 361 45.14 -36.51 -8.48
C VAL C 361 43.96 -36.58 -9.43
N ALA C 362 43.81 -35.61 -10.33
CA ALA C 362 42.70 -35.60 -11.27
C ALA C 362 42.94 -36.57 -12.40
N CYS C 363 41.89 -37.15 -12.99
CA CYS C 363 42.12 -38.01 -14.13
C CYS C 363 40.98 -37.95 -15.13
N ALA C 364 41.29 -38.37 -16.37
CA ALA C 364 40.33 -38.35 -17.45
C ALA C 364 40.08 -39.76 -18.04
N VAL C 365 38.83 -40.03 -18.37
CA VAL C 365 38.52 -41.30 -19.02
C VAL C 365 38.09 -40.80 -20.40
N PHE C 366 38.89 -41.09 -21.41
CA PHE C 366 38.63 -40.66 -22.77
C PHE C 366 37.65 -41.52 -23.52
N SER C 367 36.48 -41.68 -22.94
CA SER C 367 35.48 -42.47 -23.58
C SER C 367 34.80 -41.47 -24.48
N ILE C 368 33.76 -41.90 -25.16
CA ILE C 368 33.00 -41.02 -26.04
C ILE C 368 31.56 -41.15 -25.45
N PRO C 369 31.11 -40.15 -24.70
CA PRO C 369 31.81 -38.89 -24.38
C PRO C 369 32.78 -39.09 -23.22
N PRO C 370 33.69 -38.16 -22.97
CA PRO C 370 34.70 -38.38 -21.94
C PRO C 370 34.22 -38.02 -20.55
N MET C 371 35.05 -38.38 -19.56
CA MET C 371 34.84 -38.11 -18.13
C MET C 371 36.10 -37.42 -17.64
N GLY C 372 35.98 -36.57 -16.63
CA GLY C 372 37.15 -35.88 -16.12
C GLY C 372 36.80 -35.72 -14.65
N VAL C 373 37.45 -36.48 -13.78
CA VAL C 373 37.19 -36.46 -12.33
C VAL C 373 38.41 -36.14 -11.42
N CYS C 374 38.17 -35.61 -10.22
CA CYS C 374 39.27 -35.35 -9.25
C CYS C 374 38.72 -35.36 -7.84
N GLY C 375 39.28 -36.20 -7.00
CA GLY C 375 38.83 -36.22 -5.63
C GLY C 375 38.04 -37.40 -5.15
N TYR C 376 37.40 -37.25 -3.99
CA TYR C 376 36.65 -38.31 -3.36
C TYR C 376 35.30 -38.47 -3.96
N VAL C 377 34.90 -39.72 -4.09
CA VAL C 377 33.58 -40.03 -4.56
C VAL C 377 32.78 -39.99 -3.26
N GLU C 378 31.50 -39.66 -3.30
CA GLU C 378 30.75 -39.57 -2.05
C GLU C 378 30.85 -40.72 -1.08
N GLU C 379 30.98 -41.95 -1.57
CA GLU C 379 31.09 -43.10 -0.68
C GLU C 379 32.27 -43.02 0.28
N ASP C 380 33.46 -42.76 -0.21
CA ASP C 380 34.61 -42.73 0.67
C ASP C 380 34.65 -41.47 1.49
N ALA C 381 34.00 -40.43 1.02
CA ALA C 381 34.05 -39.16 1.71
C ALA C 381 33.13 -39.19 2.87
N ALA C 382 32.03 -39.92 2.70
CA ALA C 382 30.99 -40.10 3.71
C ALA C 382 31.48 -40.89 4.93
N LYS C 383 32.52 -41.73 4.76
CA LYS C 383 33.15 -42.51 5.82
C LYS C 383 34.29 -41.68 6.52
N LYS C 384 34.78 -40.63 5.87
CA LYS C 384 35.83 -39.82 6.45
C LYS C 384 35.20 -38.63 7.17
N TYR C 385 33.95 -38.34 6.83
CA TYR C 385 33.26 -37.19 7.42
C TYR C 385 31.87 -37.39 7.98
N ASP C 386 31.66 -36.73 9.11
CA ASP C 386 30.37 -36.83 9.74
C ASP C 386 29.30 -36.34 8.79
N GLN C 387 29.53 -35.24 8.09
CA GLN C 387 28.53 -34.81 7.14
C GLN C 387 29.10 -34.30 5.81
N VAL C 388 28.67 -34.93 4.72
CA VAL C 388 29.07 -34.52 3.40
C VAL C 388 27.83 -34.16 2.61
N ALA C 389 27.99 -33.24 1.68
CA ALA C 389 26.86 -32.83 0.88
C ALA C 389 27.21 -33.21 -0.55
N VAL C 390 26.22 -33.61 -1.31
CA VAL C 390 26.48 -33.92 -2.70
C VAL C 390 25.69 -32.97 -3.56
N TYR C 391 26.35 -32.28 -4.47
CA TYR C 391 25.75 -31.32 -5.41
C TYR C 391 25.77 -32.03 -6.76
N GLU C 392 24.69 -31.89 -7.52
CA GLU C 392 24.54 -32.62 -8.75
C GLU C 392 23.94 -31.68 -9.76
N SER C 393 24.27 -31.82 -11.03
CA SER C 393 23.67 -30.95 -12.01
C SER C 393 24.03 -31.48 -13.36
N SER C 394 23.02 -31.86 -14.13
CA SER C 394 23.20 -32.39 -15.48
C SER C 394 22.28 -31.65 -16.45
N PHE C 395 22.56 -31.74 -17.74
CA PHE C 395 21.77 -31.03 -18.72
C PHE C 395 22.36 -31.33 -20.06
N THR C 396 21.48 -31.38 -21.05
CA THR C 396 21.86 -31.61 -22.44
C THR C 396 22.25 -30.24 -22.96
N PRO C 397 23.48 -30.12 -23.46
CA PRO C 397 23.81 -28.85 -24.12
C PRO C 397 22.82 -28.59 -25.30
N LEU C 398 22.59 -27.30 -25.57
CA LEU C 398 21.67 -26.88 -26.64
C LEU C 398 22.09 -27.43 -27.98
N MET C 399 23.41 -27.39 -28.26
CA MET C 399 23.91 -27.88 -29.53
C MET C 399 23.48 -29.30 -29.77
N HIS C 400 23.22 -30.06 -28.69
CA HIS C 400 22.83 -31.47 -28.79
C HIS C 400 21.35 -31.71 -29.02
N ASN C 401 20.63 -30.62 -29.21
CA ASN C 401 19.24 -30.66 -29.51
C ASN C 401 19.20 -30.43 -31.03
N ILE C 402 20.24 -29.76 -31.54
CA ILE C 402 20.36 -29.47 -32.96
C ILE C 402 21.12 -30.55 -33.69
N SER C 403 22.11 -31.15 -33.02
CA SER C 403 22.96 -32.20 -33.60
C SER C 403 22.30 -33.56 -33.75
N GLY C 404 21.33 -33.82 -32.87
CA GLY C 404 20.60 -35.07 -32.87
C GLY C 404 20.96 -35.94 -31.68
N SER C 405 22.19 -35.79 -31.16
CA SER C 405 22.64 -36.59 -30.02
C SER C 405 22.08 -36.10 -28.72
N THR C 406 20.82 -36.41 -28.56
CA THR C 406 20.07 -35.98 -27.41
C THR C 406 20.49 -36.69 -26.10
N TYR C 407 21.09 -37.86 -26.25
CA TYR C 407 21.50 -38.68 -25.13
C TYR C 407 22.74 -38.15 -24.45
N LYS C 408 23.41 -37.25 -25.14
CA LYS C 408 24.64 -36.65 -24.66
C LYS C 408 24.49 -35.59 -23.53
N LYS C 409 24.12 -36.07 -22.32
CA LYS C 409 23.96 -35.19 -21.16
C LYS C 409 25.30 -34.85 -20.57
N PHE C 410 25.50 -33.61 -20.18
CA PHE C 410 26.73 -33.17 -19.52
C PHE C 410 26.38 -33.24 -18.02
N MET C 411 27.29 -33.71 -17.18
CA MET C 411 26.92 -33.86 -15.80
C MET C 411 28.07 -33.55 -14.89
N VAL C 412 27.77 -32.85 -13.79
CA VAL C 412 28.75 -32.39 -12.78
C VAL C 412 28.24 -32.81 -11.40
N ARG C 413 29.08 -33.42 -10.57
CA ARG C 413 28.69 -33.77 -9.21
C ARG C 413 29.88 -33.30 -8.31
N ILE C 414 29.57 -32.58 -7.26
CA ILE C 414 30.60 -32.05 -6.40
C ILE C 414 30.24 -32.62 -5.05
N VAL C 415 31.23 -33.12 -4.31
CA VAL C 415 30.99 -33.64 -2.97
C VAL C 415 31.84 -32.75 -2.12
N THR C 416 31.30 -32.33 -0.98
CA THR C 416 31.99 -31.46 -0.07
C THR C 416 31.87 -31.92 1.37
N ASN C 417 32.66 -31.27 2.21
CA ASN C 417 32.60 -31.50 3.61
C ASN C 417 31.61 -30.46 4.03
N HIS C 418 30.41 -30.87 4.41
CA HIS C 418 29.41 -29.89 4.79
C HIS C 418 29.76 -28.94 5.94
N ALA C 419 30.57 -29.41 6.87
CA ALA C 419 31.01 -28.67 8.03
C ALA C 419 31.68 -27.38 7.72
N ASP C 420 32.55 -27.37 6.70
CA ASP C 420 33.24 -26.15 6.27
C ASP C 420 33.09 -25.90 4.75
N GLY C 421 32.41 -26.81 4.05
CA GLY C 421 32.21 -26.66 2.63
C GLY C 421 33.38 -26.84 1.68
N GLU C 422 34.49 -27.34 2.22
CA GLU C 422 35.64 -27.61 1.40
C GLU C 422 35.22 -28.69 0.40
N VAL C 423 35.64 -28.52 -0.85
CA VAL C 423 35.30 -29.45 -1.89
C VAL C 423 36.24 -30.63 -1.82
N LEU C 424 35.63 -31.80 -1.62
CA LEU C 424 36.38 -33.04 -1.56
C LEU C 424 36.55 -33.72 -2.95
N GLY C 425 35.54 -33.67 -3.81
CA GLY C 425 35.64 -34.32 -5.11
C GLY C 425 34.73 -33.66 -6.14
N VAL C 426 35.18 -33.52 -7.38
CA VAL C 426 34.34 -32.94 -8.46
C VAL C 426 34.38 -34.03 -9.54
N HIS C 427 33.21 -34.49 -10.01
CA HIS C 427 33.14 -35.55 -11.02
C HIS C 427 32.32 -35.12 -12.23
N MET C 428 32.94 -34.96 -13.40
CA MET C 428 32.19 -34.54 -14.60
C MET C 428 32.11 -35.59 -15.70
N LEU C 429 31.06 -35.54 -16.51
CA LEU C 429 30.85 -36.44 -17.65
C LEU C 429 30.42 -35.52 -18.80
N GLY C 430 31.08 -35.60 -19.95
CA GLY C 430 30.65 -34.75 -21.02
C GLY C 430 31.81 -34.32 -21.84
N ASP C 431 31.57 -33.77 -23.03
CA ASP C 431 32.68 -33.33 -23.85
C ASP C 431 33.34 -32.19 -23.15
N SER C 432 34.65 -32.18 -23.20
CA SER C 432 35.45 -31.16 -22.58
C SER C 432 35.80 -31.45 -21.12
N SER C 433 35.10 -32.35 -20.43
CA SER C 433 35.45 -32.58 -19.04
C SER C 433 36.91 -32.91 -18.69
N PRO C 434 37.69 -33.56 -19.63
CA PRO C 434 39.13 -33.74 -19.48
C PRO C 434 39.91 -32.45 -19.40
N GLU C 435 39.49 -31.48 -20.18
CA GLU C 435 40.19 -30.23 -20.14
C GLU C 435 39.77 -29.37 -18.98
N ILE C 436 38.48 -29.37 -18.66
CA ILE C 436 37.98 -28.58 -17.53
C ILE C 436 38.58 -29.09 -16.21
N ILE C 437 38.68 -30.41 -16.06
CA ILE C 437 39.16 -30.96 -14.78
C ILE C 437 40.59 -30.65 -14.37
N GLN C 438 41.43 -30.35 -15.33
CA GLN C 438 42.78 -30.06 -14.98
C GLN C 438 42.85 -28.81 -14.19
N SER C 439 42.05 -27.80 -14.55
CA SER C 439 42.10 -26.54 -13.79
C SER C 439 41.35 -26.63 -12.47
N VAL C 440 40.32 -27.48 -12.45
CA VAL C 440 39.52 -27.73 -11.27
C VAL C 440 40.44 -28.39 -10.23
N ALA C 441 41.37 -29.18 -10.71
CA ALA C 441 42.34 -29.82 -9.83
C ALA C 441 43.13 -28.75 -9.13
N ILE C 442 43.50 -27.70 -9.83
CA ILE C 442 44.28 -26.62 -9.23
C ILE C 442 43.55 -26.09 -8.04
N CYS C 443 42.24 -25.87 -8.15
CA CYS C 443 41.41 -25.42 -7.04
C CYS C 443 41.46 -26.34 -5.85
N LEU C 444 41.21 -27.60 -6.11
CA LEU C 444 41.18 -28.59 -5.06
C LEU C 444 42.51 -28.71 -4.33
N LYS C 445 43.59 -28.44 -5.02
CA LYS C 445 44.88 -28.51 -4.37
C LYS C 445 44.94 -27.35 -3.36
N MET C 446 44.29 -26.25 -3.69
CA MET C 446 44.24 -25.08 -2.85
C MET C 446 43.13 -25.11 -1.76
N GLY C 447 42.39 -26.22 -1.62
CA GLY C 447 41.37 -26.29 -0.60
C GLY C 447 40.15 -25.45 -0.89
N ALA C 448 39.83 -25.25 -2.16
CA ALA C 448 38.68 -24.44 -2.57
C ALA C 448 37.42 -24.98 -1.93
N LYS C 449 36.52 -24.08 -1.54
CA LYS C 449 35.26 -24.44 -0.89
C LYS C 449 34.24 -24.26 -1.95
N ILE C 450 33.00 -24.65 -1.65
CA ILE C 450 31.96 -24.52 -2.63
C ILE C 450 31.62 -23.06 -2.88
N SER C 451 31.81 -22.23 -1.86
CA SER C 451 31.53 -20.83 -2.03
C SER C 451 32.55 -20.15 -2.92
N ASP C 452 33.68 -20.79 -3.20
CA ASP C 452 34.68 -20.16 -4.04
C ASP C 452 34.31 -20.38 -5.49
N PHE C 453 33.63 -21.48 -5.70
CA PHE C 453 33.16 -21.84 -7.03
C PHE C 453 32.00 -20.87 -7.34
N TYR C 454 30.92 -20.92 -6.57
CA TYR C 454 29.79 -20.06 -6.88
C TYR C 454 29.98 -18.56 -6.75
N ASN C 455 31.01 -18.15 -6.02
CA ASN C 455 31.28 -16.74 -5.89
C ASN C 455 32.15 -16.29 -7.06
N THR C 456 32.33 -17.14 -8.05
CA THR C 456 33.12 -16.77 -9.22
C THR C 456 32.14 -16.54 -10.37
N ILE C 457 32.40 -15.52 -11.18
CA ILE C 457 31.54 -15.19 -12.30
C ILE C 457 31.75 -16.16 -13.48
N GLY C 458 30.65 -16.63 -14.07
CA GLY C 458 30.79 -17.57 -15.16
C GLY C 458 31.27 -17.02 -16.48
N VAL C 459 31.75 -17.94 -17.31
CA VAL C 459 32.16 -17.63 -18.67
C VAL C 459 30.97 -18.25 -19.45
N HIS C 460 30.32 -17.47 -20.30
CA HIS C 460 29.11 -17.89 -21.00
C HIS C 460 29.24 -17.77 -22.52
N PRO C 461 28.79 -18.80 -23.32
CA PRO C 461 28.32 -20.11 -22.87
C PRO C 461 29.38 -21.19 -22.87
N THR C 462 29.47 -21.91 -21.75
CA THR C 462 30.41 -22.99 -21.58
C THR C 462 29.76 -24.01 -20.66
N SER C 463 30.15 -25.28 -20.77
CA SER C 463 29.62 -26.28 -19.88
C SER C 463 30.31 -26.05 -18.53
N ALA C 464 31.54 -25.56 -18.59
CA ALA C 464 32.30 -25.30 -17.41
C ALA C 464 31.63 -24.35 -16.45
N GLU C 465 30.94 -23.30 -16.92
CA GLU C 465 30.27 -22.38 -16.00
C GLU C 465 29.28 -23.09 -15.11
N GLU C 466 28.90 -24.33 -15.41
CA GLU C 466 27.99 -25.05 -14.52
C GLU C 466 28.56 -25.22 -13.08
N LEU C 467 29.88 -25.21 -12.97
CA LEU C 467 30.55 -25.37 -11.69
C LEU C 467 30.23 -24.20 -10.75
N CYS C 468 30.06 -23.00 -11.33
CA CYS C 468 29.75 -21.81 -10.55
C CYS C 468 28.25 -21.59 -10.39
N SER C 469 27.45 -22.63 -10.54
CA SER C 469 26.03 -22.41 -10.42
C SER C 469 25.35 -23.40 -9.57
N MET C 470 26.10 -23.98 -8.65
CA MET C 470 25.55 -24.99 -7.78
C MET C 470 25.70 -24.53 -6.36
N ARG C 471 24.56 -24.17 -5.77
CA ARG C 471 24.50 -23.65 -4.39
C ARG C 471 23.72 -24.52 -3.40
N THR C 472 22.69 -25.21 -3.88
CA THR C 472 21.86 -26.06 -3.06
C THR C 472 22.31 -27.50 -3.24
N PRO C 473 22.54 -28.23 -2.13
CA PRO C 473 22.85 -29.66 -2.20
C PRO C 473 21.66 -30.60 -2.51
N ALA C 474 21.92 -31.68 -3.23
CA ALA C 474 20.90 -32.63 -3.57
C ALA C 474 20.54 -33.36 -2.30
N TYR C 475 21.57 -33.86 -1.65
CA TYR C 475 21.39 -34.58 -0.42
C TYR C 475 22.67 -34.61 0.36
N PHE C 476 22.63 -35.35 1.45
CA PHE C 476 23.79 -35.41 2.32
C PHE C 476 24.01 -36.80 2.78
N TYR C 477 24.96 -36.89 3.69
CA TYR C 477 25.37 -38.10 4.36
C TYR C 477 25.68 -37.69 5.80
N GLU C 478 24.84 -38.12 6.75
CA GLU C 478 25.11 -37.81 8.14
C GLU C 478 25.76 -39.06 8.70
N LYS C 479 26.90 -38.87 9.36
CA LYS C 479 27.65 -39.98 9.88
C LYS C 479 27.56 -41.26 9.02
N GLY C 480 27.71 -41.07 7.70
CA GLY C 480 27.70 -42.20 6.78
C GLY C 480 26.42 -42.70 6.17
N LYS C 481 25.29 -42.08 6.52
CA LYS C 481 24.01 -42.51 6.00
C LYS C 481 23.46 -41.35 5.12
N ARG C 482 22.89 -41.67 3.96
CA ARG C 482 22.35 -40.63 3.13
C ARG C 482 21.08 -40.10 3.74
N VAL C 483 21.19 -38.99 4.44
CA VAL C 483 20.02 -38.37 5.01
C VAL C 483 19.60 -37.41 3.91
N GLU C 484 18.30 -37.31 3.67
CA GLU C 484 17.78 -36.42 2.65
C GLU C 484 17.90 -34.94 3.05
N LYS C 485 18.32 -34.70 4.29
CA LYS C 485 18.52 -33.34 4.79
C LYS C 485 19.09 -33.38 6.21
N ILE C 486 19.90 -32.41 6.55
CA ILE C 486 20.45 -32.40 7.88
C ILE C 486 19.40 -31.96 8.90
N ASP C 487 18.99 -32.91 9.74
CA ASP C 487 17.99 -32.71 10.81
C ASP C 487 18.73 -32.77 12.19
N SER D 1 -0.43 2.57 -2.05
CA SER D 1 0.85 2.60 -1.26
C SER D 1 2.03 2.31 -2.17
N ARG D 2 1.82 2.58 -3.46
CA ARG D 2 2.78 2.34 -4.56
C ARG D 2 2.46 0.97 -5.14
N ALA D 3 1.88 1.03 -6.34
CA ALA D 3 1.42 -0.11 -7.11
C ALA D 3 2.47 -1.20 -7.35
N TYR D 4 3.72 -0.80 -7.46
CA TYR D 4 4.73 -1.78 -7.71
C TYR D 4 5.92 -1.45 -6.84
N ASP D 5 6.54 -2.49 -6.30
CA ASP D 5 7.76 -2.30 -5.53
C ASP D 5 8.88 -2.04 -6.56
N LEU D 6 8.89 -2.79 -7.65
CA LEU D 6 9.92 -2.58 -8.67
C LEU D 6 9.39 -2.62 -10.12
N VAL D 7 10.03 -1.85 -10.99
CA VAL D 7 9.69 -1.85 -12.42
C VAL D 7 11.05 -1.94 -13.09
N VAL D 8 11.23 -3.00 -13.89
CA VAL D 8 12.47 -3.20 -14.61
C VAL D 8 12.19 -2.97 -16.07
N ILE D 9 12.94 -2.03 -16.64
CA ILE D 9 12.87 -1.67 -18.04
C ILE D 9 14.03 -2.47 -18.66
N GLY D 10 13.70 -3.62 -19.21
CA GLY D 10 14.73 -4.45 -19.81
C GLY D 10 14.63 -5.85 -19.32
N ALA D 11 13.97 -6.70 -20.09
CA ALA D 11 13.82 -8.12 -19.75
C ALA D 11 15.05 -8.95 -20.17
N GLY D 12 16.25 -8.39 -20.00
CA GLY D 12 17.45 -9.12 -20.38
C GLY D 12 18.11 -9.94 -19.28
N SER D 13 19.41 -10.20 -19.40
CA SER D 13 20.21 -10.97 -18.44
C SER D 13 20.26 -10.45 -16.99
N GLY D 14 20.49 -9.14 -16.82
CA GLY D 14 20.45 -8.58 -15.48
C GLY D 14 18.99 -8.40 -15.06
N GLY D 15 18.18 -7.76 -15.90
CA GLY D 15 16.79 -7.51 -15.53
C GLY D 15 15.91 -8.68 -15.11
N LEU D 16 15.93 -9.77 -15.88
CA LEU D 16 15.16 -10.98 -15.58
C LEU D 16 15.69 -11.62 -14.28
N GLU D 17 16.98 -11.50 -14.01
CA GLU D 17 17.59 -12.01 -12.77
C GLU D 17 17.12 -11.15 -11.57
N ALA D 18 17.27 -9.84 -11.68
CA ALA D 18 16.82 -8.94 -10.63
C ALA D 18 15.29 -9.15 -10.51
N GLY D 19 14.59 -9.12 -11.64
CA GLY D 19 13.13 -9.27 -11.67
C GLY D 19 12.57 -10.48 -10.95
N TRP D 20 13.09 -11.63 -11.30
CA TRP D 20 12.70 -12.90 -10.74
C TRP D 20 12.99 -13.09 -9.26
N ASN D 21 14.14 -12.63 -8.78
CA ASN D 21 14.49 -12.81 -7.37
C ASN D 21 13.70 -11.92 -6.46
N ALA D 22 13.52 -10.66 -6.87
CA ALA D 22 12.78 -9.69 -6.08
C ALA D 22 11.39 -10.21 -5.86
N ALA D 23 10.83 -10.84 -6.89
CA ALA D 23 9.46 -11.40 -6.84
C ALA D 23 9.32 -12.77 -6.19
N SER D 24 10.22 -13.71 -6.53
CA SER D 24 10.23 -15.07 -5.95
C SER D 24 10.81 -15.13 -4.54
N LEU D 25 12.03 -14.62 -4.41
CA LEU D 25 12.72 -14.64 -3.14
C LEU D 25 12.19 -13.61 -2.16
N HIS D 26 11.57 -12.55 -2.65
CA HIS D 26 11.07 -11.50 -1.76
C HIS D 26 9.61 -11.13 -1.78
N LYS D 27 8.84 -11.82 -2.60
CA LYS D 27 7.43 -11.57 -2.68
C LYS D 27 7.06 -10.16 -3.15
N LYS D 28 7.98 -9.45 -3.78
CA LYS D 28 7.67 -8.12 -4.30
C LYS D 28 6.72 -8.19 -5.52
N ARG D 29 6.11 -7.03 -5.84
CA ARG D 29 5.17 -6.89 -6.96
C ARG D 29 6.07 -6.25 -7.99
N VAL D 30 6.53 -7.07 -8.93
CA VAL D 30 7.45 -6.63 -9.97
C VAL D 30 6.92 -6.56 -11.37
N ALA D 31 7.21 -5.47 -12.04
CA ALA D 31 6.77 -5.30 -13.41
C ALA D 31 8.01 -5.31 -14.30
N VAL D 32 8.11 -6.28 -15.19
CA VAL D 32 9.24 -6.35 -16.10
C VAL D 32 8.79 -5.86 -17.47
N ILE D 33 9.57 -4.99 -18.13
CA ILE D 33 9.20 -4.41 -19.42
C ILE D 33 10.19 -4.72 -20.52
N ASP D 34 9.67 -5.07 -21.70
CA ASP D 34 10.52 -5.28 -22.87
C ASP D 34 9.69 -5.07 -24.13
N LEU D 35 10.38 -4.83 -25.25
CA LEU D 35 9.73 -4.55 -26.56
C LEU D 35 9.04 -5.72 -27.19
N GLN D 36 9.53 -6.92 -26.93
CA GLN D 36 8.89 -8.03 -27.55
C GLN D 36 9.07 -9.37 -26.86
N LYS D 37 8.13 -10.25 -27.15
CA LYS D 37 8.04 -11.56 -26.55
C LYS D 37 8.92 -12.61 -27.17
N HIS D 38 9.37 -12.40 -28.41
CA HIS D 38 10.21 -13.36 -29.17
C HIS D 38 11.30 -12.66 -29.96
N HIS D 39 12.38 -13.40 -30.19
CA HIS D 39 13.54 -12.87 -30.91
C HIS D 39 13.22 -12.47 -32.34
N GLY D 40 14.00 -11.56 -32.92
CA GLY D 40 13.78 -11.23 -34.31
C GLY D 40 13.43 -9.82 -34.66
N PRO D 41 13.49 -9.47 -35.96
CA PRO D 41 12.97 -8.19 -36.46
C PRO D 41 11.48 -8.09 -36.10
N PRO D 42 11.04 -6.90 -35.67
CA PRO D 42 11.85 -5.72 -35.98
C PRO D 42 12.82 -5.28 -34.88
N HIS D 43 12.67 -5.81 -33.67
CA HIS D 43 13.54 -5.37 -32.59
C HIS D 43 14.74 -6.25 -32.26
N TYR D 44 14.76 -7.47 -32.77
CA TYR D 44 15.87 -8.41 -32.53
C TYR D 44 15.93 -8.95 -31.11
N ALA D 45 16.30 -8.12 -30.17
CA ALA D 45 16.32 -8.56 -28.79
C ALA D 45 14.81 -8.50 -28.35
N ALA D 46 14.49 -9.26 -27.31
CA ALA D 46 13.15 -9.38 -26.78
C ALA D 46 13.30 -9.95 -25.36
N LEU D 47 12.20 -10.46 -24.83
CA LEU D 47 12.14 -11.10 -23.52
C LEU D 47 13.34 -12.04 -23.44
N GLY D 48 14.21 -11.84 -22.46
CA GLY D 48 15.39 -12.69 -22.29
C GLY D 48 16.68 -11.92 -22.49
N GLY D 49 16.63 -10.84 -23.26
CA GLY D 49 17.79 -10.01 -23.51
C GLY D 49 18.49 -10.23 -24.85
N THR D 50 19.63 -9.59 -25.00
CA THR D 50 20.47 -9.66 -26.19
C THR D 50 21.20 -10.99 -26.30
N CYS D 51 21.61 -11.56 -25.17
CA CYS D 51 22.36 -12.81 -25.15
C CYS D 51 21.51 -13.93 -25.71
N VAL D 52 20.34 -14.13 -25.14
CA VAL D 52 19.48 -15.19 -25.58
C VAL D 52 19.01 -14.95 -26.99
N ASN D 53 18.59 -13.72 -27.27
CA ASN D 53 18.01 -13.48 -28.59
C ASN D 53 18.93 -13.23 -29.78
N VAL D 54 19.85 -12.31 -29.63
CA VAL D 54 20.80 -11.97 -30.66
C VAL D 54 22.15 -11.79 -30.01
N GLY D 55 22.61 -12.80 -29.29
CA GLY D 55 23.92 -12.72 -28.67
C GLY D 55 24.62 -14.05 -28.47
N CYS D 56 25.16 -14.25 -27.27
CA CYS D 56 25.90 -15.45 -26.89
C CYS D 56 25.28 -16.76 -27.30
N VAL D 57 23.97 -16.79 -27.42
CA VAL D 57 23.27 -18.03 -27.69
C VAL D 57 23.21 -18.50 -29.13
N PRO D 58 22.58 -17.71 -30.04
CA PRO D 58 22.74 -17.98 -31.46
C PRO D 58 24.19 -18.00 -31.97
N LYS D 59 25.02 -17.14 -31.42
CA LYS D 59 26.42 -16.98 -31.84
C LYS D 59 27.19 -18.27 -31.58
N LYS D 60 26.90 -18.91 -30.46
CA LYS D 60 27.58 -20.12 -30.07
C LYS D 60 27.11 -21.25 -30.97
N LEU D 61 25.80 -21.31 -31.18
CA LEU D 61 25.25 -22.34 -32.03
C LEU D 61 25.90 -22.16 -33.40
N MET D 62 25.97 -20.91 -33.87
CA MET D 62 26.54 -20.65 -35.15
C MET D 62 28.04 -20.90 -35.23
N VAL D 63 28.77 -20.71 -34.12
CA VAL D 63 30.21 -20.94 -34.11
C VAL D 63 30.48 -22.43 -34.13
N THR D 64 29.59 -23.20 -33.53
CA THR D 64 29.68 -24.65 -33.51
C THR D 64 29.45 -25.16 -34.91
N GLY D 65 28.43 -24.63 -35.59
CA GLY D 65 28.22 -25.01 -36.97
C GLY D 65 29.47 -24.70 -37.80
N ALA D 66 30.00 -23.48 -37.71
CA ALA D 66 31.16 -23.16 -38.53
C ALA D 66 32.29 -24.12 -38.32
N ASN D 67 32.45 -24.59 -37.10
CA ASN D 67 33.51 -25.53 -36.79
C ASN D 67 33.49 -26.80 -37.63
N TYR D 68 32.31 -27.32 -37.96
CA TYR D 68 32.27 -28.53 -38.77
C TYR D 68 33.08 -28.51 -40.05
N MET D 69 33.29 -27.33 -40.63
CA MET D 69 34.07 -27.29 -41.84
C MET D 69 35.44 -27.77 -41.51
N ASP D 70 36.00 -27.22 -40.46
CA ASP D 70 37.32 -27.57 -40.08
C ASP D 70 37.34 -29.01 -39.65
N THR D 71 36.35 -29.44 -38.89
CA THR D 71 36.36 -30.82 -38.37
C THR D 71 36.15 -31.96 -39.38
N ILE D 72 35.44 -31.65 -40.45
CA ILE D 72 35.16 -32.61 -41.50
C ILE D 72 36.45 -32.63 -42.29
N ARG D 73 37.15 -31.52 -42.30
CA ARG D 73 38.42 -31.46 -43.02
C ARG D 73 39.52 -32.27 -42.33
N GLU D 74 39.62 -32.08 -41.03
CA GLU D 74 40.62 -32.79 -40.26
C GLU D 74 40.42 -34.29 -40.17
N SER D 75 39.19 -34.77 -40.40
CA SER D 75 38.93 -36.20 -40.31
C SER D 75 39.66 -37.02 -41.37
N ALA D 76 40.01 -36.37 -42.49
CA ALA D 76 40.77 -37.02 -43.55
C ALA D 76 42.06 -37.68 -43.02
N GLY D 77 42.75 -36.99 -42.11
CA GLY D 77 43.98 -37.47 -41.51
C GLY D 77 43.82 -38.72 -40.65
N PHE D 78 42.62 -38.91 -40.12
CA PHE D 78 42.35 -40.05 -39.26
C PHE D 78 41.65 -41.17 -40.01
N GLY D 79 41.86 -41.22 -41.32
CA GLY D 79 41.24 -42.27 -42.11
C GLY D 79 39.72 -42.17 -42.38
N TRP D 80 39.18 -40.98 -42.43
CA TRP D 80 37.79 -40.89 -42.72
C TRP D 80 37.62 -40.49 -44.13
N GLU D 81 36.95 -41.34 -44.89
CA GLU D 81 36.70 -41.13 -46.30
C GLU D 81 35.30 -40.76 -46.61
N LEU D 82 35.16 -39.75 -47.46
CA LEU D 82 33.85 -39.24 -47.89
C LEU D 82 33.97 -38.53 -49.23
N ASP D 83 32.84 -38.35 -49.91
CA ASP D 83 32.87 -37.63 -51.18
C ASP D 83 33.10 -36.19 -50.74
N ARG D 84 34.37 -35.87 -50.55
CA ARG D 84 34.78 -34.59 -50.04
C ARG D 84 34.36 -33.43 -50.89
N GLU D 85 34.07 -33.73 -52.15
CA GLU D 85 33.59 -32.71 -53.05
C GLU D 85 32.10 -32.51 -52.77
N SER D 86 31.41 -33.48 -52.16
CA SER D 86 30.00 -33.26 -51.84
C SER D 86 29.72 -32.35 -50.67
N VAL D 87 30.72 -32.05 -49.85
CA VAL D 87 30.52 -31.21 -48.65
C VAL D 87 30.03 -29.79 -48.95
N ARG D 88 28.81 -29.49 -48.56
CA ARG D 88 28.18 -28.17 -48.80
C ARG D 88 27.60 -27.55 -47.55
N PRO D 89 28.02 -26.31 -47.24
CA PRO D 89 27.29 -25.60 -46.21
C PRO D 89 25.93 -25.16 -46.65
N ASN D 90 25.01 -25.27 -45.73
CA ASN D 90 23.63 -24.91 -45.87
C ASN D 90 23.18 -23.94 -44.76
N TRP D 91 23.43 -22.68 -45.03
CA TRP D 91 23.05 -21.58 -44.15
C TRP D 91 21.60 -21.63 -43.66
N LYS D 92 20.65 -21.94 -44.55
CA LYS D 92 19.25 -21.92 -44.16
C LYS D 92 18.91 -22.95 -43.14
N ALA D 93 19.52 -24.11 -43.24
CA ALA D 93 19.24 -25.15 -42.25
C ALA D 93 19.74 -24.66 -40.88
N LEU D 94 20.85 -23.95 -40.90
CA LEU D 94 21.47 -23.39 -39.73
C LEU D 94 20.56 -22.36 -39.15
N ILE D 95 20.38 -21.25 -39.85
CA ILE D 95 19.55 -20.20 -39.35
C ILE D 95 18.17 -20.66 -38.87
N ALA D 96 17.64 -21.77 -39.40
CA ALA D 96 16.33 -22.30 -38.99
C ALA D 96 16.42 -23.04 -37.68
N ALA D 97 17.45 -23.86 -37.51
CA ALA D 97 17.61 -24.57 -36.23
C ALA D 97 17.94 -23.58 -35.12
N LYS D 98 18.70 -22.57 -35.48
CA LYS D 98 19.07 -21.57 -34.52
C LYS D 98 17.79 -20.88 -34.08
N ASN D 99 16.86 -20.58 -35.01
CA ASN D 99 15.60 -19.90 -34.68
C ASN D 99 14.69 -20.73 -33.83
N LYS D 100 14.72 -22.03 -34.02
CA LYS D 100 13.89 -22.90 -33.22
C LYS D 100 14.51 -22.98 -31.80
N ALA D 101 15.83 -22.96 -31.68
CA ALA D 101 16.43 -23.05 -30.37
C ALA D 101 16.07 -21.80 -29.60
N VAL D 102 16.27 -20.68 -30.25
CA VAL D 102 16.01 -19.40 -29.62
C VAL D 102 14.58 -19.20 -29.25
N SER D 103 13.64 -19.78 -29.99
CA SER D 103 12.19 -19.63 -29.68
C SER D 103 11.92 -20.48 -28.46
N GLY D 104 12.53 -21.65 -28.45
CA GLY D 104 12.33 -22.56 -27.35
C GLY D 104 12.69 -21.89 -26.06
N ILE D 105 13.77 -21.11 -26.08
CA ILE D 105 14.19 -20.41 -24.87
C ILE D 105 13.18 -19.33 -24.56
N ASN D 106 12.71 -18.62 -25.58
CA ASN D 106 11.69 -17.56 -25.42
C ASN D 106 10.43 -18.13 -24.81
N ASP D 107 10.14 -19.37 -25.12
CA ASP D 107 8.94 -19.95 -24.58
C ASP D 107 9.09 -20.33 -23.17
N SER D 108 10.29 -20.70 -22.74
CA SER D 108 10.46 -21.09 -21.34
C SER D 108 10.22 -19.87 -20.47
N TYR D 109 10.74 -18.74 -20.96
CA TYR D 109 10.61 -17.46 -20.29
C TYR D 109 9.17 -17.15 -20.10
N GLU D 110 8.38 -17.42 -21.13
CA GLU D 110 6.95 -17.16 -21.10
C GLU D 110 6.11 -17.90 -20.03
N GLY D 111 6.74 -18.83 -19.33
CA GLY D 111 6.02 -19.56 -18.30
C GLY D 111 6.51 -19.12 -16.95
N MET D 112 7.68 -18.48 -16.93
CA MET D 112 8.31 -17.98 -15.71
C MET D 112 7.30 -17.01 -15.15
N PHE D 113 6.66 -16.28 -16.06
CA PHE D 113 5.67 -15.30 -15.69
C PHE D 113 4.35 -15.90 -15.20
N ALA D 114 3.82 -16.89 -15.92
CA ALA D 114 2.56 -17.51 -15.54
C ALA D 114 2.71 -18.16 -14.18
N ASP D 115 3.91 -18.69 -13.94
CA ASP D 115 4.25 -19.40 -12.71
C ASP D 115 4.63 -18.53 -11.51
N THR D 116 4.60 -17.20 -11.65
CA THR D 116 5.00 -16.33 -10.52
C THR D 116 4.07 -15.16 -10.12
N GLU D 117 3.55 -15.21 -8.90
CA GLU D 117 2.69 -14.15 -8.37
C GLU D 117 3.58 -12.95 -8.19
N GLY D 118 3.16 -11.83 -8.72
CA GLY D 118 3.95 -10.63 -8.59
C GLY D 118 4.88 -10.37 -9.76
N LEU D 119 5.02 -11.33 -10.67
CA LEU D 119 5.88 -11.13 -11.83
C LEU D 119 5.02 -10.96 -13.04
N THR D 120 5.05 -9.76 -13.56
CA THR D 120 4.24 -9.42 -14.68
C THR D 120 5.07 -8.85 -15.83
N PHE D 121 4.77 -9.35 -17.03
CA PHE D 121 5.42 -8.88 -18.27
C PHE D 121 4.58 -7.78 -18.88
N HIS D 122 5.20 -6.66 -19.16
CA HIS D 122 4.52 -5.53 -19.78
C HIS D 122 5.37 -5.22 -21.02
N GLN D 123 4.73 -5.25 -22.18
CA GLN D 123 5.34 -5.05 -23.50
C GLN D 123 5.26 -3.68 -24.13
N GLY D 124 6.39 -3.13 -24.51
CA GLY D 124 6.32 -1.84 -25.14
C GLY D 124 7.59 -1.17 -24.78
N PHE D 125 7.66 0.11 -25.09
CA PHE D 125 8.82 0.93 -24.80
C PHE D 125 8.70 1.62 -23.50
N GLY D 126 9.66 1.39 -22.63
CA GLY D 126 9.61 2.07 -21.34
C GLY D 126 10.29 3.42 -21.37
N ALA D 127 9.72 4.37 -20.63
CA ALA D 127 10.30 5.69 -20.57
C ALA D 127 9.86 6.20 -19.25
N LEU D 128 10.76 6.91 -18.59
CA LEU D 128 10.46 7.51 -17.31
C LEU D 128 9.62 8.76 -17.44
N GLN D 129 8.62 8.91 -16.56
CA GLN D 129 7.82 10.14 -16.49
C GLN D 129 8.53 10.93 -15.33
N ASP D 130 8.94 10.20 -14.32
CA ASP D 130 9.63 10.75 -13.16
C ASP D 130 10.10 9.52 -12.34
N ASN D 131 10.82 9.72 -11.23
CA ASN D 131 11.34 8.59 -10.48
C ASN D 131 10.38 7.62 -9.82
N HIS D 132 9.08 7.73 -10.08
CA HIS D 132 8.14 6.78 -9.49
C HIS D 132 7.05 6.39 -10.47
N THR D 133 7.17 6.88 -11.69
CA THR D 133 6.18 6.60 -12.71
C THR D 133 6.91 6.18 -13.97
N VAL D 134 6.55 5.04 -14.52
CA VAL D 134 7.19 4.58 -15.75
C VAL D 134 6.10 4.45 -16.75
N LEU D 135 6.35 4.93 -17.95
CA LEU D 135 5.36 4.84 -19.01
C LEU D 135 5.75 3.70 -19.91
N VAL D 136 4.75 2.99 -20.41
CA VAL D 136 4.98 1.90 -21.35
C VAL D 136 4.27 2.44 -22.61
N ARG D 137 5.05 2.97 -23.55
CA ARG D 137 4.47 3.52 -24.76
C ARG D 137 4.57 2.49 -25.83
N GLU D 138 3.91 2.74 -26.94
CA GLU D 138 3.95 1.79 -28.00
C GLU D 138 5.22 1.94 -28.80
N SER D 139 5.86 3.09 -28.74
CA SER D 139 7.07 3.25 -29.50
C SER D 139 8.14 4.13 -28.85
N ALA D 140 9.29 4.20 -29.51
CA ALA D 140 10.38 4.99 -29.00
C ALA D 140 10.00 6.47 -29.05
N ASP D 141 9.21 6.80 -30.08
CA ASP D 141 8.69 8.15 -30.37
C ASP D 141 7.96 8.78 -29.18
N PRO D 142 8.53 9.84 -28.59
CA PRO D 142 8.21 10.37 -27.25
C PRO D 142 6.74 10.73 -27.06
N ASN D 143 6.01 10.83 -28.15
CA ASN D 143 4.62 11.12 -27.97
C ASN D 143 3.73 10.09 -28.65
N SER D 144 4.11 8.83 -28.47
CA SER D 144 3.34 7.73 -29.02
C SER D 144 2.29 7.45 -27.95
N ALA D 145 1.36 6.56 -28.24
CA ALA D 145 0.33 6.25 -27.25
C ALA D 145 0.89 5.64 -26.00
N VAL D 146 0.71 6.30 -24.88
CA VAL D 146 1.12 5.70 -23.62
C VAL D 146 0.18 4.52 -23.57
N LEU D 147 0.70 3.38 -23.19
CA LEU D 147 -0.11 2.19 -23.08
C LEU D 147 -0.37 1.95 -21.60
N GLU D 148 0.63 2.21 -20.79
CA GLU D 148 0.49 1.99 -19.36
C GLU D 148 1.22 3.08 -18.62
N THR D 149 0.97 3.10 -17.31
CA THR D 149 1.57 4.02 -16.38
C THR D 149 1.78 3.18 -15.11
N LEU D 150 3.03 2.96 -14.78
CA LEU D 150 3.37 2.12 -13.63
C LEU D 150 3.89 2.91 -12.42
N ASP D 151 3.16 2.82 -11.30
CA ASP D 151 3.53 3.50 -10.06
C ASP D 151 4.42 2.49 -9.36
N THR D 152 5.64 2.92 -9.09
CA THR D 152 6.59 2.02 -8.48
C THR D 152 7.47 2.70 -7.43
N GLU D 153 7.87 1.94 -6.42
CA GLU D 153 8.74 2.49 -5.38
C GLU D 153 10.11 2.59 -6.02
N TYR D 154 10.59 1.45 -6.51
CA TYR D 154 11.90 1.30 -7.13
C TYR D 154 11.85 1.07 -8.61
N ILE D 155 12.87 1.58 -9.31
CA ILE D 155 13.00 1.41 -10.76
C ILE D 155 14.39 0.86 -11.13
N LEU D 156 14.42 -0.30 -11.79
CA LEU D 156 15.72 -0.84 -12.23
C LEU D 156 15.81 -0.75 -13.75
N LEU D 157 16.80 0.01 -14.23
CA LEU D 157 17.01 0.22 -15.65
C LEU D 157 18.08 -0.75 -16.12
N ALA D 158 17.71 -1.61 -17.07
CA ALA D 158 18.63 -2.61 -17.61
C ALA D 158 18.23 -2.79 -19.09
N THR D 159 18.51 -1.76 -19.87
CA THR D 159 18.12 -1.71 -21.27
C THR D 159 19.23 -2.12 -22.18
N GLY D 160 20.38 -2.41 -21.58
CA GLY D 160 21.53 -2.88 -22.35
C GLY D 160 22.20 -1.97 -23.32
N SER D 161 22.81 -2.54 -24.34
CA SER D 161 23.46 -1.68 -25.29
C SER D 161 22.90 -1.90 -26.69
N TRP D 162 23.57 -1.36 -27.72
CA TRP D 162 23.08 -1.43 -29.10
C TRP D 162 24.21 -1.32 -30.14
N PRO D 163 24.04 -1.96 -31.33
CA PRO D 163 25.17 -1.88 -32.25
C PRO D 163 25.48 -0.43 -32.68
N GLN D 164 26.75 -0.09 -32.65
CA GLN D 164 27.27 1.21 -33.04
C GLN D 164 27.57 1.27 -34.52
N HIS D 165 27.26 2.40 -35.14
CA HIS D 165 27.48 2.61 -36.57
C HIS D 165 28.67 3.53 -36.74
N LEU D 166 29.16 3.76 -37.99
CA LEU D 166 30.29 4.66 -38.22
C LEU D 166 30.01 5.98 -38.83
N GLY D 167 28.84 6.09 -39.45
CA GLY D 167 28.43 7.34 -40.05
C GLY D 167 29.22 7.81 -41.22
N ILE D 168 29.25 6.98 -42.26
CA ILE D 168 29.93 7.28 -43.51
C ILE D 168 28.77 7.13 -44.50
N GLU D 169 28.88 7.77 -45.66
CA GLU D 169 27.79 7.58 -46.62
C GLU D 169 27.69 6.08 -46.84
N GLY D 170 26.49 5.55 -46.98
CA GLY D 170 26.37 4.13 -47.22
C GLY D 170 26.23 3.34 -45.95
N ASP D 171 26.33 3.98 -44.79
CA ASP D 171 26.18 3.26 -43.53
C ASP D 171 24.87 2.43 -43.52
N ASP D 172 23.78 2.96 -44.05
CA ASP D 172 22.54 2.20 -44.04
C ASP D 172 22.56 0.98 -45.01
N LEU D 173 23.66 0.79 -45.71
CA LEU D 173 23.78 -0.35 -46.64
C LEU D 173 24.53 -1.45 -45.93
N CYS D 174 24.99 -1.11 -44.73
CA CYS D 174 25.73 -2.00 -43.85
C CYS D 174 24.80 -2.63 -42.83
N ILE D 175 25.24 -3.76 -42.27
CA ILE D 175 24.45 -4.38 -41.23
C ILE D 175 25.23 -4.40 -39.92
N THR D 176 24.72 -5.12 -38.94
CA THR D 176 25.36 -5.22 -37.65
C THR D 176 24.99 -6.64 -37.15
N SER D 177 25.61 -7.11 -36.08
CA SER D 177 25.28 -8.43 -35.56
C SER D 177 23.75 -8.73 -35.50
N ASN D 178 22.91 -7.71 -35.35
CA ASN D 178 21.45 -7.95 -35.24
C ASN D 178 20.82 -8.60 -36.49
N GLU D 179 21.22 -8.12 -37.67
CA GLU D 179 20.69 -8.62 -38.94
C GLU D 179 21.40 -9.84 -39.46
N ALA D 180 22.69 -10.01 -39.14
CA ALA D 180 23.48 -11.15 -39.58
C ALA D 180 22.89 -12.44 -39.05
N PHE D 181 22.17 -12.35 -37.94
CA PHE D 181 21.56 -13.50 -37.35
C PHE D 181 20.33 -13.87 -38.17
N TYR D 182 20.00 -13.04 -39.14
CA TYR D 182 18.84 -13.25 -39.94
C TYR D 182 19.04 -13.30 -41.46
N LEU D 183 20.28 -13.25 -41.93
CA LEU D 183 20.52 -13.26 -43.38
C LEU D 183 19.81 -14.42 -44.08
N ASP D 184 19.20 -14.08 -45.20
CA ASP D 184 18.46 -15.01 -46.03
C ASP D 184 19.40 -16.12 -46.46
N GLU D 185 20.60 -15.73 -46.86
CA GLU D 185 21.59 -16.67 -47.32
C GLU D 185 22.96 -16.20 -46.88
N ALA D 186 23.90 -17.15 -46.82
CA ALA D 186 25.25 -16.88 -46.40
C ALA D 186 25.94 -15.97 -47.39
N PRO D 187 26.64 -14.90 -46.94
CA PRO D 187 27.37 -14.12 -47.99
C PRO D 187 28.51 -14.83 -48.74
N LYS D 188 28.73 -14.53 -50.01
CA LYS D 188 29.87 -15.17 -50.70
C LYS D 188 31.15 -14.39 -50.36
N ARG D 189 31.06 -13.06 -50.42
CA ARG D 189 32.15 -12.12 -50.09
C ARG D 189 31.63 -11.26 -48.98
N ALA D 190 32.36 -11.21 -47.86
CA ALA D 190 31.93 -10.42 -46.72
C ALA D 190 33.02 -9.61 -46.13
N LEU D 191 32.64 -8.45 -45.62
CA LEU D 191 33.57 -7.54 -44.95
C LEU D 191 33.09 -7.37 -43.50
N CYS D 192 33.86 -7.81 -42.53
CA CYS D 192 33.48 -7.58 -41.13
C CYS D 192 34.25 -6.37 -40.62
N VAL D 193 33.52 -5.31 -40.31
CA VAL D 193 34.16 -4.08 -39.89
C VAL D 193 34.28 -4.03 -38.37
N GLY D 194 35.53 -4.00 -37.92
CA GLY D 194 35.76 -3.94 -36.51
C GLY D 194 36.85 -4.87 -36.06
N GLY D 195 37.37 -4.60 -34.87
CA GLY D 195 38.47 -5.38 -34.34
C GLY D 195 38.15 -6.24 -33.14
N GLY D 196 36.95 -6.11 -32.58
CA GLY D 196 36.54 -6.87 -31.42
C GLY D 196 36.03 -8.28 -31.55
N TYR D 197 35.75 -8.91 -30.42
CA TYR D 197 35.28 -10.27 -30.40
C TYR D 197 34.05 -10.57 -31.32
N ILE D 198 33.13 -9.65 -31.50
CA ILE D 198 31.98 -9.91 -32.35
C ILE D 198 32.34 -9.86 -33.84
N SER D 199 33.20 -8.93 -34.24
CA SER D 199 33.62 -8.85 -35.65
C SER D 199 34.32 -10.16 -35.99
N ILE D 200 35.11 -10.64 -35.04
CA ILE D 200 35.89 -11.84 -35.23
C ILE D 200 35.06 -13.10 -35.20
N GLU D 201 34.07 -13.14 -34.36
CA GLU D 201 33.30 -14.33 -34.29
C GLU D 201 32.53 -14.56 -35.56
N PHE D 202 31.97 -13.48 -36.09
CA PHE D 202 31.19 -13.54 -37.31
C PHE D 202 32.02 -13.87 -38.49
N ALA D 203 33.24 -13.38 -38.53
CA ALA D 203 34.13 -13.67 -39.65
C ALA D 203 34.34 -15.16 -39.78
N GLY D 204 34.52 -15.85 -38.68
CA GLY D 204 34.69 -17.28 -38.79
C GLY D 204 33.41 -17.94 -39.24
N ILE D 205 32.24 -17.42 -38.84
CA ILE D 205 30.94 -17.98 -39.23
C ILE D 205 30.86 -17.84 -40.76
N PHE D 206 30.83 -16.61 -41.23
CA PHE D 206 30.76 -16.31 -42.64
C PHE D 206 31.76 -17.12 -43.47
N ASN D 207 32.93 -17.29 -42.92
CA ASN D 207 34.00 -18.00 -43.58
C ASN D 207 33.75 -19.49 -43.75
N ALA D 208 33.06 -20.14 -42.82
CA ALA D 208 32.73 -21.57 -42.92
C ALA D 208 31.54 -21.79 -43.84
N TYR D 209 30.59 -20.86 -43.84
CA TYR D 209 29.38 -20.97 -44.66
C TYR D 209 29.38 -20.34 -46.03
N LYS D 210 30.42 -19.58 -46.33
CA LYS D 210 30.44 -18.92 -47.60
C LYS D 210 30.43 -19.91 -48.74
N ALA D 211 29.91 -19.48 -49.89
CA ALA D 211 29.85 -20.31 -51.08
C ALA D 211 31.25 -20.49 -51.64
N ARG D 212 31.44 -21.48 -52.49
CA ARG D 212 32.78 -21.67 -53.03
C ARG D 212 33.34 -20.42 -53.72
N GLY D 213 34.61 -20.13 -53.46
CA GLY D 213 35.29 -18.98 -54.06
C GLY D 213 35.04 -17.67 -53.36
N GLY D 214 34.27 -17.72 -52.27
CA GLY D 214 33.99 -16.53 -51.54
C GLY D 214 35.20 -16.06 -50.77
N GLN D 215 35.04 -14.94 -50.09
CA GLN D 215 36.12 -14.39 -49.34
C GLN D 215 35.50 -13.62 -48.23
N VAL D 216 36.12 -13.66 -47.05
CA VAL D 216 35.71 -12.87 -45.89
C VAL D 216 36.94 -11.97 -45.56
N ASP D 217 36.72 -10.66 -45.52
CA ASP D 217 37.73 -9.67 -45.19
C ASP D 217 37.33 -9.14 -43.84
N LEU D 218 38.30 -8.65 -43.11
CA LEU D 218 38.06 -8.15 -41.78
C LEU D 218 38.79 -6.87 -41.83
N ALA D 219 38.09 -5.77 -41.69
CA ALA D 219 38.75 -4.51 -41.74
C ALA D 219 38.79 -3.92 -40.34
N TYR D 220 39.98 -3.40 -39.97
CA TYR D 220 40.16 -2.76 -38.67
C TYR D 220 40.95 -1.46 -38.74
N ARG D 221 40.41 -0.39 -38.16
CA ARG D 221 41.11 0.88 -38.17
C ARG D 221 42.45 0.76 -37.44
N GLY D 222 42.48 0.01 -36.33
CA GLY D 222 43.72 -0.13 -35.56
C GLY D 222 44.78 -0.99 -36.20
N ASP D 223 45.90 -1.15 -35.51
CA ASP D 223 47.02 -1.95 -36.02
C ASP D 223 46.95 -3.41 -35.72
N MET D 224 46.23 -3.78 -34.68
CA MET D 224 46.08 -5.20 -34.36
C MET D 224 44.75 -5.33 -33.63
N ILE D 225 44.02 -6.38 -34.03
CA ILE D 225 42.68 -6.71 -33.52
C ILE D 225 42.74 -7.11 -32.08
N LEU D 226 41.59 -7.03 -31.41
CA LEU D 226 41.45 -7.41 -30.00
C LEU D 226 42.28 -6.63 -29.05
N ARG D 227 42.13 -5.32 -29.13
CA ARG D 227 42.81 -4.40 -28.26
C ARG D 227 42.31 -4.80 -26.84
N GLY D 228 43.22 -4.87 -25.89
CA GLY D 228 42.80 -5.28 -24.55
C GLY D 228 43.21 -6.69 -24.22
N PHE D 229 43.55 -7.48 -25.25
CA PHE D 229 43.96 -8.84 -25.03
C PHE D 229 45.42 -8.98 -25.11
N ASP D 230 45.89 -10.12 -24.64
CA ASP D 230 47.30 -10.43 -24.64
C ASP D 230 47.82 -10.22 -26.03
N SER D 231 48.67 -9.21 -26.18
CA SER D 231 49.23 -8.86 -27.50
C SER D 231 49.87 -10.02 -28.26
N GLU D 232 50.44 -10.96 -27.52
CA GLU D 232 51.07 -12.11 -28.12
C GLU D 232 50.04 -13.10 -28.73
N LEU D 233 48.89 -13.23 -28.08
CA LEU D 233 47.82 -14.08 -28.54
C LEU D 233 47.20 -13.42 -29.77
N ARG D 234 47.13 -12.08 -29.72
CA ARG D 234 46.61 -11.23 -30.79
C ARG D 234 47.34 -11.43 -32.12
N LYS D 235 48.64 -11.57 -32.02
CA LYS D 235 49.44 -11.78 -33.20
C LYS D 235 49.27 -13.21 -33.67
N GLN D 236 49.09 -14.15 -32.76
CA GLN D 236 48.92 -15.53 -33.15
C GLN D 236 47.58 -15.76 -33.74
N LEU D 237 46.54 -15.33 -33.04
CA LEU D 237 45.18 -15.46 -33.55
C LEU D 237 45.09 -14.94 -35.00
N THR D 238 45.66 -13.77 -35.26
CA THR D 238 45.64 -13.16 -36.59
C THR D 238 46.25 -14.09 -37.61
N GLU D 239 47.37 -14.66 -37.24
CA GLU D 239 48.04 -15.56 -38.14
C GLU D 239 47.27 -16.80 -38.38
N GLN D 240 46.51 -17.24 -37.38
CA GLN D 240 45.69 -18.44 -37.56
C GLN D 240 44.35 -18.15 -38.30
N LEU D 241 43.92 -16.89 -38.30
CA LEU D 241 42.72 -16.46 -39.00
C LEU D 241 43.10 -16.39 -40.50
N ARG D 242 44.22 -15.78 -40.82
CA ARG D 242 44.66 -15.76 -42.21
C ARG D 242 44.85 -17.19 -42.67
N ALA D 243 45.36 -18.04 -41.81
CA ALA D 243 45.60 -19.41 -42.21
C ALA D 243 44.32 -20.10 -42.60
N ASN D 244 43.18 -19.68 -42.06
CA ASN D 244 41.92 -20.31 -42.42
C ASN D 244 41.28 -19.57 -43.62
N GLY D 245 41.98 -18.58 -44.18
CA GLY D 245 41.45 -17.87 -45.35
C GLY D 245 40.86 -16.48 -45.14
N ILE D 246 40.66 -16.09 -43.89
CA ILE D 246 40.10 -14.79 -43.62
C ILE D 246 41.19 -13.80 -43.94
N ASN D 247 40.80 -12.71 -44.57
CA ASN D 247 41.71 -11.69 -44.96
C ASN D 247 41.73 -10.53 -43.96
N VAL D 248 42.62 -10.60 -42.97
CA VAL D 248 42.71 -9.50 -42.01
C VAL D 248 43.40 -8.29 -42.65
N ARG D 249 42.66 -7.17 -42.69
CA ARG D 249 43.19 -5.93 -43.21
C ARG D 249 43.24 -4.96 -42.06
N THR D 250 44.42 -4.70 -41.52
CA THR D 250 44.53 -3.76 -40.41
C THR D 250 44.84 -2.39 -41.01
N HIS D 251 44.53 -1.33 -40.27
CA HIS D 251 44.75 0.01 -40.78
C HIS D 251 43.84 0.27 -41.95
N GLU D 252 42.61 -0.25 -41.91
CA GLU D 252 41.63 -0.09 -42.98
C GLU D 252 40.31 0.34 -42.39
N ASN D 253 39.56 1.15 -43.10
CA ASN D 253 38.31 1.56 -42.53
C ASN D 253 37.51 1.91 -43.73
N PRO D 254 36.26 1.44 -43.79
CA PRO D 254 35.49 1.86 -44.93
C PRO D 254 35.46 3.37 -44.93
N ALA D 255 35.29 3.95 -46.11
CA ALA D 255 35.19 5.38 -46.25
C ALA D 255 33.80 5.70 -46.83
N LYS D 256 33.36 4.89 -47.78
CA LYS D 256 32.06 5.08 -48.42
C LYS D 256 31.53 3.73 -48.93
N VAL D 257 30.24 3.50 -48.83
CA VAL D 257 29.69 2.25 -49.36
C VAL D 257 28.61 2.70 -50.29
N THR D 258 28.37 1.88 -51.31
CA THR D 258 27.34 2.11 -52.33
C THR D 258 26.70 0.83 -52.87
N LYS D 259 25.60 0.99 -53.59
CA LYS D 259 24.94 -0.17 -54.15
C LYS D 259 25.27 -0.31 -55.61
N ASN D 260 25.84 -1.45 -55.97
CA ASN D 260 26.17 -1.68 -57.37
C ASN D 260 24.82 -2.10 -57.90
N ALA D 261 24.64 -2.01 -59.21
CA ALA D 261 23.36 -2.39 -59.77
C ALA D 261 22.85 -3.80 -59.30
N ASP D 262 23.78 -4.72 -59.05
CA ASP D 262 23.39 -6.06 -58.63
C ASP D 262 23.13 -6.22 -57.14
N GLY D 263 22.94 -5.12 -56.43
CA GLY D 263 22.68 -5.18 -54.99
C GLY D 263 23.89 -5.41 -54.10
N THR D 264 25.02 -5.78 -54.66
CA THR D 264 26.16 -5.95 -53.79
C THR D 264 26.61 -4.56 -53.46
N ARG D 265 27.36 -4.45 -52.38
CA ARG D 265 27.87 -3.18 -51.96
C ARG D 265 29.28 -3.08 -52.50
N HIS D 266 29.66 -1.84 -52.80
CA HIS D 266 30.97 -1.46 -53.28
C HIS D 266 31.54 -0.66 -52.09
N VAL D 267 32.75 -0.99 -51.69
CA VAL D 267 33.33 -0.32 -50.57
C VAL D 267 34.60 0.35 -50.99
N VAL D 268 34.73 1.59 -50.55
CA VAL D 268 35.95 2.36 -50.78
C VAL D 268 36.52 2.58 -49.39
N PHE D 269 37.76 2.14 -49.16
CA PHE D 269 38.40 2.33 -47.87
C PHE D 269 39.17 3.63 -47.81
N GLU D 270 39.47 4.06 -46.59
CA GLU D 270 40.22 5.29 -46.36
C GLU D 270 41.53 5.27 -47.09
N SER D 271 42.07 4.09 -47.34
CA SER D 271 43.33 3.91 -48.06
C SER D 271 43.24 4.13 -49.58
N GLY D 272 42.04 4.06 -50.13
CA GLY D 272 41.94 4.24 -51.55
C GLY D 272 41.50 2.94 -52.19
N ALA D 273 41.65 1.84 -51.45
CA ALA D 273 41.25 0.51 -51.91
C ALA D 273 39.74 0.46 -52.09
N GLU D 274 39.31 -0.48 -52.95
CA GLU D 274 37.88 -0.63 -53.23
C GLU D 274 37.60 -2.10 -53.32
N ALA D 275 36.37 -2.54 -53.10
CA ALA D 275 36.17 -3.96 -53.20
C ALA D 275 34.71 -4.14 -53.21
N ASP D 276 34.21 -5.27 -53.69
CA ASP D 276 32.76 -5.42 -53.70
C ASP D 276 32.37 -6.54 -52.75
N TYR D 277 31.22 -6.44 -52.08
CA TYR D 277 30.83 -7.47 -51.14
C TYR D 277 29.35 -7.66 -51.11
N ASP D 278 28.93 -8.87 -50.86
CA ASP D 278 27.53 -9.16 -50.77
C ASP D 278 26.96 -8.58 -49.48
N VAL D 279 27.80 -8.50 -48.44
CA VAL D 279 27.39 -8.05 -47.10
C VAL D 279 28.56 -7.33 -46.46
N VAL D 280 28.26 -6.26 -45.73
CA VAL D 280 29.29 -5.53 -45.02
C VAL D 280 28.72 -5.37 -43.61
N MET D 281 29.29 -6.09 -42.64
CA MET D 281 28.78 -6.08 -41.26
C MET D 281 29.58 -5.12 -40.42
N LEU D 282 28.92 -4.24 -39.69
CA LEU D 282 29.63 -3.30 -38.81
C LEU D 282 29.64 -3.88 -37.38
N ALA D 283 30.78 -3.88 -36.71
CA ALA D 283 30.84 -4.40 -35.36
C ALA D 283 31.98 -3.59 -34.69
N ILE D 284 31.79 -2.27 -34.76
CA ILE D 284 32.67 -1.21 -34.25
C ILE D 284 32.52 -1.09 -32.76
N GLY D 285 31.32 -1.40 -32.27
CA GLY D 285 31.11 -1.33 -30.83
C GLY D 285 29.68 -1.37 -30.38
N ARG D 286 29.49 -1.45 -29.07
CA ARG D 286 28.15 -1.40 -28.48
C ARG D 286 27.97 -0.15 -27.59
N VAL D 287 26.95 0.62 -27.92
CA VAL D 287 26.68 1.87 -27.22
C VAL D 287 25.55 1.74 -26.17
N PRO D 288 25.80 2.22 -24.92
CA PRO D 288 24.78 2.17 -23.87
C PRO D 288 23.45 2.67 -24.45
N ARG D 289 22.42 1.85 -24.32
CA ARG D 289 21.10 2.16 -24.85
C ARG D 289 20.25 2.95 -23.88
N SER D 290 20.58 4.22 -23.69
CA SER D 290 19.83 5.01 -22.73
C SER D 290 19.11 6.23 -23.32
N GLN D 291 19.46 6.59 -24.55
CA GLN D 291 18.92 7.77 -25.25
C GLN D 291 17.40 7.93 -25.37
N THR D 292 16.59 6.92 -25.08
CA THR D 292 15.14 7.10 -25.20
C THR D 292 14.33 6.80 -23.93
N LEU D 293 15.04 6.68 -22.82
CA LEU D 293 14.44 6.40 -21.54
C LEU D 293 13.85 7.68 -20.89
N GLN D 294 14.20 8.85 -21.42
CA GLN D 294 13.76 10.12 -20.85
C GLN D 294 14.30 10.23 -19.43
N LEU D 295 15.55 9.82 -19.25
CA LEU D 295 16.20 9.84 -17.95
C LEU D 295 16.23 11.21 -17.29
N GLU D 296 16.27 12.25 -18.11
CA GLU D 296 16.30 13.59 -17.56
C GLU D 296 15.02 13.83 -16.76
N LYS D 297 13.88 13.31 -17.22
CA LYS D 297 12.64 13.49 -16.48
C LYS D 297 12.74 13.04 -15.05
N ALA D 298 13.60 12.09 -14.76
CA ALA D 298 13.72 11.63 -13.38
C ALA D 298 14.93 12.25 -12.74
N GLY D 299 15.74 12.90 -13.56
CA GLY D 299 16.95 13.55 -13.09
C GLY D 299 18.14 12.61 -12.95
N VAL D 300 18.21 11.62 -13.84
CA VAL D 300 19.29 10.64 -13.78
C VAL D 300 20.52 11.06 -14.58
N GLU D 301 21.63 11.14 -13.90
CA GLU D 301 22.88 11.55 -14.51
C GLU D 301 23.50 10.48 -15.40
N VAL D 302 23.76 10.90 -16.64
CA VAL D 302 24.31 10.04 -17.67
C VAL D 302 25.69 10.46 -18.13
N ALA D 303 26.43 9.57 -18.77
CA ALA D 303 27.78 9.91 -19.18
C ALA D 303 27.84 10.49 -20.60
N LYS D 304 29.05 10.65 -21.14
CA LYS D 304 29.17 11.19 -22.50
C LYS D 304 28.75 10.18 -23.56
N ASN D 305 28.89 8.89 -23.26
CA ASN D 305 28.50 7.83 -24.19
C ASN D 305 27.11 7.30 -23.93
N GLY D 306 26.33 7.94 -23.07
CA GLY D 306 25.01 7.42 -22.81
C GLY D 306 25.04 6.35 -21.73
N ALA D 307 26.21 6.18 -21.11
CA ALA D 307 26.34 5.20 -20.02
C ALA D 307 25.70 5.83 -18.80
N ILE D 308 24.83 5.08 -18.17
CA ILE D 308 24.19 5.53 -16.95
C ILE D 308 25.17 5.43 -15.77
N LYS D 309 25.49 6.58 -15.19
CA LYS D 309 26.38 6.60 -14.06
C LYS D 309 25.77 5.91 -12.84
N VAL D 310 26.55 5.02 -12.21
CA VAL D 310 26.12 4.30 -10.99
C VAL D 310 27.28 4.10 -9.97
N ASP D 311 26.93 3.99 -8.68
CA ASP D 311 27.92 3.73 -7.64
C ASP D 311 28.16 2.21 -7.63
N ALA D 312 29.12 1.76 -6.83
CA ALA D 312 29.43 0.33 -6.75
C ALA D 312 28.29 -0.64 -6.51
N TYR D 313 27.14 -0.17 -6.04
CA TYR D 313 26.00 -1.05 -5.79
C TYR D 313 24.97 -0.85 -6.88
N SER D 314 25.41 -0.20 -7.94
CA SER D 314 24.57 0.04 -9.10
C SER D 314 23.47 1.08 -8.85
N LYS D 315 23.62 1.89 -7.81
CA LYS D 315 22.61 2.92 -7.57
C LYS D 315 22.98 4.14 -8.31
N THR D 316 21.99 4.79 -8.90
CA THR D 316 22.23 5.99 -9.67
C THR D 316 22.20 7.18 -8.71
N ASN D 317 22.14 8.42 -9.21
CA ASN D 317 22.10 9.58 -8.34
C ASN D 317 20.75 9.75 -7.71
N VAL D 318 19.71 9.18 -8.32
CA VAL D 318 18.40 9.26 -7.72
C VAL D 318 18.36 7.98 -6.89
N ASP D 319 18.25 8.12 -5.58
CA ASP D 319 18.31 6.97 -4.69
C ASP D 319 17.36 5.82 -4.83
N ASN D 320 16.28 5.96 -5.57
CA ASN D 320 15.41 4.82 -5.69
C ASN D 320 15.56 4.17 -7.07
N ILE D 321 16.55 4.61 -7.84
CA ILE D 321 16.81 4.13 -9.20
C ILE D 321 18.17 3.43 -9.37
N TYR D 322 18.17 2.22 -9.87
CA TYR D 322 19.41 1.49 -10.09
C TYR D 322 19.54 1.16 -11.59
N ALA D 323 20.75 0.88 -12.05
CA ALA D 323 21.00 0.55 -13.47
C ALA D 323 22.03 -0.54 -13.46
N ILE D 324 21.72 -1.64 -14.14
CA ILE D 324 22.62 -2.78 -14.16
C ILE D 324 22.87 -3.25 -15.58
N GLY D 325 24.04 -3.83 -15.78
CA GLY D 325 24.36 -4.40 -17.07
C GLY D 325 25.04 -3.50 -18.04
N ASP D 326 24.88 -3.79 -19.33
CA ASP D 326 25.54 -3.04 -20.40
C ASP D 326 25.31 -1.55 -20.37
N VAL D 327 24.08 -1.16 -20.07
CA VAL D 327 23.73 0.25 -20.00
C VAL D 327 24.60 1.06 -19.02
N THR D 328 25.26 0.41 -18.07
CA THR D 328 26.14 1.12 -17.11
C THR D 328 27.57 1.17 -17.64
N ASP D 329 27.82 0.36 -18.66
CA ASP D 329 29.12 0.24 -19.34
C ASP D 329 30.26 -0.13 -18.37
N ARG D 330 30.09 -1.18 -17.57
CA ARG D 330 31.12 -1.60 -16.64
C ARG D 330 31.76 -2.80 -17.25
N VAL D 331 31.15 -3.99 -17.13
CA VAL D 331 31.69 -5.21 -17.80
C VAL D 331 30.53 -5.76 -18.62
N MET D 332 30.63 -5.59 -19.93
CA MET D 332 29.56 -5.97 -20.84
C MET D 332 29.49 -7.45 -21.23
N LEU D 333 29.07 -8.31 -20.29
CA LEU D 333 28.95 -9.74 -20.51
C LEU D 333 27.79 -10.11 -19.66
N THR D 334 27.07 -11.11 -20.13
CA THR D 334 25.91 -11.65 -19.51
C THR D 334 26.07 -12.08 -18.05
N PRO D 335 27.22 -12.67 -17.70
CA PRO D 335 27.22 -13.07 -16.29
C PRO D 335 27.52 -11.92 -15.30
N VAL D 336 28.18 -10.84 -15.74
CA VAL D 336 28.38 -9.69 -14.87
C VAL D 336 27.02 -9.06 -14.63
N ALA D 337 26.19 -8.99 -15.67
CA ALA D 337 24.88 -8.38 -15.59
C ALA D 337 23.98 -9.15 -14.67
N ILE D 338 24.08 -10.47 -14.70
CA ILE D 338 23.25 -11.29 -13.81
C ILE D 338 23.71 -11.08 -12.36
N ASN D 339 25.01 -11.13 -12.12
CA ASN D 339 25.55 -10.96 -10.78
C ASN D 339 25.03 -9.64 -10.29
N GLU D 340 25.13 -8.65 -11.15
CA GLU D 340 24.65 -7.34 -10.82
C GLU D 340 23.19 -7.27 -10.48
N GLY D 341 22.36 -8.03 -11.17
CA GLY D 341 20.93 -8.04 -10.90
C GLY D 341 20.61 -8.80 -9.64
N ALA D 342 21.42 -9.80 -9.33
CA ALA D 342 21.28 -10.63 -8.12
C ALA D 342 21.69 -9.79 -6.92
N ALA D 343 22.82 -9.10 -7.06
CA ALA D 343 23.36 -8.24 -6.00
C ALA D 343 22.48 -7.03 -5.68
N PHE D 344 21.80 -6.54 -6.70
CA PHE D 344 20.91 -5.42 -6.53
C PHE D 344 19.74 -5.82 -5.64
N VAL D 345 19.15 -7.01 -5.84
CA VAL D 345 18.02 -7.40 -5.00
C VAL D 345 18.47 -7.46 -3.54
N ASP D 346 19.56 -8.18 -3.25
CA ASP D 346 20.09 -8.24 -1.88
C ASP D 346 20.06 -6.85 -1.26
N THR D 347 20.76 -5.92 -1.88
CA THR D 347 20.80 -4.56 -1.43
C THR D 347 19.47 -3.87 -1.09
N VAL D 348 18.48 -3.92 -1.97
CA VAL D 348 17.24 -3.21 -1.67
C VAL D 348 16.09 -4.00 -1.09
N PHE D 349 16.09 -5.33 -1.23
CA PHE D 349 15.01 -6.13 -0.71
C PHE D 349 15.43 -7.11 0.35
N ALA D 350 16.73 -7.28 0.51
CA ALA D 350 17.24 -8.20 1.52
C ALA D 350 18.09 -7.36 2.49
N ASN D 351 18.20 -6.08 2.16
CA ASN D 351 18.94 -5.17 2.98
C ASN D 351 20.33 -5.68 3.25
N LYS D 352 20.86 -6.52 2.38
CA LYS D 352 22.20 -6.98 2.61
C LYS D 352 23.08 -6.55 1.46
N PRO D 353 23.47 -5.26 1.46
CA PRO D 353 24.12 -4.55 0.35
C PRO D 353 25.29 -5.33 -0.17
N ARG D 354 25.24 -5.61 -1.46
CA ARG D 354 26.26 -6.37 -2.14
C ARG D 354 26.72 -5.57 -3.34
N ALA D 355 27.95 -5.85 -3.76
CA ALA D 355 28.57 -5.17 -4.89
C ALA D 355 29.29 -6.18 -5.79
N THR D 356 28.95 -6.18 -7.08
CA THR D 356 29.52 -7.07 -8.08
C THR D 356 31.00 -6.81 -8.31
N ASP D 357 31.82 -7.84 -8.13
CA ASP D 357 33.24 -7.71 -8.33
C ASP D 357 33.50 -7.80 -9.81
N HIS D 358 33.86 -6.65 -10.35
CA HIS D 358 34.12 -6.53 -11.77
C HIS D 358 35.57 -6.79 -12.08
N THR D 359 36.25 -7.54 -11.21
CA THR D 359 37.64 -7.89 -11.41
C THR D 359 37.82 -9.39 -11.41
N LYS D 360 38.99 -9.81 -11.88
CA LYS D 360 39.30 -11.22 -12.02
C LYS D 360 38.17 -11.91 -12.81
N VAL D 361 37.48 -11.13 -13.68
CA VAL D 361 36.36 -11.64 -14.50
C VAL D 361 36.92 -12.24 -15.80
N ALA D 362 36.54 -13.49 -16.09
CA ALA D 362 36.99 -14.19 -17.29
C ALA D 362 36.03 -14.08 -18.48
N CYS D 363 36.57 -14.29 -19.66
CA CYS D 363 35.77 -14.21 -20.85
C CYS D 363 36.45 -15.00 -21.92
N ALA D 364 35.63 -15.42 -22.89
CA ALA D 364 36.05 -16.23 -24.01
C ALA D 364 35.74 -15.47 -25.28
N VAL D 365 36.53 -15.72 -26.30
CA VAL D 365 36.32 -15.13 -27.61
C VAL D 365 36.06 -16.43 -28.40
N PHE D 366 34.84 -16.63 -28.89
CA PHE D 366 34.51 -17.84 -29.63
C PHE D 366 34.91 -17.77 -31.10
N SER D 367 36.17 -17.41 -31.31
CA SER D 367 36.79 -17.34 -32.62
C SER D 367 37.25 -18.79 -32.91
N ILE D 368 37.78 -19.01 -34.09
CA ILE D 368 38.25 -20.34 -34.46
C ILE D 368 39.70 -20.13 -34.89
N PRO D 369 40.67 -20.55 -34.07
CA PRO D 369 40.53 -21.26 -32.80
C PRO D 369 40.20 -20.20 -31.74
N PRO D 370 39.50 -20.59 -30.64
CA PRO D 370 39.01 -19.75 -29.56
C PRO D 370 40.02 -19.31 -28.46
N MET D 371 39.64 -18.28 -27.72
CA MET D 371 40.50 -17.85 -26.66
C MET D 371 39.72 -17.78 -25.39
N GLY D 372 40.45 -17.96 -24.30
CA GLY D 372 39.89 -17.91 -22.96
C GLY D 372 40.95 -17.11 -22.23
N VAL D 373 40.56 -16.03 -21.57
CA VAL D 373 41.51 -15.19 -20.85
C VAL D 373 40.91 -14.75 -19.48
N CYS D 374 41.70 -14.12 -18.62
CA CYS D 374 41.24 -13.70 -17.30
C CYS D 374 42.38 -13.04 -16.56
N GLY D 375 42.14 -11.86 -16.03
CA GLY D 375 43.17 -11.15 -15.30
C GLY D 375 44.00 -10.17 -16.17
N TYR D 376 45.12 -9.75 -15.59
CA TYR D 376 46.01 -8.78 -16.19
C TYR D 376 46.76 -9.21 -17.41
N VAL D 377 46.88 -8.24 -18.27
CA VAL D 377 47.66 -8.36 -19.47
C VAL D 377 49.03 -7.75 -19.09
N GLU D 378 50.08 -8.51 -19.27
CA GLU D 378 51.44 -8.02 -19.07
C GLU D 378 51.66 -6.52 -18.77
N GLU D 379 51.43 -5.69 -19.76
CA GLU D 379 51.62 -4.26 -19.70
C GLU D 379 50.78 -3.53 -18.65
N ASP D 380 49.51 -3.87 -18.42
CA ASP D 380 48.81 -3.18 -17.33
C ASP D 380 49.48 -3.60 -16.03
N ALA D 381 49.78 -4.88 -15.88
CA ALA D 381 50.44 -5.36 -14.68
C ALA D 381 51.77 -4.64 -14.43
N ALA D 382 52.69 -4.65 -15.39
CA ALA D 382 54.00 -3.99 -15.25
C ALA D 382 53.95 -2.53 -14.83
N LYS D 383 52.88 -1.83 -15.22
CA LYS D 383 52.70 -0.44 -14.88
C LYS D 383 52.02 -0.40 -13.52
N LYS D 384 51.82 -1.54 -12.88
CA LYS D 384 51.17 -1.56 -11.57
C LYS D 384 51.98 -2.30 -10.52
N TYR D 385 52.83 -3.21 -10.96
CA TYR D 385 53.64 -3.96 -10.03
C TYR D 385 55.09 -3.68 -10.30
N ASP D 386 55.88 -3.64 -9.24
CA ASP D 386 57.30 -3.34 -9.35
C ASP D 386 58.02 -4.40 -10.17
N GLN D 387 57.71 -5.66 -9.87
CA GLN D 387 58.35 -6.68 -10.64
C GLN D 387 57.42 -7.84 -10.93
N VAL D 388 57.27 -8.09 -12.22
CA VAL D 388 56.38 -9.11 -12.68
C VAL D 388 57.13 -10.05 -13.59
N ALA D 389 56.60 -11.26 -13.68
CA ALA D 389 57.16 -12.33 -14.48
C ALA D 389 56.10 -12.83 -15.49
N VAL D 390 56.58 -13.21 -16.67
CA VAL D 390 55.71 -13.67 -17.72
C VAL D 390 56.14 -15.03 -18.21
N TYR D 391 55.33 -16.06 -17.89
CA TYR D 391 55.59 -17.43 -18.32
C TYR D 391 54.77 -17.63 -19.59
N GLU D 392 55.38 -18.22 -20.60
CA GLU D 392 54.72 -18.43 -21.88
C GLU D 392 54.92 -19.86 -22.35
N SER D 393 53.99 -20.39 -23.09
CA SER D 393 54.18 -21.72 -23.60
C SER D 393 53.29 -21.85 -24.82
N SER D 394 53.83 -22.54 -25.82
CA SER D 394 53.13 -22.69 -27.06
C SER D 394 53.53 -24.04 -27.65
N PHE D 395 52.56 -24.72 -28.26
CA PHE D 395 52.84 -26.01 -28.83
C PHE D 395 51.71 -26.38 -29.79
N THR D 396 52.01 -27.20 -30.80
CA THR D 396 50.95 -27.65 -31.70
C THR D 396 50.50 -29.01 -31.15
N PRO D 397 49.19 -29.18 -30.98
CA PRO D 397 48.65 -30.49 -30.59
C PRO D 397 49.08 -31.57 -31.56
N LEU D 398 49.43 -32.73 -31.02
CA LEU D 398 49.89 -33.84 -31.85
C LEU D 398 48.88 -34.21 -32.93
N MET D 399 47.60 -34.15 -32.58
CA MET D 399 46.56 -34.49 -33.55
C MET D 399 46.64 -33.60 -34.79
N HIS D 400 47.09 -32.37 -34.63
CA HIS D 400 47.18 -31.45 -35.76
C HIS D 400 48.32 -31.75 -36.70
N ASN D 401 49.15 -32.70 -36.35
CA ASN D 401 50.20 -33.03 -37.30
C ASN D 401 49.51 -33.99 -38.29
N ILE D 402 48.72 -34.87 -37.72
CA ILE D 402 47.96 -35.85 -38.44
C ILE D 402 46.78 -35.16 -39.16
N SER D 403 46.18 -34.19 -38.48
CA SER D 403 44.99 -33.48 -38.97
C SER D 403 45.24 -32.63 -40.23
N GLY D 404 46.38 -31.92 -40.20
CA GLY D 404 46.80 -31.06 -41.29
C GLY D 404 46.73 -29.57 -40.94
N SER D 405 46.13 -29.26 -39.80
CA SER D 405 46.00 -27.87 -39.35
C SER D 405 47.14 -27.59 -38.42
N THR D 406 48.33 -27.80 -38.94
CA THR D 406 49.57 -27.57 -38.27
C THR D 406 49.77 -26.10 -37.87
N TYR D 407 48.87 -25.24 -38.30
CA TYR D 407 48.99 -23.84 -37.92
C TYR D 407 48.29 -23.63 -36.57
N LYS D 408 47.54 -24.65 -36.08
CA LYS D 408 46.77 -24.59 -34.81
C LYS D 408 47.54 -24.80 -33.51
N LYS D 409 48.34 -23.81 -33.15
CA LYS D 409 49.14 -23.88 -31.94
C LYS D 409 48.31 -23.52 -30.71
N PHE D 410 48.50 -24.27 -29.61
CA PHE D 410 47.84 -23.98 -28.32
C PHE D 410 48.85 -23.10 -27.60
N MET D 411 48.34 -22.19 -26.79
CA MET D 411 49.23 -21.27 -26.18
C MET D 411 48.75 -20.77 -24.85
N VAL D 412 49.61 -20.85 -23.84
CA VAL D 412 49.31 -20.34 -22.50
C VAL D 412 50.34 -19.27 -22.10
N ARG D 413 49.89 -18.16 -21.57
CA ARG D 413 50.82 -17.12 -21.12
C ARG D 413 50.33 -16.75 -19.75
N ILE D 414 51.23 -16.61 -18.79
CA ILE D 414 50.79 -16.35 -17.41
C ILE D 414 51.52 -15.19 -16.79
N VAL D 415 50.78 -14.18 -16.34
CA VAL D 415 51.37 -13.04 -15.71
C VAL D 415 51.25 -13.18 -14.19
N THR D 416 52.36 -13.06 -13.47
CA THR D 416 52.37 -13.17 -12.00
C THR D 416 53.11 -11.96 -11.42
N ASN D 417 52.92 -11.68 -10.12
CA ASN D 417 53.65 -10.60 -9.45
C ASN D 417 54.93 -11.30 -9.00
N HIS D 418 56.06 -10.89 -9.56
CA HIS D 418 57.25 -11.64 -9.18
C HIS D 418 57.62 -11.73 -7.72
N ALA D 419 57.27 -10.71 -6.95
CA ALA D 419 57.55 -10.67 -5.52
C ALA D 419 56.96 -11.86 -4.78
N ASP D 420 55.64 -12.03 -4.85
CA ASP D 420 54.94 -13.08 -4.13
C ASP D 420 54.51 -14.30 -4.92
N GLY D 421 54.57 -14.18 -6.25
CA GLY D 421 54.15 -15.25 -7.13
C GLY D 421 52.64 -15.32 -7.38
N GLU D 422 51.92 -14.28 -7.01
CA GLU D 422 50.50 -14.24 -7.22
C GLU D 422 50.21 -14.12 -8.70
N VAL D 423 49.40 -15.03 -9.19
CA VAL D 423 49.02 -15.06 -10.59
C VAL D 423 48.09 -13.88 -10.88
N LEU D 424 48.53 -12.98 -11.76
CA LEU D 424 47.74 -11.81 -12.16
C LEU D 424 46.76 -12.02 -13.35
N GLY D 425 47.10 -12.91 -14.29
CA GLY D 425 46.24 -13.16 -15.44
C GLY D 425 46.70 -14.39 -16.16
N VAL D 426 45.75 -15.13 -16.71
CA VAL D 426 46.04 -16.34 -17.43
C VAL D 426 45.37 -16.12 -18.76
N HIS D 427 46.12 -16.32 -19.86
CA HIS D 427 45.59 -16.09 -21.20
C HIS D 427 45.90 -17.27 -22.07
N MET D 428 44.86 -17.83 -22.68
CA MET D 428 44.99 -18.97 -23.55
C MET D 428 44.45 -18.79 -24.97
N LEU D 429 45.11 -19.40 -25.94
CA LEU D 429 44.60 -19.35 -27.30
C LEU D 429 44.54 -20.82 -27.68
N GLY D 430 43.40 -21.31 -28.13
CA GLY D 430 43.36 -22.70 -28.52
C GLY D 430 42.06 -23.39 -28.19
N ASP D 431 41.81 -24.53 -28.80
CA ASP D 431 40.56 -25.25 -28.56
C ASP D 431 40.49 -25.62 -27.10
N SER D 432 39.27 -25.55 -26.57
CA SER D 432 38.92 -25.87 -25.22
C SER D 432 39.24 -24.81 -24.20
N SER D 433 39.94 -23.77 -24.62
CA SER D 433 40.29 -22.74 -23.68
C SER D 433 39.13 -21.95 -23.02
N PRO D 434 37.99 -21.72 -23.69
CA PRO D 434 36.86 -21.19 -22.90
C PRO D 434 36.42 -22.01 -21.69
N GLU D 435 36.47 -23.32 -21.85
CA GLU D 435 36.10 -24.27 -20.83
C GLU D 435 37.20 -24.34 -19.74
N ILE D 436 38.44 -24.45 -20.17
CA ILE D 436 39.58 -24.50 -19.27
C ILE D 436 39.71 -23.22 -18.39
N ILE D 437 39.35 -22.07 -18.95
CA ILE D 437 39.50 -20.80 -18.27
C ILE D 437 38.54 -20.54 -17.13
N GLN D 438 37.44 -21.28 -17.08
CA GLN D 438 36.44 -21.06 -16.05
C GLN D 438 36.91 -21.45 -14.71
N SER D 439 37.70 -22.51 -14.62
CA SER D 439 38.20 -22.94 -13.31
C SER D 439 39.49 -22.22 -12.87
N VAL D 440 40.13 -21.58 -13.84
CA VAL D 440 41.33 -20.82 -13.66
C VAL D 440 40.95 -19.52 -12.96
N ALA D 441 39.77 -19.01 -13.30
CA ALA D 441 39.19 -17.80 -12.78
C ALA D 441 38.95 -18.03 -11.32
N ILE D 442 38.37 -19.18 -10.96
CA ILE D 442 38.15 -19.54 -9.55
C ILE D 442 39.54 -19.45 -8.82
N CYS D 443 40.59 -19.99 -9.43
CA CYS D 443 41.95 -19.91 -8.84
C CYS D 443 42.40 -18.51 -8.55
N LEU D 444 42.12 -17.61 -9.48
CA LEU D 444 42.51 -16.21 -9.34
C LEU D 444 41.73 -15.54 -8.25
N LYS D 445 40.43 -15.79 -8.18
CA LYS D 445 39.58 -15.21 -7.11
C LYS D 445 40.15 -15.61 -5.73
N MET D 446 40.61 -16.86 -5.63
CA MET D 446 41.16 -17.42 -4.39
C MET D 446 42.58 -16.95 -4.09
N GLY D 447 43.21 -16.31 -5.08
CA GLY D 447 44.56 -15.80 -4.91
C GLY D 447 45.66 -16.79 -5.22
N ALA D 448 45.48 -17.58 -6.26
CA ALA D 448 46.49 -18.59 -6.63
C ALA D 448 47.82 -17.96 -6.97
N LYS D 449 48.88 -18.64 -6.54
CA LYS D 449 50.26 -18.31 -6.76
C LYS D 449 50.67 -19.27 -7.83
N ILE D 450 51.73 -18.98 -8.56
CA ILE D 450 52.16 -19.88 -9.64
C ILE D 450 52.62 -21.23 -9.16
N SER D 451 52.97 -21.33 -7.89
CA SER D 451 53.40 -22.62 -7.36
C SER D 451 52.19 -23.45 -7.18
N ASP D 452 51.02 -22.83 -7.16
CA ASP D 452 49.76 -23.53 -6.97
C ASP D 452 49.44 -24.27 -8.23
N PHE D 453 49.72 -23.60 -9.33
CA PHE D 453 49.54 -24.12 -10.65
C PHE D 453 50.47 -25.30 -10.84
N TYR D 454 51.79 -25.07 -10.75
CA TYR D 454 52.75 -26.16 -10.97
C TYR D 454 52.97 -27.25 -9.91
N ASN D 455 52.24 -27.22 -8.82
CA ASN D 455 52.38 -28.28 -7.85
C ASN D 455 51.22 -29.26 -7.98
N THR D 456 50.25 -28.88 -8.80
CA THR D 456 49.10 -29.72 -9.11
C THR D 456 49.62 -30.72 -10.16
N ILE D 457 49.22 -31.96 -10.02
CA ILE D 457 49.60 -33.00 -10.94
C ILE D 457 48.70 -32.87 -12.18
N GLY D 458 49.33 -32.85 -13.35
CA GLY D 458 48.56 -32.75 -14.58
C GLY D 458 47.67 -33.92 -14.96
N VAL D 459 46.74 -33.65 -15.89
CA VAL D 459 45.85 -34.67 -16.47
C VAL D 459 46.48 -34.80 -17.88
N HIS D 460 46.71 -36.03 -18.30
CA HIS D 460 47.41 -36.25 -19.53
C HIS D 460 46.75 -37.29 -20.41
N PRO D 461 46.69 -37.03 -21.74
CA PRO D 461 47.22 -35.82 -22.36
C PRO D 461 46.09 -34.80 -22.60
N THR D 462 46.30 -33.59 -22.13
CA THR D 462 45.34 -32.54 -22.33
C THR D 462 46.16 -31.32 -22.72
N SER D 463 45.52 -30.23 -23.11
CA SER D 463 46.24 -29.00 -23.40
C SER D 463 46.24 -28.22 -22.09
N ALA D 464 45.22 -28.45 -21.29
CA ALA D 464 45.06 -27.74 -20.07
C ALA D 464 46.26 -27.98 -19.18
N GLU D 465 46.77 -29.20 -19.21
CA GLU D 465 47.89 -29.61 -18.39
C GLU D 465 49.12 -28.76 -18.56
N GLU D 466 49.20 -27.99 -19.62
CA GLU D 466 50.35 -27.11 -19.81
C GLU D 466 50.41 -26.09 -18.71
N LEU D 467 49.28 -25.83 -18.08
CA LEU D 467 49.16 -24.86 -16.98
C LEU D 467 50.02 -25.23 -15.76
N CYS D 468 50.17 -26.53 -15.54
CA CYS D 468 50.91 -27.10 -14.43
C CYS D 468 52.36 -27.35 -14.77
N SER D 469 52.80 -26.88 -15.92
CA SER D 469 54.19 -27.16 -16.29
C SER D 469 55.02 -25.92 -16.49
N MET D 470 54.71 -24.89 -15.75
CA MET D 470 55.42 -23.64 -15.94
C MET D 470 56.01 -23.15 -14.66
N ARG D 471 57.31 -23.32 -14.58
CA ARG D 471 58.03 -22.93 -13.40
C ARG D 471 59.05 -21.89 -13.71
N THR D 472 59.34 -21.71 -15.00
CA THR D 472 60.37 -20.77 -15.42
C THR D 472 59.92 -19.56 -16.24
N PRO D 473 60.11 -18.34 -15.68
CA PRO D 473 59.54 -17.18 -16.35
C PRO D 473 60.31 -16.98 -17.64
N ALA D 474 59.68 -16.47 -18.69
CA ALA D 474 60.48 -16.27 -19.91
C ALA D 474 61.24 -14.93 -19.77
N TYR D 475 60.56 -13.94 -19.18
CA TYR D 475 61.10 -12.61 -18.94
C TYR D 475 60.33 -11.87 -17.87
N PHE D 476 60.84 -10.71 -17.51
CA PHE D 476 60.20 -9.95 -16.46
C PHE D 476 60.09 -8.47 -16.79
N TYR D 477 59.41 -7.79 -15.89
CA TYR D 477 59.20 -6.37 -15.99
C TYR D 477 59.66 -5.72 -14.69
N GLU D 478 60.80 -5.03 -14.77
CA GLU D 478 61.33 -4.34 -13.62
C GLU D 478 60.98 -2.87 -13.68
N LYS D 479 59.96 -2.51 -12.92
CA LYS D 479 59.50 -1.15 -12.85
C LYS D 479 59.10 -0.72 -14.26
N GLY D 480 58.29 -1.56 -14.91
CA GLY D 480 57.83 -1.31 -16.27
C GLY D 480 58.88 -1.52 -17.36
N LYS D 481 60.02 -2.11 -16.99
CA LYS D 481 61.10 -2.32 -17.95
C LYS D 481 61.46 -3.79 -18.23
N ARG D 482 61.32 -4.18 -19.49
CA ARG D 482 61.62 -5.53 -19.96
C ARG D 482 63.00 -5.94 -19.49
N VAL D 483 63.10 -7.11 -18.90
CA VAL D 483 64.35 -7.58 -18.35
C VAL D 483 64.45 -9.10 -18.33
N GLU D 484 65.69 -9.57 -18.50
CA GLU D 484 66.13 -10.98 -18.52
C GLU D 484 66.10 -11.73 -19.85
PA FAD E . -15.76 12.06 21.49
O1A FAD E . -17.26 12.15 21.59
O2A FAD E . -14.90 12.90 22.36
O5B FAD E . -15.40 10.67 21.74
C5B FAD E . -14.03 10.19 21.65
C4B FAD E . -13.94 8.90 22.30
O4B FAD E . -12.69 8.26 21.91
C3B FAD E . -13.88 9.02 23.79
O3B FAD E . -14.87 8.21 24.35
C2B FAD E . -12.52 8.47 24.19
O2B FAD E . -12.68 7.60 25.30
C1B FAD E . -12.08 7.69 23.06
N9A FAD E . -10.61 7.68 22.95
C8A FAD E . -9.67 8.73 22.94
N7A FAD E . -8.43 8.28 22.79
C5A FAD E . -8.48 6.93 22.67
C6A FAD E . -7.54 5.92 22.45
N6A FAD E . -6.22 6.14 22.36
N1A FAD E . -7.99 4.69 22.38
C2A FAD E . -9.30 4.44 22.50
N3A FAD E . -10.29 5.27 22.69
C4A FAD E . -9.86 6.53 22.77
N1 FAD E . -20.97 19.67 21.88
C2 FAD E . -22.25 20.03 21.48
O2 FAD E . -22.61 19.86 20.31
N3 FAD E . -23.17 20.55 22.35
C4 FAD E . -22.88 20.76 23.63
O4 FAD E . -23.75 21.22 24.35
C4X FAD E . -21.48 20.37 24.09
N5 FAD E . -21.12 20.51 25.42
C5X FAD E . -19.86 20.11 25.81
C6 FAD E . -19.53 20.26 27.15
C7 FAD E . -18.29 19.85 27.65
C7M FAD E . -17.98 20.03 29.08
C8 FAD E . -17.35 19.30 26.79
C8M FAD E . -16.11 18.82 27.28
C9 FAD E . -17.65 19.15 25.40
C9A FAD E . -18.91 19.56 24.90
N10 FAD E . -19.25 19.43 23.56
C10 FAD E . -20.57 19.83 23.13
C1' FAD E . -18.26 18.86 22.61
C2' FAD E . -18.69 17.51 22.09
O2' FAD E . -18.76 16.61 23.15
C3' FAD E . -17.66 16.97 21.08
O3' FAD E . -17.59 17.85 19.96
C4' FAD E . -17.94 15.66 20.60
O4' FAD E . -18.01 14.76 21.68
C5' FAD E . -16.84 15.22 19.63
O5' FAD E . -17.06 13.83 19.17
P FAD E . -15.96 12.97 18.63
O1P FAD E . -16.61 11.92 17.78
O2P FAD E . -14.94 13.84 18.04
O3P FAD E . -15.31 12.24 19.98
PA FAD F . -59.90 42.98 18.61
O1A FAD F . -58.57 43.01 19.01
O2A FAD F . -60.82 41.95 19.16
O5B FAD F . -60.48 44.32 18.95
C5B FAD F . -61.87 44.69 18.72
C4B FAD F . -62.07 46.06 19.32
O4B FAD F . -63.24 46.69 18.75
C3B FAD F . -62.35 45.96 20.78
O3B FAD F . -61.63 46.96 21.40
C2B FAD F . -63.78 46.25 20.87
O2B FAD F . -64.12 46.84 22.15
C1B FAD F . -63.98 47.20 19.76
N9A FAD F . -65.34 47.29 19.41
C8A FAD F . -66.33 46.34 19.45
N7A FAD F . -67.46 46.79 19.11
C5A FAD F . -67.31 48.09 18.81
C6A FAD F . -68.19 49.08 18.39
N6A FAD F . -69.50 48.83 18.14
N1A FAD F . -67.71 50.29 18.17
C2A FAD F . -66.40 50.51 18.38
N3A FAD F . -65.46 49.66 18.78
C4A FAD F . -65.98 48.44 18.99
N1 FAD F . -54.37 35.70 19.54
C2 FAD F . -53.05 35.41 19.46
O2 FAD F . -52.40 35.68 18.45
N3 FAD F . -52.39 34.86 20.49
C4 FAD F . -52.98 34.57 21.65
O4 FAD F . -52.32 34.04 22.55
C4X FAD F . -54.35 34.86 21.79
N5 FAD F . -54.96 34.62 22.99
C5X FAD F . -56.20 34.95 23.13
C6 FAD F . -56.78 34.69 24.37
C7 FAD F . -58.08 35.03 24.59
C7M FAD F . -58.67 34.77 25.91
C8 FAD F . -58.82 35.64 23.56
C8M FAD F . -60.12 36.03 23.78
C9 FAD F . -58.24 35.89 22.32
C9A FAD F . -56.96 35.55 22.10
N10 FAD F . -56.36 35.77 20.88
C10 FAD F . -55.03 35.44 20.70
C1' FAD F . -57.09 36.32 19.84
C2' FAD F . -56.67 37.63 19.54
O2' FAD F . -56.81 38.43 20.71
C3' FAD F . -57.54 38.15 18.40
O3' FAD F . -57.38 37.32 17.28
C4' FAD F . -57.25 39.50 18.03
O4' FAD F . -57.45 40.26 19.11
C5' FAD F . -58.22 39.93 16.92
O5' FAD F . -58.12 41.40 16.64
P FAD F . -59.20 42.19 15.83
O1P FAD F . -58.47 43.15 14.96
O2P FAD F . -60.17 41.19 15.23
O3P FAD F . -59.97 43.00 16.99
PA FAD G . 56.53 -46.82 -18.30
O1A FAD G . 56.14 -45.64 -19.08
O2A FAD G . 55.65 -47.95 -18.19
O5B FAD G . 57.86 -47.32 -18.91
C5B FAD G . 58.50 -48.63 -18.49
C4B FAD G . 59.58 -48.99 -19.47
O4B FAD G . 60.48 -49.89 -18.92
C3B FAD G . 59.07 -49.63 -20.75
O3B FAD G . 59.61 -48.89 -21.82
C2B FAD G . 59.68 -50.97 -20.74
O2B FAD G . 60.11 -51.38 -22.12
C1B FAD G . 60.86 -50.79 -19.89
N9A FAD G . 61.21 -51.98 -19.26
C8A FAD G . 60.43 -52.88 -18.55
N7A FAD G . 61.15 -53.83 -18.07
C5A FAD G . 62.48 -53.61 -18.40
C6A FAD G . 63.62 -54.23 -18.13
N6A FAD G . 63.68 -55.31 -17.42
N1A FAD G . 64.76 -53.69 -18.59
C2A FAD G . 64.75 -52.60 -19.32
N3A FAD G . 63.74 -51.90 -19.65
C4A FAD G . 62.54 -52.46 -19.14
N1 FAD G . 48.22 -42.67 -18.38
C2 FAD G . 47.75 -41.38 -18.47
O2 FAD G . 48.18 -40.54 -17.69
N3 FAD G . 46.79 -40.99 -19.44
C4 FAD G . 46.30 -41.89 -20.35
O4 FAD G . 45.45 -41.56 -21.16
C4X FAD G . 46.80 -43.26 -20.23
N5 FAD G . 46.38 -44.21 -21.14
C5X FAD G . 46.89 -45.42 -21.06
C6 FAD G . 46.45 -46.32 -21.98
C7 FAD G . 46.93 -47.58 -21.98
C7M FAD G . 46.44 -48.53 -22.98
C8 FAD G . 47.88 -47.99 -21.05
C8M FAD G . 48.43 -49.43 -21.08
C9 FAD G . 48.34 -47.10 -20.07
C9A FAD G . 47.87 -45.79 -20.08
N10 FAD G . 48.29 -44.82 -19.13
C10 FAD G . 47.79 -43.59 -19.20
C1' FAD G . 49.25 -45.16 -18.08
C2' FAD G . 50.66 -44.71 -18.39
O2' FAD G . 51.04 -45.33 -19.57
C3' FAD G . 51.60 -45.19 -17.19
O3' FAD G . 51.06 -44.75 -15.95
C4' FAD G . 53.00 -44.71 -17.29
O4' FAD G . 53.42 -44.79 -18.58
C5' FAD G . 53.92 -45.54 -16.42
O5' FAD G . 55.14 -44.82 -16.18
P FAD G . 56.33 -45.43 -15.51
O1P FAD G . 57.22 -44.37 -15.19
O2P FAD G . 55.87 -46.29 -14.45
O3P FAD G . 57.01 -46.34 -16.73
PA FAD H . 20.27 -7.16 -22.41
O1A FAD H . 20.49 -8.55 -22.13
O2A FAD H . 20.69 -6.63 -23.70
O5B FAD H . 18.87 -6.89 -22.30
C5B FAD H . 18.31 -5.53 -22.62
C4B FAD H . 16.86 -5.64 -22.97
O4B FAD H . 16.21 -4.38 -22.79
C3B FAD H . 16.65 -5.99 -24.50
O3B FAD H . 15.80 -7.14 -24.55
C2B FAD H . 15.89 -4.76 -25.05
O2B FAD H . 14.91 -5.14 -25.92
C1B FAD H . 15.27 -4.18 -23.89
N9A FAD H . 15.05 -2.84 -24.05
C8A FAD H . 15.92 -1.86 -24.43
N7A FAD H . 15.37 -0.69 -24.37
C5A FAD H . 14.11 -0.83 -23.95
C6A FAD H . 13.10 0.06 -23.69
N6A FAD H . 13.26 1.36 -23.86
N1A FAD H . 11.92 -0.43 -23.25
C2A FAD H . 11.80 -1.71 -23.08
N3A FAD H . 12.72 -2.69 -23.30
C4A FAD H . 13.88 -2.18 -23.74
N1 FAD H . 28.11 -11.91 -23.49
C2 FAD H . 28.75 -13.00 -22.96
O2 FAD H . 28.91 -13.09 -21.77
N3 FAD H . 29.22 -14.00 -23.74
C4 FAD H . 29.08 -13.96 -25.12
O4 FAD H . 29.51 -14.87 -25.81
C4X FAD H . 28.44 -12.85 -25.69
N5 FAD H . 28.29 -12.80 -27.04
C5X FAD H . 27.61 -11.70 -27.56
C6 FAD H . 27.46 -11.63 -28.94
C7 FAD H . 26.80 -10.57 -29.52
C7M FAD H . 26.63 -10.53 -31.02
C8 FAD H . 26.29 -9.55 -28.71
C8M FAD H . 25.59 -8.40 -29.33
C9 FAD H . 26.45 -9.59 -27.32
C9A FAD H . 27.10 -10.66 -26.73
N10 FAD H . 27.29 -10.74 -25.37
C10 FAD H . 27.94 -11.82 -24.83
C1' FAD H . 26.82 -9.70 -24.56
C2' FAD H . 25.57 -10.00 -23.79
O2' FAD H . 24.50 -10.22 -24.68
C3' FAD H . 25.29 -8.77 -22.94
O3' FAD H . 26.51 -8.43 -22.20
C4' FAD H . 24.14 -8.90 -21.97
O4' FAD H . 23.02 -9.32 -22.65
C5' FAD H . 23.85 -7.54 -21.30
O5' FAD H . 22.78 -7.67 -20.31
P FAD H . 21.91 -6.49 -19.89
O1P FAD H . 21.14 -6.94 -18.77
O2P FAD H . 22.73 -5.33 -19.77
O3P FAD H . 20.88 -6.25 -21.23
#